data_5ARN
# 
_entry.id   5ARN 
# 
_audit_conform.dict_name       mmcif_pdbx.dic 
_audit_conform.dict_version    5.383 
_audit_conform.dict_location   http://mmcif.pdb.org/dictionaries/ascii/mmcif_pdbx.dic 
# 
loop_
_database_2.database_id 
_database_2.database_code 
_database_2.pdbx_database_accession 
_database_2.pdbx_DOI 
PDB   5ARN         pdb_00005arn 10.2210/pdb5arn/pdb 
PDBE  EBI-64135    ?            ?                   
WWPDB D_1290064135 ?            ?                   
# 
loop_
_pdbx_audit_revision_history.ordinal 
_pdbx_audit_revision_history.data_content_type 
_pdbx_audit_revision_history.major_revision 
_pdbx_audit_revision_history.minor_revision 
_pdbx_audit_revision_history.revision_date 
1 'Structure model' 1 0 2016-10-12 
2 'Structure model' 1 1 2024-01-10 
# 
_pdbx_audit_revision_details.ordinal             1 
_pdbx_audit_revision_details.revision_ordinal    1 
_pdbx_audit_revision_details.data_content_type   'Structure model' 
_pdbx_audit_revision_details.provider            repository 
_pdbx_audit_revision_details.type                'Initial release' 
_pdbx_audit_revision_details.description         ? 
_pdbx_audit_revision_details.details             ? 
# 
loop_
_pdbx_audit_revision_group.ordinal 
_pdbx_audit_revision_group.revision_ordinal 
_pdbx_audit_revision_group.data_content_type 
_pdbx_audit_revision_group.group 
1 2 'Structure model' 'Data collection'        
2 2 'Structure model' 'Database references'    
3 2 'Structure model' 'Derived calculations'   
4 2 'Structure model' Other                    
5 2 'Structure model' 'Refinement description' 
# 
loop_
_pdbx_audit_revision_category.ordinal 
_pdbx_audit_revision_category.revision_ordinal 
_pdbx_audit_revision_category.data_content_type 
_pdbx_audit_revision_category.category 
1 2 'Structure model' chem_comp_atom                
2 2 'Structure model' chem_comp_bond                
3 2 'Structure model' database_2                    
4 2 'Structure model' pdbx_database_status          
5 2 'Structure model' pdbx_initial_refinement_model 
6 2 'Structure model' pdbx_struct_conn_angle        
7 2 'Structure model' struct_conn                   
8 2 'Structure model' struct_site                   
# 
loop_
_pdbx_audit_revision_item.ordinal 
_pdbx_audit_revision_item.revision_ordinal 
_pdbx_audit_revision_item.data_content_type 
_pdbx_audit_revision_item.item 
1  2 'Structure model' '_database_2.pdbx_DOI'                        
2  2 'Structure model' '_database_2.pdbx_database_accession'         
3  2 'Structure model' '_pdbx_database_status.status_code_sf'        
4  2 'Structure model' '_pdbx_struct_conn_angle.ptnr1_auth_comp_id'  
5  2 'Structure model' '_pdbx_struct_conn_angle.ptnr1_auth_seq_id'   
6  2 'Structure model' '_pdbx_struct_conn_angle.ptnr1_label_asym_id' 
7  2 'Structure model' '_pdbx_struct_conn_angle.ptnr1_label_atom_id' 
8  2 'Structure model' '_pdbx_struct_conn_angle.ptnr1_label_comp_id' 
9  2 'Structure model' '_pdbx_struct_conn_angle.ptnr1_label_seq_id'  
10 2 'Structure model' '_pdbx_struct_conn_angle.ptnr2_auth_seq_id'   
11 2 'Structure model' '_pdbx_struct_conn_angle.ptnr2_label_asym_id' 
12 2 'Structure model' '_pdbx_struct_conn_angle.ptnr3_auth_comp_id'  
13 2 'Structure model' '_pdbx_struct_conn_angle.ptnr3_auth_seq_id'   
14 2 'Structure model' '_pdbx_struct_conn_angle.ptnr3_label_asym_id' 
15 2 'Structure model' '_pdbx_struct_conn_angle.ptnr3_label_atom_id' 
16 2 'Structure model' '_pdbx_struct_conn_angle.ptnr3_label_comp_id' 
17 2 'Structure model' '_pdbx_struct_conn_angle.ptnr3_label_seq_id'  
18 2 'Structure model' '_pdbx_struct_conn_angle.value'               
19 2 'Structure model' '_struct_conn.pdbx_dist_value'                
20 2 'Structure model' '_struct_conn.ptnr1_auth_comp_id'             
21 2 'Structure model' '_struct_conn.ptnr1_auth_seq_id'              
22 2 'Structure model' '_struct_conn.ptnr1_label_asym_id'            
23 2 'Structure model' '_struct_conn.ptnr1_label_atom_id'            
24 2 'Structure model' '_struct_conn.ptnr1_label_comp_id'            
25 2 'Structure model' '_struct_conn.ptnr1_label_seq_id'             
26 2 'Structure model' '_struct_conn.ptnr2_auth_comp_id'             
27 2 'Structure model' '_struct_conn.ptnr2_auth_seq_id'              
28 2 'Structure model' '_struct_conn.ptnr2_label_asym_id'            
29 2 'Structure model' '_struct_conn.ptnr2_label_atom_id'            
30 2 'Structure model' '_struct_conn.ptnr2_label_comp_id'            
31 2 'Structure model' '_struct_conn.ptnr2_label_seq_id'             
32 2 'Structure model' '_struct_site.pdbx_auth_asym_id'              
33 2 'Structure model' '_struct_site.pdbx_auth_comp_id'              
34 2 'Structure model' '_struct_site.pdbx_auth_seq_id'               
# 
_pdbx_database_status.status_code                     REL 
_pdbx_database_status.entry_id                        5ARN 
_pdbx_database_status.deposit_site                    PDBE 
_pdbx_database_status.process_site                    PDBE 
_pdbx_database_status.SG_entry                        . 
_pdbx_database_status.recvd_initial_deposition_date   2015-09-25 
_pdbx_database_status.pdb_format_compatible           Y 
_pdbx_database_status.status_code_sf                  REL 
_pdbx_database_status.status_code_mr                  ? 
_pdbx_database_status.status_code_cs                  ? 
_pdbx_database_status.methods_development_category    ? 
_pdbx_database_status.status_code_nmr_data            ? 
# 
loop_
_pdbx_database_related.db_name 
_pdbx_database_related.db_id 
_pdbx_database_related.content_type 
_pdbx_database_related.details 
PDB 5ARM unspecified 'APO-CSP3 (COPPER STORAGE PROTEIN 3) FROM METHYLOSINUS'      
PDB 5FIG unspecified 'APO-CSP3 (COPPER STORAGE PROTEIN 3) FROM BACILLUS SUBTILIS' 
# 
loop_
_audit_author.name 
_audit_author.pdbx_ordinal 
'Vita, N.'     1 
'Landolfi, G.' 2 
'Basle, A.'    3 
'Platsaki, S.' 4 
'Waldron, K.'  5 
'Dennison, C.' 6 
# 
_citation.id                        primary 
_citation.title                     'Novel Cytosolic Copper Storage Proteins' 
_citation.journal_abbrev            'To be Published' 
_citation.journal_volume            ? 
_citation.page_first                ? 
_citation.page_last                 ? 
_citation.year                      ? 
_citation.journal_id_ASTM           ? 
_citation.country                   ? 
_citation.journal_id_ISSN           ? 
_citation.journal_id_CSD            0353 
_citation.book_publisher            ? 
_citation.pdbx_database_id_PubMed   ? 
_citation.pdbx_database_id_DOI      ? 
# 
loop_
_citation_author.citation_id 
_citation_author.name 
_citation_author.ordinal 
_citation_author.identifier_ORCID 
primary 'Vita, N.'     1 ? 
primary 'Landolfi, G.' 2 ? 
primary 'Basle, A.'    3 ? 
primary 'Platsaki, S.' 4 ? 
primary 'Waldron, K.'  5 ? 
primary 'Dennison, C.' 6 ? 
# 
loop_
_entity.id 
_entity.type 
_entity.src_method 
_entity.pdbx_description 
_entity.formula_weight 
_entity.pdbx_number_of_molecules 
_entity.pdbx_ec 
_entity.pdbx_mutation 
_entity.pdbx_fragment 
_entity.details 
1 polymer     man CSP3             14545.769 1  ? ? ? ? 
2 non-polymer syn 'COPPER (I) ION' 63.546    19 ? ? ? ? 
3 water       nat water            18.015    5  ? ? ? ? 
# 
_entity_poly.entity_id                      1 
_entity_poly.type                           'polypeptide(L)' 
_entity_poly.nstd_linkage                   no 
_entity_poly.nstd_monomer                   no 
_entity_poly.pdbx_seq_one_letter_code       
;MHVEAMISKHPQARGQTDRSLVQCVEMCFDCAQTCAACADACLGEDKVADLRHCIRLNLDCAEICVAAGSIASRAAGTEE
SILRTMLQTCAEMCRMCEEECRRHAGNHEHCRICADVCKECETACRSATGLTH
;
_entity_poly.pdbx_seq_one_letter_code_can   
;MHVEAMISKHPQARGQTDRSLVQCVEMCFDCAQTCAACADACLGEDKVADLRHCIRLNLDCAEICVAAGSIASRAAGTEE
SILRTMLQTCAEMCRMCEEECRRHAGNHEHCRICADVCKECETACRSATGLTH
;
_entity_poly.pdbx_strand_id                 A 
_entity_poly.pdbx_target_identifier         ? 
# 
loop_
_pdbx_entity_nonpoly.entity_id 
_pdbx_entity_nonpoly.name 
_pdbx_entity_nonpoly.comp_id 
2 'COPPER (I) ION' CU1 
3 water            HOH 
# 
loop_
_entity_poly_seq.entity_id 
_entity_poly_seq.num 
_entity_poly_seq.mon_id 
_entity_poly_seq.hetero 
1 1   MET n 
1 2   HIS n 
1 3   VAL n 
1 4   GLU n 
1 5   ALA n 
1 6   MET n 
1 7   ILE n 
1 8   SER n 
1 9   LYS n 
1 10  HIS n 
1 11  PRO n 
1 12  GLN n 
1 13  ALA n 
1 14  ARG n 
1 15  GLY n 
1 16  GLN n 
1 17  THR n 
1 18  ASP n 
1 19  ARG n 
1 20  SER n 
1 21  LEU n 
1 22  VAL n 
1 23  GLN n 
1 24  CYS n 
1 25  VAL n 
1 26  GLU n 
1 27  MET n 
1 28  CYS n 
1 29  PHE n 
1 30  ASP n 
1 31  CYS n 
1 32  ALA n 
1 33  GLN n 
1 34  THR n 
1 35  CYS n 
1 36  ALA n 
1 37  ALA n 
1 38  CYS n 
1 39  ALA n 
1 40  ASP n 
1 41  ALA n 
1 42  CYS n 
1 43  LEU n 
1 44  GLY n 
1 45  GLU n 
1 46  ASP n 
1 47  LYS n 
1 48  VAL n 
1 49  ALA n 
1 50  ASP n 
1 51  LEU n 
1 52  ARG n 
1 53  HIS n 
1 54  CYS n 
1 55  ILE n 
1 56  ARG n 
1 57  LEU n 
1 58  ASN n 
1 59  LEU n 
1 60  ASP n 
1 61  CYS n 
1 62  ALA n 
1 63  GLU n 
1 64  ILE n 
1 65  CYS n 
1 66  VAL n 
1 67  ALA n 
1 68  ALA n 
1 69  GLY n 
1 70  SER n 
1 71  ILE n 
1 72  ALA n 
1 73  SER n 
1 74  ARG n 
1 75  ALA n 
1 76  ALA n 
1 77  GLY n 
1 78  THR n 
1 79  GLU n 
1 80  GLU n 
1 81  SER n 
1 82  ILE n 
1 83  LEU n 
1 84  ARG n 
1 85  THR n 
1 86  MET n 
1 87  LEU n 
1 88  GLN n 
1 89  THR n 
1 90  CYS n 
1 91  ALA n 
1 92  GLU n 
1 93  MET n 
1 94  CYS n 
1 95  ARG n 
1 96  MET n 
1 97  CYS n 
1 98  GLU n 
1 99  GLU n 
1 100 GLU n 
1 101 CYS n 
1 102 ARG n 
1 103 ARG n 
1 104 HIS n 
1 105 ALA n 
1 106 GLY n 
1 107 ASN n 
1 108 HIS n 
1 109 GLU n 
1 110 HIS n 
1 111 CYS n 
1 112 ARG n 
1 113 ILE n 
1 114 CYS n 
1 115 ALA n 
1 116 ASP n 
1 117 VAL n 
1 118 CYS n 
1 119 LYS n 
1 120 GLU n 
1 121 CYS n 
1 122 GLU n 
1 123 THR n 
1 124 ALA n 
1 125 CYS n 
1 126 ARG n 
1 127 SER n 
1 128 ALA n 
1 129 THR n 
1 130 GLY n 
1 131 LEU n 
1 132 THR n 
1 133 HIS n 
# 
_entity_src_gen.entity_id                          1 
_entity_src_gen.pdbx_src_id                        1 
_entity_src_gen.pdbx_alt_source_flag               sample 
_entity_src_gen.pdbx_seq_type                      ? 
_entity_src_gen.pdbx_beg_seq_num                   ? 
_entity_src_gen.pdbx_end_seq_num                   ? 
_entity_src_gen.gene_src_common_name               ? 
_entity_src_gen.gene_src_genus                     ? 
_entity_src_gen.pdbx_gene_src_gene                 ? 
_entity_src_gen.gene_src_species                   ? 
_entity_src_gen.gene_src_strain                    OB3B 
_entity_src_gen.gene_src_tissue                    ? 
_entity_src_gen.gene_src_tissue_fraction           ? 
_entity_src_gen.gene_src_details                   ? 
_entity_src_gen.pdbx_gene_src_fragment             ? 
_entity_src_gen.pdbx_gene_src_scientific_name      'METHYLOSINUS TRICHOSPORIUM' 
_entity_src_gen.pdbx_gene_src_ncbi_taxonomy_id     595536 
_entity_src_gen.pdbx_gene_src_variant              ? 
_entity_src_gen.pdbx_gene_src_cell_line            ? 
_entity_src_gen.pdbx_gene_src_atcc                 ? 
_entity_src_gen.pdbx_gene_src_organ                ? 
_entity_src_gen.pdbx_gene_src_organelle            ? 
_entity_src_gen.pdbx_gene_src_cell                 ? 
_entity_src_gen.pdbx_gene_src_cellular_location    ? 
_entity_src_gen.host_org_common_name               ? 
_entity_src_gen.pdbx_host_org_scientific_name      'ESCHERICHIA COLI' 
_entity_src_gen.pdbx_host_org_ncbi_taxonomy_id     469008 
_entity_src_gen.host_org_genus                     ? 
_entity_src_gen.pdbx_host_org_gene                 ? 
_entity_src_gen.pdbx_host_org_organ                ? 
_entity_src_gen.host_org_species                   ? 
_entity_src_gen.pdbx_host_org_tissue               ? 
_entity_src_gen.pdbx_host_org_tissue_fraction      ? 
_entity_src_gen.pdbx_host_org_strain               'BL21(DE3)' 
_entity_src_gen.pdbx_host_org_variant              ? 
_entity_src_gen.pdbx_host_org_cell_line            ? 
_entity_src_gen.pdbx_host_org_atcc                 ? 
_entity_src_gen.pdbx_host_org_culture_collection   ? 
_entity_src_gen.pdbx_host_org_cell                 ? 
_entity_src_gen.pdbx_host_org_organelle            ? 
_entity_src_gen.pdbx_host_org_cellular_location    ? 
_entity_src_gen.pdbx_host_org_vector_type          PLASMID 
_entity_src_gen.pdbx_host_org_vector               PET29A 
_entity_src_gen.host_org_details                   ? 
_entity_src_gen.expression_system_id               ? 
_entity_src_gen.plasmid_name                       ? 
_entity_src_gen.plasmid_details                    ? 
_entity_src_gen.pdbx_description                   ? 
# 
loop_
_chem_comp.id 
_chem_comp.type 
_chem_comp.mon_nstd_flag 
_chem_comp.name 
_chem_comp.pdbx_synonyms 
_chem_comp.formula 
_chem_comp.formula_weight 
ALA 'L-peptide linking' y ALANINE          ? 'C3 H7 N O2'     89.093  
ARG 'L-peptide linking' y ARGININE         ? 'C6 H15 N4 O2 1' 175.209 
ASN 'L-peptide linking' y ASPARAGINE       ? 'C4 H8 N2 O3'    132.118 
ASP 'L-peptide linking' y 'ASPARTIC ACID'  ? 'C4 H7 N O4'     133.103 
CU1 non-polymer         . 'COPPER (I) ION' ? 'Cu 1'           63.546  
CYS 'L-peptide linking' y CYSTEINE         ? 'C3 H7 N O2 S'   121.158 
GLN 'L-peptide linking' y GLUTAMINE        ? 'C5 H10 N2 O3'   146.144 
GLU 'L-peptide linking' y 'GLUTAMIC ACID'  ? 'C5 H9 N O4'     147.129 
GLY 'peptide linking'   y GLYCINE          ? 'C2 H5 N O2'     75.067  
HIS 'L-peptide linking' y HISTIDINE        ? 'C6 H10 N3 O2 1' 156.162 
HOH non-polymer         . WATER            ? 'H2 O'           18.015  
ILE 'L-peptide linking' y ISOLEUCINE       ? 'C6 H13 N O2'    131.173 
LEU 'L-peptide linking' y LEUCINE          ? 'C6 H13 N O2'    131.173 
LYS 'L-peptide linking' y LYSINE           ? 'C6 H15 N2 O2 1' 147.195 
MET 'L-peptide linking' y METHIONINE       ? 'C5 H11 N O2 S'  149.211 
PHE 'L-peptide linking' y PHENYLALANINE    ? 'C9 H11 N O2'    165.189 
PRO 'L-peptide linking' y PROLINE          ? 'C5 H9 N O2'     115.130 
SER 'L-peptide linking' y SERINE           ? 'C3 H7 N O3'     105.093 
THR 'L-peptide linking' y THREONINE        ? 'C4 H9 N O3'     119.119 
VAL 'L-peptide linking' y VALINE           ? 'C5 H11 N O2'    117.146 
# 
loop_
_pdbx_poly_seq_scheme.asym_id 
_pdbx_poly_seq_scheme.entity_id 
_pdbx_poly_seq_scheme.seq_id 
_pdbx_poly_seq_scheme.mon_id 
_pdbx_poly_seq_scheme.ndb_seq_num 
_pdbx_poly_seq_scheme.pdb_seq_num 
_pdbx_poly_seq_scheme.auth_seq_num 
_pdbx_poly_seq_scheme.pdb_mon_id 
_pdbx_poly_seq_scheme.auth_mon_id 
_pdbx_poly_seq_scheme.pdb_strand_id 
_pdbx_poly_seq_scheme.pdb_ins_code 
_pdbx_poly_seq_scheme.hetero 
A 1 1   MET 1   1   1   MET MET A . n 
A 1 2   HIS 2   2   2   HIS HIS A . n 
A 1 3   VAL 3   3   3   VAL VAL A . n 
A 1 4   GLU 4   4   4   GLU GLU A . n 
A 1 5   ALA 5   5   5   ALA ALA A . n 
A 1 6   MET 6   6   6   MET MET A . n 
A 1 7   ILE 7   7   7   ILE ILE A . n 
A 1 8   SER 8   8   8   SER SER A . n 
A 1 9   LYS 9   9   9   LYS LYS A . n 
A 1 10  HIS 10  10  10  HIS HIS A . n 
A 1 11  PRO 11  11  11  PRO PRO A . n 
A 1 12  GLN 12  12  12  GLN GLN A . n 
A 1 13  ALA 13  13  ?   ?   ?   A . n 
A 1 14  ARG 14  14  ?   ?   ?   A . n 
A 1 15  GLY 15  15  ?   ?   ?   A . n 
A 1 16  GLN 16  16  ?   ?   ?   A . n 
A 1 17  THR 17  17  ?   ?   ?   A . n 
A 1 18  ASP 18  18  ?   ?   ?   A . n 
A 1 19  ARG 19  19  ?   ?   ?   A . n 
A 1 20  SER 20  20  20  SER SER A . n 
A 1 21  LEU 21  21  21  LEU LEU A . n 
A 1 22  VAL 22  22  22  VAL VAL A . n 
A 1 23  GLN 23  23  23  GLN GLN A . n 
A 1 24  CYS 24  24  24  CYS CYS A . n 
A 1 25  VAL 25  25  25  VAL VAL A . n 
A 1 26  GLU 26  26  26  GLU GLU A . n 
A 1 27  MET 27  27  27  MET MET A . n 
A 1 28  CYS 28  28  28  CYS CYS A . n 
A 1 29  PHE 29  29  29  PHE PHE A . n 
A 1 30  ASP 30  30  30  ASP ASP A . n 
A 1 31  CYS 31  31  31  CYS CYS A . n 
A 1 32  ALA 32  32  32  ALA ALA A . n 
A 1 33  GLN 33  33  33  GLN GLN A . n 
A 1 34  THR 34  34  34  THR THR A . n 
A 1 35  CYS 35  35  35  CYS CYS A . n 
A 1 36  ALA 36  36  36  ALA ALA A . n 
A 1 37  ALA 37  37  37  ALA ALA A . n 
A 1 38  CYS 38  38  38  CYS CYS A . n 
A 1 39  ALA 39  39  39  ALA ALA A . n 
A 1 40  ASP 40  40  40  ASP ASP A . n 
A 1 41  ALA 41  41  41  ALA ALA A . n 
A 1 42  CYS 42  42  42  CYS CYS A . n 
A 1 43  LEU 43  43  43  LEU LEU A . n 
A 1 44  GLY 44  44  44  GLY GLY A . n 
A 1 45  GLU 45  45  45  GLU GLU A . n 
A 1 46  ASP 46  46  46  ASP ASP A . n 
A 1 47  LYS 47  47  47  LYS LYS A . n 
A 1 48  VAL 48  48  48  VAL VAL A . n 
A 1 49  ALA 49  49  49  ALA ALA A . n 
A 1 50  ASP 50  50  50  ASP ASP A . n 
A 1 51  LEU 51  51  51  LEU LEU A . n 
A 1 52  ARG 52  52  52  ARG ARG A . n 
A 1 53  HIS 53  53  53  HIS HIS A . n 
A 1 54  CYS 54  54  54  CYS CYS A . n 
A 1 55  ILE 55  55  55  ILE ILE A . n 
A 1 56  ARG 56  56  56  ARG ARG A . n 
A 1 57  LEU 57  57  57  LEU LEU A . n 
A 1 58  ASN 58  58  58  ASN ASN A . n 
A 1 59  LEU 59  59  59  LEU LEU A . n 
A 1 60  ASP 60  60  60  ASP ASP A . n 
A 1 61  CYS 61  61  61  CYS CYS A . n 
A 1 62  ALA 62  62  62  ALA ALA A . n 
A 1 63  GLU 63  63  63  GLU GLU A . n 
A 1 64  ILE 64  64  64  ILE ILE A . n 
A 1 65  CYS 65  65  65  CYS CYS A . n 
A 1 66  VAL 66  66  66  VAL VAL A . n 
A 1 67  ALA 67  67  67  ALA ALA A . n 
A 1 68  ALA 68  68  68  ALA ALA A . n 
A 1 69  GLY 69  69  69  GLY GLY A . n 
A 1 70  SER 70  70  70  SER SER A . n 
A 1 71  ILE 71  71  71  ILE ILE A . n 
A 1 72  ALA 72  72  72  ALA ALA A . n 
A 1 73  SER 73  73  73  SER SER A . n 
A 1 74  ARG 74  74  74  ARG ARG A . n 
A 1 75  ALA 75  75  ?   ?   ?   A . n 
A 1 76  ALA 76  76  ?   ?   ?   A . n 
A 1 77  GLY 77  77  ?   ?   ?   A . n 
A 1 78  THR 78  78  ?   ?   ?   A . n 
A 1 79  GLU 79  79  ?   ?   ?   A . n 
A 1 80  GLU 80  80  ?   ?   ?   A . n 
A 1 81  SER 81  81  81  SER SER A . n 
A 1 82  ILE 82  82  82  ILE ILE A . n 
A 1 83  LEU 83  83  83  LEU LEU A . n 
A 1 84  ARG 84  84  84  ARG ARG A . n 
A 1 85  THR 85  85  85  THR THR A . n 
A 1 86  MET 86  86  86  MET MET A . n 
A 1 87  LEU 87  87  87  LEU LEU A . n 
A 1 88  GLN 88  88  88  GLN GLN A . n 
A 1 89  THR 89  89  89  THR THR A . n 
A 1 90  CYS 90  90  90  CYS CYS A . n 
A 1 91  ALA 91  91  91  ALA ALA A . n 
A 1 92  GLU 92  92  92  GLU GLU A . n 
A 1 93  MET 93  93  93  MET MET A . n 
A 1 94  CYS 94  94  94  CYS CYS A . n 
A 1 95  ARG 95  95  95  ARG ARG A . n 
A 1 96  MET 96  96  96  MET MET A . n 
A 1 97  CYS 97  97  97  CYS CYS A . n 
A 1 98  GLU 98  98  98  GLU GLU A . n 
A 1 99  GLU 99  99  99  GLU GLU A . n 
A 1 100 GLU 100 100 100 GLU GLU A . n 
A 1 101 CYS 101 101 101 CYS CYS A . n 
A 1 102 ARG 102 102 102 ARG ARG A . n 
A 1 103 ARG 103 103 103 ARG ARG A . n 
A 1 104 HIS 104 104 104 HIS HIS A . n 
A 1 105 ALA 105 105 105 ALA ALA A . n 
A 1 106 GLY 106 106 106 GLY GLY A . n 
A 1 107 ASN 107 107 107 ASN ASN A . n 
A 1 108 HIS 108 108 108 HIS HIS A . n 
A 1 109 GLU 109 109 109 GLU GLU A . n 
A 1 110 HIS 110 110 110 HIS HIS A . n 
A 1 111 CYS 111 111 111 CYS CYS A . n 
A 1 112 ARG 112 112 112 ARG ARG A . n 
A 1 113 ILE 113 113 113 ILE ILE A . n 
A 1 114 CYS 114 114 114 CYS CYS A . n 
A 1 115 ALA 115 115 115 ALA ALA A . n 
A 1 116 ASP 116 116 116 ASP ASP A . n 
A 1 117 VAL 117 117 117 VAL VAL A . n 
A 1 118 CYS 118 118 118 CYS CYS A . n 
A 1 119 LYS 119 119 119 LYS LYS A . n 
A 1 120 GLU 120 120 120 GLU GLU A . n 
A 1 121 CYS 121 121 121 CYS CYS A . n 
A 1 122 GLU 122 122 122 GLU GLU A . n 
A 1 123 THR 123 123 123 THR THR A . n 
A 1 124 ALA 124 124 124 ALA ALA A . n 
A 1 125 CYS 125 125 125 CYS CYS A . n 
A 1 126 ARG 126 126 126 ARG ARG A . n 
A 1 127 SER 127 127 127 SER SER A . n 
A 1 128 ALA 128 128 128 ALA ALA A . n 
A 1 129 THR 129 129 129 THR THR A . n 
A 1 130 GLY 130 130 ?   ?   ?   A . n 
A 1 131 LEU 131 131 ?   ?   ?   A . n 
A 1 132 THR 132 132 ?   ?   ?   A . n 
A 1 133 HIS 133 133 ?   ?   ?   A . n 
# 
loop_
_pdbx_nonpoly_scheme.asym_id 
_pdbx_nonpoly_scheme.entity_id 
_pdbx_nonpoly_scheme.mon_id 
_pdbx_nonpoly_scheme.ndb_seq_num 
_pdbx_nonpoly_scheme.pdb_seq_num 
_pdbx_nonpoly_scheme.auth_seq_num 
_pdbx_nonpoly_scheme.pdb_mon_id 
_pdbx_nonpoly_scheme.auth_mon_id 
_pdbx_nonpoly_scheme.pdb_strand_id 
_pdbx_nonpoly_scheme.pdb_ins_code 
B 2 CU1 1 1130 1130 CU1 CU1 A . 
C 2 CU1 1 1131 1131 CU1 CU1 A . 
D 2 CU1 1 1132 1132 CU1 CU1 A . 
E 2 CU1 1 1133 1133 CU1 CU1 A . 
F 2 CU1 1 1134 1134 CU1 CU1 A . 
G 2 CU1 1 1135 1135 CU1 CU1 A . 
H 2 CU1 1 1136 1136 CU1 CU1 A . 
I 2 CU1 1 1137 1137 CU1 CU1 A . 
J 2 CU1 1 1138 1138 CU1 CU1 A . 
K 2 CU1 1 1139 1139 CU1 CU1 A . 
L 2 CU1 1 1140 1140 CU1 CU1 A . 
M 2 CU1 1 1141 1141 CU1 CU1 A . 
N 2 CU1 1 1142 1142 CU1 CU1 A . 
O 2 CU1 1 1143 1143 CU1 CU1 A . 
P 2 CU1 1 1144 1144 CU1 CU1 A . 
Q 2 CU1 1 1145 1145 CU1 CU1 A . 
R 2 CU1 1 1146 1146 CU1 CU1 A . 
S 2 CU1 1 1147 1147 CU1 CU1 A . 
T 2 CU1 1 1148 1148 CU1 CU1 A . 
U 3 HOH 1 2001 2001 HOH HOH A . 
U 3 HOH 2 2002 2002 HOH HOH A . 
U 3 HOH 3 2003 2003 HOH HOH A . 
U 3 HOH 4 2004 2004 HOH HOH A . 
U 3 HOH 5 2005 2005 HOH HOH A . 
# 
loop_
_pdbx_unobs_or_zero_occ_atoms.id 
_pdbx_unobs_or_zero_occ_atoms.PDB_model_num 
_pdbx_unobs_or_zero_occ_atoms.polymer_flag 
_pdbx_unobs_or_zero_occ_atoms.occupancy_flag 
_pdbx_unobs_or_zero_occ_atoms.auth_asym_id 
_pdbx_unobs_or_zero_occ_atoms.auth_comp_id 
_pdbx_unobs_or_zero_occ_atoms.auth_seq_id 
_pdbx_unobs_or_zero_occ_atoms.PDB_ins_code 
_pdbx_unobs_or_zero_occ_atoms.auth_atom_id 
_pdbx_unobs_or_zero_occ_atoms.label_alt_id 
_pdbx_unobs_or_zero_occ_atoms.label_asym_id 
_pdbx_unobs_or_zero_occ_atoms.label_comp_id 
_pdbx_unobs_or_zero_occ_atoms.label_seq_id 
_pdbx_unobs_or_zero_occ_atoms.label_atom_id 
1  1 Y 1 A GLN 12  ? CG  ? A GLN 12  CG  
2  1 Y 1 A GLN 12  ? CD  ? A GLN 12  CD  
3  1 Y 1 A GLN 12  ? OE1 ? A GLN 12  OE1 
4  1 Y 1 A GLN 12  ? NE2 ? A GLN 12  NE2 
5  1 Y 1 A LYS 47  ? CG  ? A LYS 47  CG  
6  1 Y 1 A LYS 47  ? CD  ? A LYS 47  CD  
7  1 Y 1 A LYS 47  ? CE  ? A LYS 47  CE  
8  1 Y 1 A LYS 47  ? NZ  ? A LYS 47  NZ  
9  1 Y 1 A ARG 84  ? CG  ? A ARG 84  CG  
10 1 Y 1 A ARG 84  ? CD  ? A ARG 84  CD  
11 1 Y 1 A ARG 84  ? NE  ? A ARG 84  NE  
12 1 Y 1 A ARG 84  ? CZ  ? A ARG 84  CZ  
13 1 Y 1 A ARG 84  ? NH1 ? A ARG 84  NH1 
14 1 Y 1 A ARG 84  ? NH2 ? A ARG 84  NH2 
15 1 Y 1 A GLU 92  ? CG  ? A GLU 92  CG  
16 1 Y 1 A GLU 92  ? CD  ? A GLU 92  CD  
17 1 Y 1 A GLU 92  ? OE1 ? A GLU 92  OE1 
18 1 Y 1 A GLU 92  ? OE2 ? A GLU 92  OE2 
19 1 Y 1 A GLU 99  ? CG  ? A GLU 99  CG  
20 1 Y 1 A GLU 99  ? CD  ? A GLU 99  CD  
21 1 Y 1 A GLU 99  ? OE1 ? A GLU 99  OE1 
22 1 Y 1 A GLU 99  ? OE2 ? A GLU 99  OE2 
23 1 Y 1 A GLU 109 ? CG  ? A GLU 109 CG  
24 1 Y 1 A GLU 109 ? CD  ? A GLU 109 CD  
25 1 Y 1 A GLU 109 ? OE1 ? A GLU 109 OE1 
26 1 Y 1 A GLU 109 ? OE2 ? A GLU 109 OE2 
27 1 Y 1 A LYS 119 ? CG  ? A LYS 119 CG  
28 1 Y 1 A LYS 119 ? CD  ? A LYS 119 CD  
29 1 Y 1 A LYS 119 ? CE  ? A LYS 119 CE  
30 1 Y 1 A LYS 119 ? NZ  ? A LYS 119 NZ  
# 
loop_
_software.name 
_software.classification 
_software.version 
_software.citation_id 
_software.pdbx_ordinal 
REFMAC  refinement       5.8.0124 ? 1 
XDS     'data reduction' .        ? 2 
Aimless 'data scaling'   .        ? 3 
MOLREP  phasing          .        ? 4 
# 
_cell.entry_id           5ARN 
_cell.length_a           105.902 
_cell.length_b           105.902 
_cell.length_c           45.630 
_cell.angle_alpha        90.00 
_cell.angle_beta         90.00 
_cell.angle_gamma        90.00 
_cell.Z_PDB              16 
_cell.pdbx_unique_axis   ? 
# 
_symmetry.entry_id                         5ARN 
_symmetry.space_group_name_H-M             'I 41 2 2' 
_symmetry.pdbx_full_space_group_name_H-M   ? 
_symmetry.cell_setting                     ? 
_symmetry.Int_Tables_number                98 
# 
_exptl.entry_id          5ARN 
_exptl.method            'X-RAY DIFFRACTION' 
_exptl.crystals_number   ? 
# 
_exptl_crystal.id                    1 
_exptl_crystal.density_meas          ? 
_exptl_crystal.density_Matthews      2.51 
_exptl_crystal.density_percent_sol   51 
_exptl_crystal.description           NONE 
# 
_exptl_crystal_grow.crystal_id      1 
_exptl_crystal_grow.method          ? 
_exptl_crystal_grow.temp            ? 
_exptl_crystal_grow.temp_details    ? 
_exptl_crystal_grow.pH              ? 
_exptl_crystal_grow.pdbx_pH_range   ? 
_exptl_crystal_grow.pdbx_details    '75 MM MGCL2, 100 MM HEPES PH 7.5, AND 34% PEG 400' 
# 
_diffrn.id                     1 
_diffrn.ambient_temp           100 
_diffrn.ambient_temp_details   ? 
_diffrn.crystal_id             1 
# 
_diffrn_detector.diffrn_id              1 
_diffrn_detector.detector               PIXEL 
_diffrn_detector.type                   'DECTRIS PILATUS 6M' 
_diffrn_detector.pdbx_collection_date   2013-10-24 
_diffrn_detector.details                ? 
# 
_diffrn_radiation.diffrn_id                        1 
_diffrn_radiation.wavelength_id                    1 
_diffrn_radiation.pdbx_monochromatic_or_laue_m_l   M 
_diffrn_radiation.monochromator                    ? 
_diffrn_radiation.pdbx_diffrn_protocol             'SINGLE WAVELENGTH' 
_diffrn_radiation.pdbx_scattering_type             x-ray 
# 
_diffrn_radiation_wavelength.id           1 
_diffrn_radiation_wavelength.wavelength   1.377 
_diffrn_radiation_wavelength.wt           1.0 
# 
_diffrn_source.diffrn_id                   1 
_diffrn_source.source                      SYNCHROTRON 
_diffrn_source.type                        'DIAMOND BEAMLINE I02' 
_diffrn_source.pdbx_synchrotron_site       Diamond 
_diffrn_source.pdbx_synchrotron_beamline   I02 
_diffrn_source.pdbx_wavelength             1.377 
_diffrn_source.pdbx_wavelength_list        ? 
# 
_reflns.pdbx_diffrn_id               1 
_reflns.pdbx_ordinal                 1 
_reflns.entry_id                     5ARN 
_reflns.observed_criterion_sigma_I   2.0 
_reflns.observed_criterion_sigma_F   ? 
_reflns.d_resolution_low             41.91 
_reflns.d_resolution_high            2.30 
_reflns.number_obs                   5998 
_reflns.number_all                   ? 
_reflns.percent_possible_obs         99.7 
_reflns.pdbx_Rmerge_I_obs            0.08 
_reflns.pdbx_Rsym_value              ? 
_reflns.pdbx_netI_over_sigmaI        6.30 
_reflns.B_iso_Wilson_estimate        ? 
_reflns.pdbx_redundancy              4.1 
# 
_reflns_shell.pdbx_diffrn_id         1 
_reflns_shell.pdbx_ordinal           1 
_reflns_shell.d_res_high             2.30 
_reflns_shell.d_res_low              2.38 
_reflns_shell.percent_possible_all   99.9 
_reflns_shell.Rmerge_I_obs           0.65 
_reflns_shell.pdbx_Rsym_value        ? 
_reflns_shell.meanI_over_sigI_obs    1.90 
_reflns_shell.pdbx_redundancy        1.9 
# 
_refine.pdbx_refine_id                           'X-RAY DIFFRACTION' 
_refine.entry_id                                 5ARN 
_refine.pdbx_diffrn_id                           1 
_refine.pdbx_TLS_residual_ADP_flag               ? 
_refine.ls_number_reflns_obs                     5534 
_refine.ls_number_reflns_all                     ? 
_refine.pdbx_ls_sigma_I                          ? 
_refine.pdbx_ls_sigma_F                          . 
_refine.pdbx_data_cutoff_high_absF               ? 
_refine.pdbx_data_cutoff_low_absF                ? 
_refine.pdbx_data_cutoff_high_rms_absF           ? 
_refine.ls_d_res_low                             74.88 
_refine.ls_d_res_high                            2.30 
_refine.ls_percent_reflns_obs                    96.98 
_refine.ls_R_factor_obs                          0.18912 
_refine.ls_R_factor_all                          ? 
_refine.ls_R_factor_R_work                       0.18573 
_refine.ls_R_factor_R_free                       0.24274 
_refine.ls_R_factor_R_free_error                 ? 
_refine.ls_R_factor_R_free_error_details         ? 
_refine.ls_percent_reflns_R_free                 5.2 
_refine.ls_number_reflns_R_free                  306 
_refine.ls_number_parameters                     ? 
_refine.ls_number_restraints                     ? 
_refine.occupancy_min                            ? 
_refine.occupancy_max                            ? 
_refine.correlation_coeff_Fo_to_Fc               0.961 
_refine.correlation_coeff_Fo_to_Fc_free          0.930 
_refine.B_iso_mean                               50.733 
_refine.aniso_B[1][1]                            2.14 
_refine.aniso_B[2][2]                            2.14 
_refine.aniso_B[3][3]                            -4.29 
_refine.aniso_B[1][2]                            0.00 
_refine.aniso_B[1][3]                            0.00 
_refine.aniso_B[2][3]                            0.00 
_refine.solvent_model_details                    MASK 
_refine.solvent_model_param_ksol                 ? 
_refine.solvent_model_param_bsol                 ? 
_refine.pdbx_solvent_vdw_probe_radii             1.20 
_refine.pdbx_solvent_ion_probe_radii             0.80 
_refine.pdbx_solvent_shrinkage_radii             0.80 
_refine.pdbx_ls_cross_valid_method               THROUGHOUT 
_refine.details                                  
'HYDROGENS HAVE BEEN ADDED IN THE RIDING POSITIONS. RESIDUES 13-19 AND 75-80 ARE DISORDERED' 
_refine.pdbx_starting_model                      'PDB ENTRY 5ARM' 
_refine.pdbx_method_to_determine_struct          'MOLECULAR REPLACEMENT' 
_refine.pdbx_isotropic_thermal_model             ? 
_refine.pdbx_stereochemistry_target_values       'MAXIMUM LIKELIHOOD' 
_refine.pdbx_stereochem_target_val_spec_case     ? 
_refine.pdbx_R_Free_selection_details            RANDOM 
_refine.pdbx_overall_ESU_R                       0.282 
_refine.pdbx_overall_ESU_R_Free                  0.227 
_refine.overall_SU_ML                            0.188 
_refine.pdbx_overall_phase_error                 ? 
_refine.overall_SU_B                             7.987 
_refine.overall_SU_R_Cruickshank_DPI             ? 
_refine.pdbx_overall_SU_R_free_Cruickshank_DPI   ? 
_refine.pdbx_overall_SU_R_Blow_DPI               ? 
_refine.pdbx_overall_SU_R_free_Blow_DPI          ? 
# 
_refine_hist.pdbx_refine_id                   'X-RAY DIFFRACTION' 
_refine_hist.cycle_id                         LAST 
_refine_hist.pdbx_number_atoms_protein        838 
_refine_hist.pdbx_number_atoms_nucleic_acid   0 
_refine_hist.pdbx_number_atoms_ligand         19 
_refine_hist.number_atoms_solvent             5 
_refine_hist.number_atoms_total               862 
_refine_hist.d_res_high                       2.30 
_refine_hist.d_res_low                        74.88 
# 
loop_
_refine_ls_restr.type 
_refine_ls_restr.dev_ideal 
_refine_ls_restr.dev_ideal_target 
_refine_ls_restr.weight 
_refine_ls_restr.number 
_refine_ls_restr.pdbx_refine_id 
_refine_ls_restr.pdbx_restraint_function 
r_bond_refined_d             0.013  0.019  ? 843  'X-RAY DIFFRACTION' ? 
r_bond_other_d               0.002  0.020  ? 778  'X-RAY DIFFRACTION' ? 
r_angle_refined_deg          1.494  1.939  ? 1133 'X-RAY DIFFRACTION' ? 
r_angle_other_deg            1.025  3.000  ? 1783 'X-RAY DIFFRACTION' ? 
r_dihedral_angle_1_deg       5.688  5.000  ? 113  'X-RAY DIFFRACTION' ? 
r_dihedral_angle_2_deg       32.731 23.235 ? 34   'X-RAY DIFFRACTION' ? 
r_dihedral_angle_3_deg       14.792 15.000 ? 144  'X-RAY DIFFRACTION' ? 
r_dihedral_angle_4_deg       14.265 15.000 ? 8    'X-RAY DIFFRACTION' ? 
r_chiral_restr               0.088  0.200  ? 137  'X-RAY DIFFRACTION' ? 
r_gen_planes_refined         0.005  0.020  ? 961  'X-RAY DIFFRACTION' ? 
r_gen_planes_other           0.002  0.020  ? 183  'X-RAY DIFFRACTION' ? 
r_nbd_refined                ?      ?      ? ?    'X-RAY DIFFRACTION' ? 
r_nbd_other                  ?      ?      ? ?    'X-RAY DIFFRACTION' ? 
r_nbtor_refined              ?      ?      ? ?    'X-RAY DIFFRACTION' ? 
r_nbtor_other                ?      ?      ? ?    'X-RAY DIFFRACTION' ? 
r_xyhbond_nbd_refined        ?      ?      ? ?    'X-RAY DIFFRACTION' ? 
r_xyhbond_nbd_other          ?      ?      ? ?    'X-RAY DIFFRACTION' ? 
r_metal_ion_refined          ?      ?      ? ?    'X-RAY DIFFRACTION' ? 
r_metal_ion_other            ?      ?      ? ?    'X-RAY DIFFRACTION' ? 
r_symmetry_vdw_refined       ?      ?      ? ?    'X-RAY DIFFRACTION' ? 
r_symmetry_vdw_other         ?      ?      ? ?    'X-RAY DIFFRACTION' ? 
r_symmetry_hbond_refined     ?      ?      ? ?    'X-RAY DIFFRACTION' ? 
r_symmetry_hbond_other       ?      ?      ? ?    'X-RAY DIFFRACTION' ? 
r_symmetry_metal_ion_refined ?      ?      ? ?    'X-RAY DIFFRACTION' ? 
r_symmetry_metal_ion_other   ?      ?      ? ?    'X-RAY DIFFRACTION' ? 
r_mcbond_it                  3.534  4.992  ? 461  'X-RAY DIFFRACTION' ? 
r_mcbond_other               3.534  4.988  ? 460  'X-RAY DIFFRACTION' ? 
r_mcangle_it                 4.876  7.470  ? 571  'X-RAY DIFFRACTION' ? 
r_mcangle_other              ?      ?      ? ?    'X-RAY DIFFRACTION' ? 
r_scbond_it                  4.102  5.462  ? 381  'X-RAY DIFFRACTION' ? 
r_scbond_other               ?      ?      ? ?    'X-RAY DIFFRACTION' ? 
r_scangle_it                 ?      ?      ? ?    'X-RAY DIFFRACTION' ? 
r_scangle_other              ?      ?      ? ?    'X-RAY DIFFRACTION' ? 
r_long_range_B_refined       ?      ?      ? ?    'X-RAY DIFFRACTION' ? 
r_long_range_B_other         ?      ?      ? ?    'X-RAY DIFFRACTION' ? 
r_rigid_bond_restr           ?      ?      ? ?    'X-RAY DIFFRACTION' ? 
r_sphericity_free            ?      ?      ? ?    'X-RAY DIFFRACTION' ? 
r_sphericity_bonded          ?      ?      ? ?    'X-RAY DIFFRACTION' ? 
# 
_refine_ls_shell.pdbx_refine_id                   'X-RAY DIFFRACTION' 
_refine_ls_shell.pdbx_total_number_of_bins_used   20 
_refine_ls_shell.d_res_high                       2.300 
_refine_ls_shell.d_res_low                        2.360 
_refine_ls_shell.number_reflns_R_work             381 
_refine_ls_shell.R_factor_R_work                  0.246 
_refine_ls_shell.percent_reflns_obs               93.47 
_refine_ls_shell.R_factor_R_free                  0.237 
_refine_ls_shell.R_factor_R_free_error            ? 
_refine_ls_shell.percent_reflns_R_free            ? 
_refine_ls_shell.number_reflns_R_free             20 
_refine_ls_shell.number_reflns_all                ? 
_refine_ls_shell.R_factor_all                     ? 
# 
_struct.entry_id                  5ARN 
_struct.title                     'Cu(I)-CSP3 (COPPER STORAGE PROTEIN 3) FROM METHYLOSINUS' 
_struct.pdbx_model_details        ? 
_struct.pdbx_CASP_flag            ? 
_struct.pdbx_model_type_details   ? 
# 
_struct_keywords.entry_id        5ARN 
_struct_keywords.pdbx_keywords   'COPPER-BINDING PROTEIN' 
_struct_keywords.text            
'COPPER-BINDING PROTEIN, METHANE OXIDATION, COPPER STORAGE, METHANOTROPHS, PARTICULATE METHANE MONOOXYGENASE' 
# 
loop_
_struct_asym.id 
_struct_asym.pdbx_blank_PDB_chainid_flag 
_struct_asym.pdbx_modified 
_struct_asym.entity_id 
_struct_asym.details 
A N N 1 ? 
B N N 2 ? 
C N N 2 ? 
D N N 2 ? 
E N N 2 ? 
F N N 2 ? 
G N N 2 ? 
H N N 2 ? 
I N N 2 ? 
J N N 2 ? 
K N N 2 ? 
L N N 2 ? 
M N N 2 ? 
N N N 2 ? 
O N N 2 ? 
P N N 2 ? 
Q N N 2 ? 
R N N 2 ? 
S N N 2 ? 
T N N 2 ? 
U N N 3 ? 
# 
_struct_ref.id                         1 
_struct_ref.db_name                    PDB 
_struct_ref.db_code                    5ARN 
_struct_ref.entity_id                  1 
_struct_ref.pdbx_seq_one_letter_code   ? 
_struct_ref.pdbx_align_begin           ? 
_struct_ref.pdbx_db_accession          5ARN 
_struct_ref.pdbx_db_isoform            ? 
# 
_struct_ref_seq.align_id                      1 
_struct_ref_seq.ref_id                        1 
_struct_ref_seq.pdbx_PDB_id_code              5ARN 
_struct_ref_seq.pdbx_strand_id                A 
_struct_ref_seq.seq_align_beg                 1 
_struct_ref_seq.pdbx_seq_align_beg_ins_code   ? 
_struct_ref_seq.seq_align_end                 133 
_struct_ref_seq.pdbx_seq_align_end_ins_code   ? 
_struct_ref_seq.pdbx_db_accession             5ARN 
_struct_ref_seq.db_align_beg                  1 
_struct_ref_seq.pdbx_db_align_beg_ins_code    ? 
_struct_ref_seq.db_align_end                  133 
_struct_ref_seq.pdbx_db_align_end_ins_code    ? 
_struct_ref_seq.pdbx_auth_seq_align_beg       1 
_struct_ref_seq.pdbx_auth_seq_align_end       133 
# 
_pdbx_struct_assembly.id                   1 
_pdbx_struct_assembly.details              author_and_software_defined_assembly 
_pdbx_struct_assembly.method_details       PISA 
_pdbx_struct_assembly.oligomeric_details   tetrameric 
_pdbx_struct_assembly.oligomeric_count     4 
# 
loop_
_pdbx_struct_assembly_prop.biol_id 
_pdbx_struct_assembly_prop.type 
_pdbx_struct_assembly_prop.value 
_pdbx_struct_assembly_prop.details 
1 'ABSA (A^2)' 20100   ? 
1 MORE         -1018.9 ? 
1 'SSA (A^2)'  15580   ? 
# 
_pdbx_struct_assembly_gen.assembly_id       1 
_pdbx_struct_assembly_gen.oper_expression   1,2,3,4 
_pdbx_struct_assembly_gen.asym_id_list      A,B,C,D,E,F,G,H,I,J,K,L,M,N,O,P,Q,R,S,T,U 
# 
loop_
_pdbx_struct_oper_list.id 
_pdbx_struct_oper_list.type 
_pdbx_struct_oper_list.name 
_pdbx_struct_oper_list.symmetry_operation 
_pdbx_struct_oper_list.matrix[1][1] 
_pdbx_struct_oper_list.matrix[1][2] 
_pdbx_struct_oper_list.matrix[1][3] 
_pdbx_struct_oper_list.vector[1] 
_pdbx_struct_oper_list.matrix[2][1] 
_pdbx_struct_oper_list.matrix[2][2] 
_pdbx_struct_oper_list.matrix[2][3] 
_pdbx_struct_oper_list.vector[2] 
_pdbx_struct_oper_list.matrix[3][1] 
_pdbx_struct_oper_list.matrix[3][2] 
_pdbx_struct_oper_list.matrix[3][3] 
_pdbx_struct_oper_list.vector[3] 
1 'identity operation'         1_555  x,y,z      1.0000000000  0.0000000000  0.0000000000  0.0000000000   0.0000000000  1.0000000000  0.0000000000  0.0000000000   0.0000000000  0.0000000000  1.0000000000  0.0000000000   
2 'crystal symmetry operation' 10_555 -x,-y,z    -0.5460742792 0.8186963883  -0.1775925264 8.3257449872   0.8186963883  0.4765935162  -0.3203042994 -8.0625110942  -0.1775925264 -0.3203042994 -0.9305192370 -15.8873741798 
3 'crystal symmetry operation' 15_556 y,x,-z+1   0.2664304264  -0.8141021487 -0.5159966273 -13.7030071630 -0.8141021487 -0.4766689945 0.3316992029  -16.8393716369 -0.5159966273 0.3316992029  -0.7897614320 -7.0638767382  
4 'crystal symmetry operation' 8_556  -y,-x,-z+1 -0.7203561472 -0.0045942396 0.6935891537  3.2767637231   -0.0045942396 -0.9999245217 -0.0113949036 -25.0440588162 0.6935891537  -0.0113949036 0.7202806689  -1.4870261921 
# 
_struct_biol.id   1 
# 
loop_
_struct_conf.conf_type_id 
_struct_conf.id 
_struct_conf.pdbx_PDB_helix_id 
_struct_conf.beg_label_comp_id 
_struct_conf.beg_label_asym_id 
_struct_conf.beg_label_seq_id 
_struct_conf.pdbx_beg_PDB_ins_code 
_struct_conf.end_label_comp_id 
_struct_conf.end_label_asym_id 
_struct_conf.end_label_seq_id 
_struct_conf.pdbx_end_PDB_ins_code 
_struct_conf.beg_auth_comp_id 
_struct_conf.beg_auth_asym_id 
_struct_conf.beg_auth_seq_id 
_struct_conf.end_auth_comp_id 
_struct_conf.end_auth_asym_id 
_struct_conf.end_auth_seq_id 
_struct_conf.pdbx_PDB_helix_class 
_struct_conf.details 
_struct_conf.pdbx_PDB_helix_length 
HELX_P HELX_P1 1 HIS A 2   ? LYS A 9   ? HIS A 2   LYS A 9   1 ? 8  
HELX_P HELX_P2 2 SER A 20  ? GLY A 44  ? SER A 20  GLY A 44  1 ? 25 
HELX_P HELX_P3 3 GLU A 45  ? ASP A 50  ? GLU A 45  ASP A 50  5 ? 6  
HELX_P HELX_P4 4 LEU A 51  ? SER A 73  ? LEU A 51  SER A 73  1 ? 23 
HELX_P HELX_P5 5 ILE A 82  ? HIS A 104 ? ILE A 82  HIS A 104 1 ? 23 
HELX_P HELX_P6 6 HIS A 108 ? THR A 129 ? HIS A 108 THR A 129 1 ? 22 
# 
_struct_conf_type.id          HELX_P 
_struct_conf_type.criteria    ? 
_struct_conf_type.reference   ? 
# 
loop_
_struct_conn.id 
_struct_conn.conn_type_id 
_struct_conn.pdbx_leaving_atom_flag 
_struct_conn.pdbx_PDB_id 
_struct_conn.ptnr1_label_asym_id 
_struct_conn.ptnr1_label_comp_id 
_struct_conn.ptnr1_label_seq_id 
_struct_conn.ptnr1_label_atom_id 
_struct_conn.pdbx_ptnr1_label_alt_id 
_struct_conn.pdbx_ptnr1_PDB_ins_code 
_struct_conn.pdbx_ptnr1_standard_comp_id 
_struct_conn.ptnr1_symmetry 
_struct_conn.ptnr2_label_asym_id 
_struct_conn.ptnr2_label_comp_id 
_struct_conn.ptnr2_label_seq_id 
_struct_conn.ptnr2_label_atom_id 
_struct_conn.pdbx_ptnr2_label_alt_id 
_struct_conn.pdbx_ptnr2_PDB_ins_code 
_struct_conn.ptnr1_auth_asym_id 
_struct_conn.ptnr1_auth_comp_id 
_struct_conn.ptnr1_auth_seq_id 
_struct_conn.ptnr2_auth_asym_id 
_struct_conn.ptnr2_auth_comp_id 
_struct_conn.ptnr2_auth_seq_id 
_struct_conn.ptnr2_symmetry 
_struct_conn.pdbx_ptnr3_label_atom_id 
_struct_conn.pdbx_ptnr3_label_seq_id 
_struct_conn.pdbx_ptnr3_label_comp_id 
_struct_conn.pdbx_ptnr3_label_asym_id 
_struct_conn.pdbx_ptnr3_label_alt_id 
_struct_conn.pdbx_ptnr3_PDB_ins_code 
_struct_conn.details 
_struct_conn.pdbx_dist_value 
_struct_conn.pdbx_value_order 
_struct_conn.pdbx_role 
metalc1  metalc ? ? A CYS 24  O   ? ? ? 1_555 B CU1 . CU ? ? A CYS 24   A CU1 1130 1_555 ? ? ? ? ? ? ? 2.026 ? ? 
metalc2  metalc ? ? A CYS 24  SG  ? ? ? 1_555 B CU1 . CU ? ? A CYS 24   A CU1 1130 1_555 ? ? ? ? ? ? ? 2.219 ? ? 
metalc3  metalc ? ? A CYS 24  SG  ? ? ? 1_555 C CU1 . CU ? ? A CYS 24   A CU1 1131 1_555 ? ? ? ? ? ? ? 2.092 ? ? 
metalc4  metalc ? ? A CYS 28  SG  ? ? ? 1_555 B CU1 . CU ? ? A CYS 28   A CU1 1130 1_555 ? ? ? ? ? ? ? 2.165 ? ? 
metalc5  metalc ? ? A CYS 28  SG  ? ? ? 1_555 D CU1 . CU ? ? A CYS 28   A CU1 1132 1_555 ? ? ? ? ? ? ? 1.989 ? ? 
metalc6  metalc ? ? A CYS 31  SG  ? ? ? 1_555 H CU1 . CU ? ? A CYS 31   A CU1 1136 1_555 ? ? ? ? ? ? ? 2.028 ? ? 
metalc7  metalc ? ? A CYS 31  SG  ? ? ? 1_555 K CU1 . CU ? ? A CYS 31   A CU1 1139 1_555 ? ? ? ? ? ? ? 2.161 ? ? 
metalc8  metalc ? ? A CYS 31  O   ? ? ? 1_555 K CU1 . CU ? ? A CYS 31   A CU1 1139 1_555 ? ? ? ? ? ? ? 2.076 ? ? 
metalc9  metalc ? ? A CYS 35  SG  ? ? ? 1_555 K CU1 . CU ? ? A CYS 35   A CU1 1139 1_555 ? ? ? ? ? ? ? 2.206 ? ? 
metalc10 metalc ? ? A CYS 35  SG  ? ? ? 1_555 L CU1 . CU ? ? A CYS 35   A CU1 1140 1_555 ? ? ? ? ? ? ? 2.082 ? ? 
metalc11 metalc ? ? A CYS 38  SG  ? ? ? 1_555 P CU1 . CU ? ? A CYS 38   A CU1 1144 1_555 ? ? ? ? ? ? ? 2.283 ? ? 
metalc12 metalc ? ? A CYS 38  SG  ? ? ? 1_555 Q CU1 . CU ? ? A CYS 38   A CU1 1145 1_555 ? ? ? ? ? ? ? 2.014 ? ? 
metalc13 metalc ? ? A CYS 38  O   ? ? ? 1_555 Q CU1 . CU ? ? A CYS 38   A CU1 1145 1_555 ? ? ? ? ? ? ? 2.241 ? ? 
metalc14 metalc ? ? A CYS 42  SG  ? ? ? 1_555 Q CU1 . CU ? ? A CYS 42   A CU1 1145 1_555 ? ? ? ? ? ? ? 2.245 ? ? 
metalc15 metalc ? ? A CYS 42  SG  ? ? ? 1_555 R CU1 . CU ? ? A CYS 42   A CU1 1146 1_555 ? ? ? ? ? ? ? 2.006 ? ? 
metalc16 metalc ? ? A CYS 54  SG  ? ? ? 1_555 R CU1 . CU ? ? A CYS 54   A CU1 1146 1_555 ? ? ? ? ? ? ? 2.145 ? ? 
metalc17 metalc ? ? A CYS 54  SG  ? ? ? 1_555 T CU1 . CU ? ? A CYS 54   A CU1 1148 1_555 ? ? ? ? ? ? ? 2.372 ? ? 
metalc18 metalc ? ? A ASN 58  OD1 ? ? ? 1_555 N CU1 . CU ? ? A ASN 58   A CU1 1142 1_555 ? ? ? ? ? ? ? 2.366 ? ? 
metalc19 metalc ? ? A CYS 61  O   ? ? ? 1_555 I CU1 . CU ? ? A CYS 61   A CU1 1137 1_555 ? ? ? ? ? ? ? 2.345 ? ? 
metalc20 metalc ? ? A CYS 61  SG  ? ? ? 1_555 I CU1 . CU ? ? A CYS 61   A CU1 1137 1_555 ? ? ? ? ? ? ? 2.032 ? ? 
metalc21 metalc ? ? A CYS 61  SG  ? ? ? 1_555 J CU1 . CU ? ? A CYS 61   A CU1 1138 1_555 ? ? ? ? ? ? ? 2.186 ? ? 
metalc22 metalc ? ? A CYS 65  SG  ? ? ? 1_555 F CU1 . CU ? ? A CYS 65   A CU1 1134 1_555 ? ? ? ? ? ? ? 2.175 ? ? 
metalc23 metalc ? ? A CYS 65  SG  ? ? ? 1_555 I CU1 . CU ? ? A CYS 65   A CU1 1137 1_555 ? ? ? ? ? ? ? 2.157 ? ? 
metalc24 metalc ? ? A CYS 90  SG  ? ? ? 1_555 D CU1 . CU ? ? A CYS 90   A CU1 1132 1_555 ? ? ? ? ? ? ? 2.181 ? ? 
metalc25 metalc ? ? A CYS 90  O   ? ? ? 1_555 G CU1 . CU ? ? A CYS 90   A CU1 1135 1_555 ? ? ? ? ? ? ? 2.155 ? ? 
metalc26 metalc ? ? A CYS 90  SG  ? ? ? 1_555 G CU1 . CU ? ? A CYS 90   A CU1 1135 1_555 ? ? ? ? ? ? ? 2.147 ? ? 
metalc27 metalc ? ? A CYS 94  SG  ? ? ? 1_555 G CU1 . CU ? ? A CYS 94   A CU1 1135 1_555 ? ? ? ? ? ? ? 2.148 ? ? 
metalc28 metalc ? ? A CYS 94  SG  ? ? ? 1_555 H CU1 . CU ? ? A CYS 94   A CU1 1136 1_555 ? ? ? ? ? ? ? 2.076 ? ? 
metalc29 metalc ? ? A CYS 97  SG  ? ? ? 1_555 L CU1 . CU ? ? A CYS 97   A CU1 1140 1_555 ? ? ? ? ? ? ? 2.114 ? ? 
metalc30 metalc ? ? A CYS 97  O   ? ? ? 1_555 O CU1 . CU ? ? A CYS 97   A CU1 1143 1_555 ? ? ? ? ? ? ? 2.244 ? ? 
metalc31 metalc ? ? A CYS 97  SG  ? ? ? 1_555 O CU1 . CU ? ? A CYS 97   A CU1 1143 1_555 ? ? ? ? ? ? ? 2.246 ? ? 
metalc32 metalc ? ? A CYS 101 SG  ? ? ? 1_555 N CU1 . CU ? ? A CYS 101  A CU1 1142 1_555 ? ? ? ? ? ? ? 2.224 ? ? 
metalc33 metalc ? ? A CYS 101 SG  ? ? ? 1_555 O CU1 . CU ? ? A CYS 101  A CU1 1143 1_555 ? ? ? ? ? ? ? 2.375 ? ? 
metalc34 metalc ? ? A CYS 101 SG  ? ? ? 1_555 P CU1 . CU ? ? A CYS 101  A CU1 1144 1_555 ? ? ? ? ? ? ? 1.961 ? ? 
metalc35 metalc ? ? A HIS 104 ND1 ? ? ? 1_555 T CU1 . CU ? ? A HIS 104  A CU1 1148 1_555 ? ? ? ? ? ? ? 2.286 ? ? 
metalc36 metalc ? ? A HIS 110 ND1 ? ? ? 1_555 S CU1 . CU ? ? A HIS 110  A CU1 1147 1_555 ? ? ? ? ? ? ? 2.090 ? ? 
metalc37 metalc ? ? A CYS 111 SG  ? ? ? 1_555 P CU1 . CU ? ? A CYS 111  A CU1 1144 1_555 ? ? ? ? ? ? ? 2.438 ? ? 
metalc38 metalc ? ? A CYS 111 SG  ? ? ? 1_555 S CU1 . CU ? ? A CYS 111  A CU1 1147 1_555 ? ? ? ? ? ? ? 2.052 ? ? 
metalc39 metalc ? ? A CYS 111 SG  ? ? ? 1_555 T CU1 . CU ? ? A CYS 111  A CU1 1148 1_555 ? ? ? ? ? ? ? 2.195 ? ? 
metalc40 metalc ? ? A CYS 114 O   ? ? ? 1_555 M CU1 . CU ? ? A CYS 114  A CU1 1141 1_555 ? ? ? ? ? ? ? 2.404 ? ? 
metalc41 metalc ? ? A CYS 114 SG  ? ? ? 1_555 M CU1 . CU ? ? A CYS 114  A CU1 1141 1_555 ? ? ? ? ? ? ? 1.850 ? ? 
metalc42 metalc ? ? A CYS 114 SG  ? ? ? 1_555 N CU1 . CU ? ? A CYS 114  A CU1 1142 1_555 ? ? ? ? ? ? ? 2.171 ? ? 
metalc43 metalc ? ? A CYS 118 SG  ? ? ? 1_555 J CU1 . CU ? ? A CYS 118  A CU1 1138 1_555 ? ? ? ? ? ? ? 2.353 ? ? 
metalc44 metalc ? ? A CYS 118 SG  ? ? ? 1_555 M CU1 . CU ? ? A CYS 118  A CU1 1141 1_555 ? ? ? ? ? ? ? 2.032 ? ? 
metalc45 metalc ? ? A CYS 121 O   ? ? ? 1_555 E CU1 . CU ? ? A CYS 121  A CU1 1133 1_555 ? ? ? ? ? ? ? 2.349 ? ? 
metalc46 metalc ? ? A CYS 121 SG  ? ? ? 1_555 E CU1 . CU ? ? A CYS 121  A CU1 1133 1_555 ? ? ? ? ? ? ? 2.118 ? ? 
metalc47 metalc ? ? A CYS 121 SG  ? ? ? 1_555 F CU1 . CU ? ? A CYS 121  A CU1 1134 1_555 ? ? ? ? ? ? ? 2.180 ? ? 
metalc48 metalc ? ? A CYS 125 SG  ? ? ? 1_555 C CU1 . CU ? ? A CYS 125  A CU1 1131 1_555 ? ? ? ? ? ? ? 2.146 ? ? 
metalc49 metalc ? ? A CYS 125 SG  ? ? ? 1_555 E CU1 . CU ? ? A CYS 125  A CU1 1133 1_555 ? ? ? ? ? ? ? 2.127 ? ? 
metalc50 metalc ? ? B CU1 .   CU  ? ? ? 1_555 C CU1 . CU ? ? A CU1 1130 A CU1 1131 1_555 ? ? ? ? ? ? ? 2.509 ? ? 
metalc51 metalc ? ? D CU1 .   CU  ? ? ? 1_555 F CU1 . CU ? ? A CU1 1132 A CU1 1134 1_555 ? ? ? ? ? ? ? 2.675 ? ? 
metalc52 metalc ? ? F CU1 .   CU  ? ? ? 1_555 G CU1 . CU ? ? A CU1 1134 A CU1 1135 1_555 ? ? ? ? ? ? ? 2.702 ? ? 
metalc53 metalc ? ? F CU1 .   CU  ? ? ? 1_555 H CU1 . CU ? ? A CU1 1134 A CU1 1136 1_555 ? ? ? ? ? ? ? 2.774 ? ? 
metalc54 metalc ? ? H CU1 .   CU  ? ? ? 1_555 I CU1 . CU ? ? A CU1 1136 A CU1 1137 1_555 ? ? ? ? ? ? ? 2.653 ? ? 
metalc55 metalc ? ? H CU1 .   CU  ? ? ? 1_555 J CU1 . CU ? ? A CU1 1136 A CU1 1138 1_555 ? ? ? ? ? ? ? 2.772 ? ? 
metalc56 metalc ? ? J CU1 .   CU  ? ? ? 1_555 K CU1 . CU ? ? A CU1 1138 A CU1 1139 1_555 ? ? ? ? ? ? ? 2.545 ? ? 
metalc57 metalc ? ? J CU1 .   CU  ? ? ? 1_555 L CU1 . CU ? ? A CU1 1138 A CU1 1140 1_555 ? ? ? ? ? ? ? 2.784 ? ? 
metalc58 metalc ? ? M CU1 .   CU  ? ? ? 1_555 N CU1 . CU ? ? A CU1 1141 A CU1 1142 1_555 ? ? ? ? ? ? ? 2.795 ? ? 
metalc59 metalc ? ? N CU1 .   CU  ? ? ? 1_555 O CU1 . CU ? ? A CU1 1142 A CU1 1143 1_555 ? ? ? ? ? ? ? 2.527 ? ? 
metalc60 metalc ? ? N CU1 .   CU  ? ? ? 1_555 P CU1 . CU ? ? A CU1 1142 A CU1 1144 1_555 ? ? ? ? ? ? ? 2.752 ? ? 
metalc61 metalc ? ? Q CU1 .   CU  ? ? ? 1_555 S CU1 . CU ? ? A CU1 1145 A CU1 1147 1_555 ? ? ? ? ? ? ? 2.728 ? ? 
metalc62 metalc ? ? R CU1 .   CU  ? ? ? 1_555 T CU1 . CU ? ? A CU1 1146 A CU1 1148 1_555 ? ? ? ? ? ? ? 2.542 ? ? 
# 
_struct_conn_type.id          metalc 
_struct_conn_type.criteria    ? 
_struct_conn_type.reference   ? 
# 
loop_
_pdbx_struct_conn_angle.id 
_pdbx_struct_conn_angle.ptnr1_label_atom_id 
_pdbx_struct_conn_angle.ptnr1_label_alt_id 
_pdbx_struct_conn_angle.ptnr1_label_asym_id 
_pdbx_struct_conn_angle.ptnr1_label_comp_id 
_pdbx_struct_conn_angle.ptnr1_label_seq_id 
_pdbx_struct_conn_angle.ptnr1_auth_atom_id 
_pdbx_struct_conn_angle.ptnr1_auth_asym_id 
_pdbx_struct_conn_angle.ptnr1_auth_comp_id 
_pdbx_struct_conn_angle.ptnr1_auth_seq_id 
_pdbx_struct_conn_angle.ptnr1_PDB_ins_code 
_pdbx_struct_conn_angle.ptnr1_symmetry 
_pdbx_struct_conn_angle.ptnr2_label_atom_id 
_pdbx_struct_conn_angle.ptnr2_label_alt_id 
_pdbx_struct_conn_angle.ptnr2_label_asym_id 
_pdbx_struct_conn_angle.ptnr2_label_comp_id 
_pdbx_struct_conn_angle.ptnr2_label_seq_id 
_pdbx_struct_conn_angle.ptnr2_auth_atom_id 
_pdbx_struct_conn_angle.ptnr2_auth_asym_id 
_pdbx_struct_conn_angle.ptnr2_auth_comp_id 
_pdbx_struct_conn_angle.ptnr2_auth_seq_id 
_pdbx_struct_conn_angle.ptnr2_PDB_ins_code 
_pdbx_struct_conn_angle.ptnr2_symmetry 
_pdbx_struct_conn_angle.ptnr3_label_atom_id 
_pdbx_struct_conn_angle.ptnr3_label_alt_id 
_pdbx_struct_conn_angle.ptnr3_label_asym_id 
_pdbx_struct_conn_angle.ptnr3_label_comp_id 
_pdbx_struct_conn_angle.ptnr3_label_seq_id 
_pdbx_struct_conn_angle.ptnr3_auth_atom_id 
_pdbx_struct_conn_angle.ptnr3_auth_asym_id 
_pdbx_struct_conn_angle.ptnr3_auth_comp_id 
_pdbx_struct_conn_angle.ptnr3_auth_seq_id 
_pdbx_struct_conn_angle.ptnr3_PDB_ins_code 
_pdbx_struct_conn_angle.ptnr3_symmetry 
_pdbx_struct_conn_angle.value 
_pdbx_struct_conn_angle.value_esd 
1  O   ? A CYS 24  ? A CYS 24   ? 1_555 CU ? B CU1 . ? A CU1 1130 ? 1_555 SG  ? A CYS 24  ? A CYS 24   ? 1_555 109.0 ? 
2  O   ? A CYS 24  ? A CYS 24   ? 1_555 CU ? B CU1 . ? A CU1 1130 ? 1_555 SG  ? A CYS 28  ? A CYS 28   ? 1_555 117.6 ? 
3  SG  ? A CYS 24  ? A CYS 24   ? 1_555 CU ? B CU1 . ? A CU1 1130 ? 1_555 SG  ? A CYS 28  ? A CYS 28   ? 1_555 133.4 ? 
4  O   ? A CYS 24  ? A CYS 24   ? 1_555 CU ? B CU1 . ? A CU1 1130 ? 1_555 CU  ? C CU1 .   ? A CU1 1131 ? 1_555 125.6 ? 
5  SG  ? A CYS 24  ? A CYS 24   ? 1_555 CU ? B CU1 . ? A CU1 1130 ? 1_555 CU  ? C CU1 .   ? A CU1 1131 ? 1_555 52.1  ? 
6  SG  ? A CYS 28  ? A CYS 28   ? 1_555 CU ? B CU1 . ? A CU1 1130 ? 1_555 CU  ? C CU1 .   ? A CU1 1131 ? 1_555 97.4  ? 
7  SG  ? A CYS 24  ? A CYS 24   ? 1_555 CU ? C CU1 . ? A CU1 1131 ? 1_555 SG  ? A CYS 125 ? A CYS 125  ? 1_555 165.4 ? 
8  SG  ? A CYS 28  ? A CYS 28   ? 1_555 CU ? D CU1 . ? A CU1 1132 ? 1_555 SG  ? A CYS 90  ? A CYS 90   ? 1_555 154.3 ? 
9  SG  ? A CYS 28  ? A CYS 28   ? 1_555 CU ? D CU1 . ? A CU1 1132 ? 1_555 CU  ? F CU1 .   ? A CU1 1134 ? 1_555 115.5 ? 
10 SG  ? A CYS 90  ? A CYS 90   ? 1_555 CU ? D CU1 . ? A CU1 1132 ? 1_555 CU  ? F CU1 .   ? A CU1 1134 ? 1_555 88.9  ? 
11 SG  ? A CYS 31  ? A CYS 31   ? 1_555 CU ? H CU1 . ? A CU1 1136 ? 1_555 SG  ? A CYS 94  ? A CYS 94   ? 1_555 149.3 ? 
12 SG  ? A CYS 31  ? A CYS 31   ? 1_555 CU ? H CU1 . ? A CU1 1136 ? 1_555 CU  ? I CU1 .   ? A CU1 1137 ? 1_555 111.3 ? 
13 SG  ? A CYS 94  ? A CYS 94   ? 1_555 CU ? H CU1 . ? A CU1 1136 ? 1_555 CU  ? I CU1 .   ? A CU1 1137 ? 1_555 99.0  ? 
14 SG  ? A CYS 31  ? A CYS 31   ? 1_555 CU ? H CU1 . ? A CU1 1136 ? 1_555 CU  ? J CU1 .   ? A CU1 1138 ? 1_555 79.6  ? 
15 SG  ? A CYS 94  ? A CYS 94   ? 1_555 CU ? H CU1 . ? A CU1 1136 ? 1_555 CU  ? J CU1 .   ? A CU1 1138 ? 1_555 115.4 ? 
16 CU  ? I CU1 .   ? A CU1 1137 ? 1_555 CU ? H CU1 . ? A CU1 1136 ? 1_555 CU  ? J CU1 .   ? A CU1 1138 ? 1_555 72.3  ? 
17 SG  ? A CYS 31  ? A CYS 31   ? 1_555 CU ? K CU1 . ? A CU1 1139 ? 1_555 O   ? A CYS 31  ? A CYS 31   ? 1_555 107.1 ? 
18 SG  ? A CYS 31  ? A CYS 31   ? 1_555 CU ? K CU1 . ? A CU1 1139 ? 1_555 SG  ? A CYS 35  ? A CYS 35   ? 1_555 145.5 ? 
19 O   ? A CYS 31  ? A CYS 31   ? 1_555 CU ? K CU1 . ? A CU1 1139 ? 1_555 SG  ? A CYS 35  ? A CYS 35   ? 1_555 106.8 ? 
20 SG  ? A CYS 35  ? A CYS 35   ? 1_555 CU ? L CU1 . ? A CU1 1140 ? 1_555 SG  ? A CYS 97  ? A CYS 97   ? 1_555 167.1 ? 
21 SG  ? A CYS 38  ? A CYS 38   ? 1_555 CU ? P CU1 . ? A CU1 1144 ? 1_555 SG  ? A CYS 101 ? A CYS 101  ? 1_555 152.7 ? 
22 SG  ? A CYS 38  ? A CYS 38   ? 1_555 CU ? P CU1 . ? A CU1 1144 ? 1_555 SG  ? A CYS 111 ? A CYS 111  ? 1_555 96.6  ? 
23 SG  ? A CYS 101 ? A CYS 101  ? 1_555 CU ? P CU1 . ? A CU1 1144 ? 1_555 SG  ? A CYS 111 ? A CYS 111  ? 1_555 110.4 ? 
24 SG  ? A CYS 38  ? A CYS 38   ? 1_555 CU ? Q CU1 . ? A CU1 1145 ? 1_555 O   ? A CYS 38  ? A CYS 38   ? 1_555 109.6 ? 
25 SG  ? A CYS 38  ? A CYS 38   ? 1_555 CU ? Q CU1 . ? A CU1 1145 ? 1_555 SG  ? A CYS 42  ? A CYS 42   ? 1_555 148.5 ? 
26 O   ? A CYS 38  ? A CYS 38   ? 1_555 CU ? Q CU1 . ? A CU1 1145 ? 1_555 SG  ? A CYS 42  ? A CYS 42   ? 1_555 101.2 ? 
27 SG  ? A CYS 38  ? A CYS 38   ? 1_555 CU ? Q CU1 . ? A CU1 1145 ? 1_555 CU  ? S CU1 .   ? A CU1 1147 ? 1_555 72.6  ? 
28 O   ? A CYS 38  ? A CYS 38   ? 1_555 CU ? Q CU1 . ? A CU1 1145 ? 1_555 CU  ? S CU1 .   ? A CU1 1147 ? 1_555 145.0 ? 
29 SG  ? A CYS 42  ? A CYS 42   ? 1_555 CU ? Q CU1 . ? A CU1 1145 ? 1_555 CU  ? S CU1 .   ? A CU1 1147 ? 1_555 78.7  ? 
30 SG  ? A CYS 42  ? A CYS 42   ? 1_555 CU ? R CU1 . ? A CU1 1146 ? 1_555 SG  ? A CYS 54  ? A CYS 54   ? 1_555 176.9 ? 
31 SG  ? A CYS 42  ? A CYS 42   ? 1_555 CU ? R CU1 . ? A CU1 1146 ? 1_555 CU  ? T CU1 .   ? A CU1 1148 ? 1_555 116.9 ? 
32 SG  ? A CYS 54  ? A CYS 54   ? 1_555 CU ? R CU1 . ? A CU1 1146 ? 1_555 CU  ? T CU1 .   ? A CU1 1148 ? 1_555 60.1  ? 
33 SG  ? A CYS 54  ? A CYS 54   ? 1_555 CU ? T CU1 . ? A CU1 1148 ? 1_555 ND1 ? A HIS 104 ? A HIS 104  ? 1_555 104.6 ? 
34 SG  ? A CYS 54  ? A CYS 54   ? 1_555 CU ? T CU1 . ? A CU1 1148 ? 1_555 SG  ? A CYS 111 ? A CYS 111  ? 1_555 120.6 ? 
35 ND1 ? A HIS 104 ? A HIS 104  ? 1_555 CU ? T CU1 . ? A CU1 1148 ? 1_555 SG  ? A CYS 111 ? A CYS 111  ? 1_555 134.7 ? 
36 OD1 ? A ASN 58  ? A ASN 58   ? 1_555 CU ? N CU1 . ? A CU1 1142 ? 1_555 SG  ? A CYS 101 ? A CYS 101  ? 1_555 109.0 ? 
37 OD1 ? A ASN 58  ? A ASN 58   ? 1_555 CU ? N CU1 . ? A CU1 1142 ? 1_555 SG  ? A CYS 114 ? A CYS 114  ? 1_555 102.6 ? 
38 SG  ? A CYS 101 ? A CYS 101  ? 1_555 CU ? N CU1 . ? A CU1 1142 ? 1_555 SG  ? A CYS 114 ? A CYS 114  ? 1_555 147.7 ? 
39 OD1 ? A ASN 58  ? A ASN 58   ? 1_555 CU ? N CU1 . ? A CU1 1142 ? 1_555 CU  ? O CU1 .   ? A CU1 1143 ? 1_555 86.8  ? 
40 SG  ? A CYS 101 ? A CYS 101  ? 1_555 CU ? N CU1 . ? A CU1 1142 ? 1_555 CU  ? O CU1 .   ? A CU1 1143 ? 1_555 59.6  ? 
41 SG  ? A CYS 114 ? A CYS 114  ? 1_555 CU ? N CU1 . ? A CU1 1142 ? 1_555 CU  ? O CU1 .   ? A CU1 1143 ? 1_555 130.3 ? 
42 OD1 ? A ASN 58  ? A ASN 58   ? 1_555 CU ? N CU1 . ? A CU1 1142 ? 1_555 CU  ? P CU1 .   ? A CU1 1144 ? 1_555 100.2 ? 
43 SG  ? A CYS 101 ? A CYS 101  ? 1_555 CU ? N CU1 . ? A CU1 1142 ? 1_555 CU  ? P CU1 .   ? A CU1 1144 ? 1_555 44.9  ? 
44 SG  ? A CYS 114 ? A CYS 114  ? 1_555 CU ? N CU1 . ? A CU1 1142 ? 1_555 CU  ? P CU1 .   ? A CU1 1144 ? 1_555 123.1 ? 
45 CU  ? O CU1 .   ? A CU1 1143 ? 1_555 CU ? N CU1 . ? A CU1 1142 ? 1_555 CU  ? P CU1 .   ? A CU1 1144 ? 1_555 102.3 ? 
46 O   ? A CYS 61  ? A CYS 61   ? 1_555 CU ? I CU1 . ? A CU1 1137 ? 1_555 SG  ? A CYS 61  ? A CYS 61   ? 1_555 106.5 ? 
47 O   ? A CYS 61  ? A CYS 61   ? 1_555 CU ? I CU1 . ? A CU1 1137 ? 1_555 SG  ? A CYS 65  ? A CYS 65   ? 1_555 89.7  ? 
48 SG  ? A CYS 61  ? A CYS 61   ? 1_555 CU ? I CU1 . ? A CU1 1137 ? 1_555 SG  ? A CYS 65  ? A CYS 65   ? 1_555 159.3 ? 
49 SG  ? A CYS 61  ? A CYS 61   ? 1_555 CU ? J CU1 . ? A CU1 1138 ? 1_555 SG  ? A CYS 118 ? A CYS 118  ? 1_555 147.3 ? 
50 SG  ? A CYS 61  ? A CYS 61   ? 1_555 CU ? J CU1 . ? A CU1 1138 ? 1_555 CU  ? K CU1 .   ? A CU1 1139 ? 1_555 114.9 ? 
51 SG  ? A CYS 118 ? A CYS 118  ? 1_555 CU ? J CU1 . ? A CU1 1138 ? 1_555 CU  ? K CU1 .   ? A CU1 1139 ? 1_555 97.7  ? 
52 SG  ? A CYS 61  ? A CYS 61   ? 1_555 CU ? J CU1 . ? A CU1 1138 ? 1_555 CU  ? L CU1 .   ? A CU1 1140 ? 1_555 104.2 ? 
53 SG  ? A CYS 118 ? A CYS 118  ? 1_555 CU ? J CU1 . ? A CU1 1138 ? 1_555 CU  ? L CU1 .   ? A CU1 1140 ? 1_555 73.9  ? 
54 CU  ? K CU1 .   ? A CU1 1139 ? 1_555 CU ? J CU1 . ? A CU1 1138 ? 1_555 CU  ? L CU1 .   ? A CU1 1140 ? 1_555 94.0  ? 
55 SG  ? A CYS 65  ? A CYS 65   ? 1_555 CU ? F CU1 . ? A CU1 1134 ? 1_555 SG  ? A CYS 121 ? A CYS 121  ? 1_555 163.9 ? 
56 SG  ? A CYS 65  ? A CYS 65   ? 1_555 CU ? F CU1 . ? A CU1 1134 ? 1_555 CU  ? G CU1 .   ? A CU1 1135 ? 1_555 84.4  ? 
57 SG  ? A CYS 121 ? A CYS 121  ? 1_555 CU ? F CU1 . ? A CU1 1134 ? 1_555 CU  ? G CU1 .   ? A CU1 1135 ? 1_555 110.9 ? 
58 SG  ? A CYS 65  ? A CYS 65   ? 1_555 CU ? F CU1 . ? A CU1 1134 ? 1_555 CU  ? H CU1 .   ? A CU1 1136 ? 1_555 80.1  ? 
59 SG  ? A CYS 121 ? A CYS 121  ? 1_555 CU ? F CU1 . ? A CU1 1134 ? 1_555 CU  ? H CU1 .   ? A CU1 1136 ? 1_555 106.5 ? 
60 CU  ? G CU1 .   ? A CU1 1135 ? 1_555 CU ? F CU1 . ? A CU1 1134 ? 1_555 CU  ? H CU1 .   ? A CU1 1136 ? 1_555 81.4  ? 
61 O   ? A CYS 90  ? A CYS 90   ? 1_555 CU ? G CU1 . ? A CU1 1135 ? 1_555 SG  ? A CYS 90  ? A CYS 90   ? 1_555 91.6  ? 
62 O   ? A CYS 90  ? A CYS 90   ? 1_555 CU ? G CU1 . ? A CU1 1135 ? 1_555 SG  ? A CYS 94  ? A CYS 94   ? 1_555 107.1 ? 
63 SG  ? A CYS 90  ? A CYS 90   ? 1_555 CU ? G CU1 . ? A CU1 1135 ? 1_555 SG  ? A CYS 94  ? A CYS 94   ? 1_555 159.3 ? 
64 O   ? A CYS 97  ? A CYS 97   ? 1_555 CU ? O CU1 . ? A CU1 1143 ? 1_555 SG  ? A CYS 97  ? A CYS 97   ? 1_555 98.1  ? 
65 O   ? A CYS 97  ? A CYS 97   ? 1_555 CU ? O CU1 . ? A CU1 1143 ? 1_555 SG  ? A CYS 101 ? A CYS 101  ? 1_555 109.2 ? 
66 SG  ? A CYS 97  ? A CYS 97   ? 1_555 CU ? O CU1 . ? A CU1 1143 ? 1_555 SG  ? A CYS 101 ? A CYS 101  ? 1_555 150.0 ? 
67 ND1 ? A HIS 110 ? A HIS 110  ? 1_555 CU ? S CU1 . ? A CU1 1147 ? 1_555 SG  ? A CYS 111 ? A CYS 111  ? 1_555 165.1 ? 
68 O   ? A CYS 114 ? A CYS 114  ? 1_555 CU ? M CU1 . ? A CU1 1141 ? 1_555 SG  ? A CYS 114 ? A CYS 114  ? 1_555 93.6  ? 
69 O   ? A CYS 114 ? A CYS 114  ? 1_555 CU ? M CU1 . ? A CU1 1141 ? 1_555 SG  ? A CYS 118 ? A CYS 118  ? 1_555 102.7 ? 
70 SG  ? A CYS 114 ? A CYS 114  ? 1_555 CU ? M CU1 . ? A CU1 1141 ? 1_555 SG  ? A CYS 118 ? A CYS 118  ? 1_555 161.7 ? 
71 O   ? A CYS 114 ? A CYS 114  ? 1_555 CU ? M CU1 . ? A CU1 1141 ? 1_555 CU  ? N CU1 .   ? A CU1 1142 ? 1_555 114.8 ? 
72 SG  ? A CYS 114 ? A CYS 114  ? 1_555 CU ? M CU1 . ? A CU1 1141 ? 1_555 CU  ? N CU1 .   ? A CU1 1142 ? 1_555 50.9  ? 
73 SG  ? A CYS 118 ? A CYS 118  ? 1_555 CU ? M CU1 . ? A CU1 1141 ? 1_555 CU  ? N CU1 .   ? A CU1 1142 ? 1_555 126.0 ? 
74 O   ? A CYS 121 ? A CYS 121  ? 1_555 CU ? E CU1 . ? A CU1 1133 ? 1_555 SG  ? A CYS 121 ? A CYS 121  ? 1_555 101.5 ? 
75 O   ? A CYS 121 ? A CYS 121  ? 1_555 CU ? E CU1 . ? A CU1 1133 ? 1_555 SG  ? A CYS 125 ? A CYS 125  ? 1_555 95.3  ? 
76 SG  ? A CYS 121 ? A CYS 121  ? 1_555 CU ? E CU1 . ? A CU1 1133 ? 1_555 SG  ? A CYS 125 ? A CYS 125  ? 1_555 162.7 ? 
# 
loop_
_struct_site.id 
_struct_site.pdbx_evidence_code 
_struct_site.pdbx_auth_asym_id 
_struct_site.pdbx_auth_comp_id 
_struct_site.pdbx_auth_seq_id 
_struct_site.pdbx_auth_ins_code 
_struct_site.pdbx_num_residues 
_struct_site.details 
AC1 Software A CU1 1130 ? 5  'BINDING SITE FOR RESIDUE CU1 A 1130' 
AC2 Software A CU1 1131 ? 5  'BINDING SITE FOR RESIDUE CU1 A 1131' 
AC3 Software A CU1 1132 ? 9  'BINDING SITE FOR RESIDUE CU1 A 1132' 
AC4 Software A CU1 1133 ? 6  'BINDING SITE FOR RESIDUE CU1 A 1133' 
AC5 Software A CU1 1134 ? 10 'BINDING SITE FOR RESIDUE CU1 A 1134' 
AC6 Software A CU1 1135 ? 7  'BINDING SITE FOR RESIDUE CU1 A 1135' 
AC7 Software A CU1 1136 ? 9  'BINDING SITE FOR RESIDUE CU1 A 1136' 
AC8 Software A CU1 1137 ? 6  'BINDING SITE FOR RESIDUE CU1 A 1137' 
AC9 Software A CU1 1138 ? 9  'BINDING SITE FOR RESIDUE CU1 A 1138' 
BC1 Software A CU1 1139 ? 5  'BINDING SITE FOR RESIDUE CU1 A 1139' 
BC2 Software A CU1 1140 ? 10 'BINDING SITE FOR RESIDUE CU1 A 1140' 
BC3 Software A CU1 1141 ? 6  'BINDING SITE FOR RESIDUE CU1 A 1141' 
BC4 Software A CU1 1142 ? 7  'BINDING SITE FOR RESIDUE CU1 A 1142' 
BC5 Software A CU1 1143 ? 5  'BINDING SITE FOR RESIDUE CU1 A 1143' 
BC6 Software A CU1 1144 ? 10 'BINDING SITE FOR RESIDUE CU1 A 1144' 
BC7 Software A CU1 1145 ? 7  'BINDING SITE FOR RESIDUE CU1 A 1145' 
BC8 Software A CU1 1146 ? 7  'BINDING SITE FOR RESIDUE CU1 A 1146' 
BC9 Software A CU1 1147 ? 6  'BINDING SITE FOR RESIDUE CU1 A 1147' 
CC1 Software A CU1 1148 ? 5  'BINDING SITE FOR RESIDUE CU1 A 1148' 
# 
loop_
_struct_site_gen.id 
_struct_site_gen.site_id 
_struct_site_gen.pdbx_num_res 
_struct_site_gen.label_comp_id 
_struct_site_gen.label_asym_id 
_struct_site_gen.label_seq_id 
_struct_site_gen.pdbx_auth_ins_code 
_struct_site_gen.auth_comp_id 
_struct_site_gen.auth_asym_id 
_struct_site_gen.auth_seq_id 
_struct_site_gen.label_atom_id 
_struct_site_gen.label_alt_id 
_struct_site_gen.symmetry 
_struct_site_gen.details 
1   AC1 5  CYS A 24  ? CYS A 24   . ? 1_555 ? 
2   AC1 5  VAL A 25  ? VAL A 25   . ? 1_555 ? 
3   AC1 5  CYS A 28  ? CYS A 28   . ? 1_555 ? 
4   AC1 5  CU1 C .   ? CU1 A 1131 . ? 1_555 ? 
5   AC1 5  CU1 D .   ? CU1 A 1132 . ? 1_555 ? 
6   AC2 5  CYS A 24  ? CYS A 24   . ? 1_555 ? 
7   AC2 5  CYS A 28  ? CYS A 28   . ? 1_555 ? 
8   AC2 5  CYS A 125 ? CYS A 125  . ? 1_555 ? 
9   AC2 5  CU1 B .   ? CU1 A 1130 . ? 1_555 ? 
10  AC2 5  CU1 E .   ? CU1 A 1133 . ? 1_555 ? 
11  AC3 9  CYS A 28  ? CYS A 28   . ? 1_555 ? 
12  AC3 9  CYS A 65  ? CYS A 65   . ? 1_555 ? 
13  AC3 9  CYS A 90  ? CYS A 90   . ? 1_555 ? 
14  AC3 9  CYS A 121 ? CYS A 121  . ? 1_555 ? 
15  AC3 9  CYS A 125 ? CYS A 125  . ? 1_555 ? 
16  AC3 9  CU1 B .   ? CU1 A 1130 . ? 1_555 ? 
17  AC3 9  CU1 E .   ? CU1 A 1133 . ? 1_555 ? 
18  AC3 9  CU1 F .   ? CU1 A 1134 . ? 1_555 ? 
19  AC3 9  CU1 G .   ? CU1 A 1135 . ? 1_555 ? 
20  AC4 6  CYS A 121 ? CYS A 121  . ? 1_555 ? 
21  AC4 6  CYS A 125 ? CYS A 125  . ? 1_555 ? 
22  AC4 6  CU1 C .   ? CU1 A 1131 . ? 1_555 ? 
23  AC4 6  CU1 D .   ? CU1 A 1132 . ? 1_555 ? 
24  AC4 6  CU1 F .   ? CU1 A 1134 . ? 1_555 ? 
25  AC4 6  CU1 G .   ? CU1 A 1135 . ? 1_555 ? 
26  AC5 10 CYS A 31  ? CYS A 31   . ? 1_555 ? 
27  AC5 10 CYS A 65  ? CYS A 65   . ? 1_555 ? 
28  AC5 10 CYS A 90  ? CYS A 90   . ? 1_555 ? 
29  AC5 10 CYS A 94  ? CYS A 94   . ? 1_555 ? 
30  AC5 10 CYS A 121 ? CYS A 121  . ? 1_555 ? 
31  AC5 10 CU1 D .   ? CU1 A 1132 . ? 1_555 ? 
32  AC5 10 CU1 E .   ? CU1 A 1133 . ? 1_555 ? 
33  AC5 10 CU1 G .   ? CU1 A 1135 . ? 1_555 ? 
34  AC5 10 CU1 H .   ? CU1 A 1136 . ? 1_555 ? 
35  AC5 10 CU1 I .   ? CU1 A 1137 . ? 1_555 ? 
36  AC6 7  CYS A 65  ? CYS A 65   . ? 1_555 ? 
37  AC6 7  CYS A 90  ? CYS A 90   . ? 1_555 ? 
38  AC6 7  CYS A 94  ? CYS A 94   . ? 1_555 ? 
39  AC6 7  CU1 D .   ? CU1 A 1132 . ? 1_555 ? 
40  AC6 7  CU1 E .   ? CU1 A 1133 . ? 1_555 ? 
41  AC6 7  CU1 F .   ? CU1 A 1134 . ? 1_555 ? 
42  AC6 7  CU1 H .   ? CU1 A 1136 . ? 1_555 ? 
43  AC7 9  CYS A 31  ? CYS A 31   . ? 1_555 ? 
44  AC7 9  CYS A 61  ? CYS A 61   . ? 1_555 ? 
45  AC7 9  CYS A 65  ? CYS A 65   . ? 1_555 ? 
46  AC7 9  CYS A 94  ? CYS A 94   . ? 1_555 ? 
47  AC7 9  CU1 F .   ? CU1 A 1134 . ? 1_555 ? 
48  AC7 9  CU1 G .   ? CU1 A 1135 . ? 1_555 ? 
49  AC7 9  CU1 I .   ? CU1 A 1137 . ? 1_555 ? 
50  AC7 9  CU1 J .   ? CU1 A 1138 . ? 1_555 ? 
51  AC7 9  CU1 K .   ? CU1 A 1139 . ? 1_555 ? 
52  AC8 6  CYS A 61  ? CYS A 61   . ? 1_555 ? 
53  AC8 6  CYS A 65  ? CYS A 65   . ? 1_555 ? 
54  AC8 6  CYS A 94  ? CYS A 94   . ? 1_555 ? 
55  AC8 6  CU1 F .   ? CU1 A 1134 . ? 1_555 ? 
56  AC8 6  CU1 H .   ? CU1 A 1136 . ? 1_555 ? 
57  AC8 6  CU1 J .   ? CU1 A 1138 . ? 1_555 ? 
58  AC9 9  CYS A 31  ? CYS A 31   . ? 1_555 ? 
59  AC9 9  CYS A 35  ? CYS A 35   . ? 1_555 ? 
60  AC9 9  CYS A 61  ? CYS A 61   . ? 1_555 ? 
61  AC9 9  CYS A 118 ? CYS A 118  . ? 1_555 ? 
62  AC9 9  CU1 H .   ? CU1 A 1136 . ? 1_555 ? 
63  AC9 9  CU1 I .   ? CU1 A 1137 . ? 1_555 ? 
64  AC9 9  CU1 K .   ? CU1 A 1139 . ? 1_555 ? 
65  AC9 9  CU1 L .   ? CU1 A 1140 . ? 1_555 ? 
66  AC9 9  CU1 M .   ? CU1 A 1141 . ? 1_555 ? 
67  BC1 5  CYS A 31  ? CYS A 31   . ? 1_555 ? 
68  BC1 5  CYS A 35  ? CYS A 35   . ? 1_555 ? 
69  BC1 5  CYS A 118 ? CYS A 118  . ? 1_555 ? 
70  BC1 5  CU1 H .   ? CU1 A 1136 . ? 1_555 ? 
71  BC1 5  CU1 J .   ? CU1 A 1138 . ? 1_555 ? 
72  BC2 10 CYS A 35  ? CYS A 35   . ? 1_555 ? 
73  BC2 10 ASN A 58  ? ASN A 58   . ? 1_555 ? 
74  BC2 10 CYS A 61  ? CYS A 61   . ? 1_555 ? 
75  BC2 10 CYS A 97  ? CYS A 97   . ? 1_555 ? 
76  BC2 10 CYS A 114 ? CYS A 114  . ? 1_555 ? 
77  BC2 10 CYS A 118 ? CYS A 118  . ? 1_555 ? 
78  BC2 10 CU1 J .   ? CU1 A 1138 . ? 1_555 ? 
79  BC2 10 CU1 M .   ? CU1 A 1141 . ? 1_555 ? 
80  BC2 10 CU1 N .   ? CU1 A 1142 . ? 1_555 ? 
81  BC2 10 CU1 O .   ? CU1 A 1143 . ? 1_555 ? 
82  BC3 6  CYS A 35  ? CYS A 35   . ? 1_555 ? 
83  BC3 6  CYS A 114 ? CYS A 114  . ? 1_555 ? 
84  BC3 6  CYS A 118 ? CYS A 118  . ? 1_555 ? 
85  BC3 6  CU1 J .   ? CU1 A 1138 . ? 1_555 ? 
86  BC3 6  CU1 L .   ? CU1 A 1140 . ? 1_555 ? 
87  BC3 6  CU1 N .   ? CU1 A 1142 . ? 1_555 ? 
88  BC4 7  ASN A 58  ? ASN A 58   . ? 1_555 ? 
89  BC4 7  CYS A 101 ? CYS A 101  . ? 1_555 ? 
90  BC4 7  CYS A 114 ? CYS A 114  . ? 1_555 ? 
91  BC4 7  CU1 L .   ? CU1 A 1140 . ? 1_555 ? 
92  BC4 7  CU1 M .   ? CU1 A 1141 . ? 1_555 ? 
93  BC4 7  CU1 O .   ? CU1 A 1143 . ? 1_555 ? 
94  BC4 7  CU1 P .   ? CU1 A 1144 . ? 1_555 ? 
95  BC5 5  ASN A 58  ? ASN A 58   . ? 1_555 ? 
96  BC5 5  CYS A 97  ? CYS A 97   . ? 1_555 ? 
97  BC5 5  CYS A 101 ? CYS A 101  . ? 1_555 ? 
98  BC5 5  CU1 L .   ? CU1 A 1140 . ? 1_555 ? 
99  BC5 5  CU1 N .   ? CU1 A 1142 . ? 1_555 ? 
100 BC6 10 CYS A 38  ? CYS A 38   . ? 1_555 ? 
101 BC6 10 CYS A 54  ? CYS A 54   . ? 1_555 ? 
102 BC6 10 ASN A 58  ? ASN A 58   . ? 1_555 ? 
103 BC6 10 CYS A 101 ? CYS A 101  . ? 1_555 ? 
104 BC6 10 CYS A 111 ? CYS A 111  . ? 1_555 ? 
105 BC6 10 CU1 N .   ? CU1 A 1142 . ? 1_555 ? 
106 BC6 10 CU1 Q .   ? CU1 A 1145 . ? 1_555 ? 
107 BC6 10 CU1 R .   ? CU1 A 1146 . ? 1_555 ? 
108 BC6 10 CU1 S .   ? CU1 A 1147 . ? 1_555 ? 
109 BC6 10 CU1 T .   ? CU1 A 1148 . ? 1_555 ? 
110 BC7 7  CYS A 38  ? CYS A 38   . ? 1_555 ? 
111 BC7 7  CYS A 42  ? CYS A 42   . ? 1_555 ? 
112 BC7 7  HIS A 110 ? HIS A 110  . ? 1_555 ? 
113 BC7 7  CYS A 111 ? CYS A 111  . ? 1_555 ? 
114 BC7 7  CU1 P .   ? CU1 A 1144 . ? 1_555 ? 
115 BC7 7  CU1 R .   ? CU1 A 1146 . ? 1_555 ? 
116 BC7 7  CU1 S .   ? CU1 A 1147 . ? 1_555 ? 
117 BC8 7  CYS A 42  ? CYS A 42   . ? 1_555 ? 
118 BC8 7  CYS A 54  ? CYS A 54   . ? 1_555 ? 
119 BC8 7  ASN A 58  ? ASN A 58   . ? 1_555 ? 
120 BC8 7  CYS A 111 ? CYS A 111  . ? 1_555 ? 
121 BC8 7  CU1 P .   ? CU1 A 1144 . ? 1_555 ? 
122 BC8 7  CU1 Q .   ? CU1 A 1145 . ? 1_555 ? 
123 BC8 7  CU1 T .   ? CU1 A 1148 . ? 1_555 ? 
124 BC9 6  CYS A 38  ? CYS A 38   . ? 1_555 ? 
125 BC9 6  CYS A 42  ? CYS A 42   . ? 1_555 ? 
126 BC9 6  HIS A 110 ? HIS A 110  . ? 1_555 ? 
127 BC9 6  CYS A 111 ? CYS A 111  . ? 1_555 ? 
128 BC9 6  CU1 P .   ? CU1 A 1144 . ? 1_555 ? 
129 BC9 6  CU1 Q .   ? CU1 A 1145 . ? 1_555 ? 
130 CC1 5  CYS A 54  ? CYS A 54   . ? 1_555 ? 
131 CC1 5  HIS A 104 ? HIS A 104  . ? 1_555 ? 
132 CC1 5  CYS A 111 ? CYS A 111  . ? 1_555 ? 
133 CC1 5  CU1 P .   ? CU1 A 1144 . ? 1_555 ? 
134 CC1 5  CU1 R .   ? CU1 A 1146 . ? 1_555 ? 
# 
_pdbx_validate_torsion.id              1 
_pdbx_validate_torsion.PDB_model_num   1 
_pdbx_validate_torsion.auth_comp_id    PRO 
_pdbx_validate_torsion.auth_asym_id    A 
_pdbx_validate_torsion.auth_seq_id     11 
_pdbx_validate_torsion.PDB_ins_code    ? 
_pdbx_validate_torsion.label_alt_id    ? 
_pdbx_validate_torsion.phi             -67.69 
_pdbx_validate_torsion.psi             3.12 
# 
loop_
_pdbx_unobs_or_zero_occ_residues.id 
_pdbx_unobs_or_zero_occ_residues.PDB_model_num 
_pdbx_unobs_or_zero_occ_residues.polymer_flag 
_pdbx_unobs_or_zero_occ_residues.occupancy_flag 
_pdbx_unobs_or_zero_occ_residues.auth_asym_id 
_pdbx_unobs_or_zero_occ_residues.auth_comp_id 
_pdbx_unobs_or_zero_occ_residues.auth_seq_id 
_pdbx_unobs_or_zero_occ_residues.PDB_ins_code 
_pdbx_unobs_or_zero_occ_residues.label_asym_id 
_pdbx_unobs_or_zero_occ_residues.label_comp_id 
_pdbx_unobs_or_zero_occ_residues.label_seq_id 
1  1 Y 1 A ALA 13  ? A ALA 13  
2  1 Y 1 A ARG 14  ? A ARG 14  
3  1 Y 1 A GLY 15  ? A GLY 15  
4  1 Y 1 A GLN 16  ? A GLN 16  
5  1 Y 1 A THR 17  ? A THR 17  
6  1 Y 1 A ASP 18  ? A ASP 18  
7  1 Y 1 A ARG 19  ? A ARG 19  
8  1 Y 1 A ALA 75  ? A ALA 75  
9  1 Y 1 A ALA 76  ? A ALA 76  
10 1 Y 1 A GLY 77  ? A GLY 77  
11 1 Y 1 A THR 78  ? A THR 78  
12 1 Y 1 A GLU 79  ? A GLU 79  
13 1 Y 1 A GLU 80  ? A GLU 80  
14 1 Y 1 A GLY 130 ? A GLY 130 
15 1 Y 1 A LEU 131 ? A LEU 131 
16 1 Y 1 A THR 132 ? A THR 132 
17 1 Y 1 A HIS 133 ? A HIS 133 
# 
loop_
_chem_comp_atom.comp_id 
_chem_comp_atom.atom_id 
_chem_comp_atom.type_symbol 
_chem_comp_atom.pdbx_aromatic_flag 
_chem_comp_atom.pdbx_stereo_config 
_chem_comp_atom.pdbx_ordinal 
ALA N    N  N N 1   
ALA CA   C  N S 2   
ALA C    C  N N 3   
ALA O    O  N N 4   
ALA CB   C  N N 5   
ALA OXT  O  N N 6   
ALA H    H  N N 7   
ALA H2   H  N N 8   
ALA HA   H  N N 9   
ALA HB1  H  N N 10  
ALA HB2  H  N N 11  
ALA HB3  H  N N 12  
ALA HXT  H  N N 13  
ARG N    N  N N 14  
ARG CA   C  N S 15  
ARG C    C  N N 16  
ARG O    O  N N 17  
ARG CB   C  N N 18  
ARG CG   C  N N 19  
ARG CD   C  N N 20  
ARG NE   N  N N 21  
ARG CZ   C  N N 22  
ARG NH1  N  N N 23  
ARG NH2  N  N N 24  
ARG OXT  O  N N 25  
ARG H    H  N N 26  
ARG H2   H  N N 27  
ARG HA   H  N N 28  
ARG HB2  H  N N 29  
ARG HB3  H  N N 30  
ARG HG2  H  N N 31  
ARG HG3  H  N N 32  
ARG HD2  H  N N 33  
ARG HD3  H  N N 34  
ARG HE   H  N N 35  
ARG HH11 H  N N 36  
ARG HH12 H  N N 37  
ARG HH21 H  N N 38  
ARG HH22 H  N N 39  
ARG HXT  H  N N 40  
ASN N    N  N N 41  
ASN CA   C  N S 42  
ASN C    C  N N 43  
ASN O    O  N N 44  
ASN CB   C  N N 45  
ASN CG   C  N N 46  
ASN OD1  O  N N 47  
ASN ND2  N  N N 48  
ASN OXT  O  N N 49  
ASN H    H  N N 50  
ASN H2   H  N N 51  
ASN HA   H  N N 52  
ASN HB2  H  N N 53  
ASN HB3  H  N N 54  
ASN HD21 H  N N 55  
ASN HD22 H  N N 56  
ASN HXT  H  N N 57  
ASP N    N  N N 58  
ASP CA   C  N S 59  
ASP C    C  N N 60  
ASP O    O  N N 61  
ASP CB   C  N N 62  
ASP CG   C  N N 63  
ASP OD1  O  N N 64  
ASP OD2  O  N N 65  
ASP OXT  O  N N 66  
ASP H    H  N N 67  
ASP H2   H  N N 68  
ASP HA   H  N N 69  
ASP HB2  H  N N 70  
ASP HB3  H  N N 71  
ASP HD2  H  N N 72  
ASP HXT  H  N N 73  
CU1 CU   CU N N 74  
CYS N    N  N N 75  
CYS CA   C  N R 76  
CYS C    C  N N 77  
CYS O    O  N N 78  
CYS CB   C  N N 79  
CYS SG   S  N N 80  
CYS OXT  O  N N 81  
CYS H    H  N N 82  
CYS H2   H  N N 83  
CYS HA   H  N N 84  
CYS HB2  H  N N 85  
CYS HB3  H  N N 86  
CYS HG   H  N N 87  
CYS HXT  H  N N 88  
GLN N    N  N N 89  
GLN CA   C  N S 90  
GLN C    C  N N 91  
GLN O    O  N N 92  
GLN CB   C  N N 93  
GLN CG   C  N N 94  
GLN CD   C  N N 95  
GLN OE1  O  N N 96  
GLN NE2  N  N N 97  
GLN OXT  O  N N 98  
GLN H    H  N N 99  
GLN H2   H  N N 100 
GLN HA   H  N N 101 
GLN HB2  H  N N 102 
GLN HB3  H  N N 103 
GLN HG2  H  N N 104 
GLN HG3  H  N N 105 
GLN HE21 H  N N 106 
GLN HE22 H  N N 107 
GLN HXT  H  N N 108 
GLU N    N  N N 109 
GLU CA   C  N S 110 
GLU C    C  N N 111 
GLU O    O  N N 112 
GLU CB   C  N N 113 
GLU CG   C  N N 114 
GLU CD   C  N N 115 
GLU OE1  O  N N 116 
GLU OE2  O  N N 117 
GLU OXT  O  N N 118 
GLU H    H  N N 119 
GLU H2   H  N N 120 
GLU HA   H  N N 121 
GLU HB2  H  N N 122 
GLU HB3  H  N N 123 
GLU HG2  H  N N 124 
GLU HG3  H  N N 125 
GLU HE2  H  N N 126 
GLU HXT  H  N N 127 
GLY N    N  N N 128 
GLY CA   C  N N 129 
GLY C    C  N N 130 
GLY O    O  N N 131 
GLY OXT  O  N N 132 
GLY H    H  N N 133 
GLY H2   H  N N 134 
GLY HA2  H  N N 135 
GLY HA3  H  N N 136 
GLY HXT  H  N N 137 
HIS N    N  N N 138 
HIS CA   C  N S 139 
HIS C    C  N N 140 
HIS O    O  N N 141 
HIS CB   C  N N 142 
HIS CG   C  Y N 143 
HIS ND1  N  Y N 144 
HIS CD2  C  Y N 145 
HIS CE1  C  Y N 146 
HIS NE2  N  Y N 147 
HIS OXT  O  N N 148 
HIS H    H  N N 149 
HIS H2   H  N N 150 
HIS HA   H  N N 151 
HIS HB2  H  N N 152 
HIS HB3  H  N N 153 
HIS HD1  H  N N 154 
HIS HD2  H  N N 155 
HIS HE1  H  N N 156 
HIS HE2  H  N N 157 
HIS HXT  H  N N 158 
HOH O    O  N N 159 
HOH H1   H  N N 160 
HOH H2   H  N N 161 
ILE N    N  N N 162 
ILE CA   C  N S 163 
ILE C    C  N N 164 
ILE O    O  N N 165 
ILE CB   C  N S 166 
ILE CG1  C  N N 167 
ILE CG2  C  N N 168 
ILE CD1  C  N N 169 
ILE OXT  O  N N 170 
ILE H    H  N N 171 
ILE H2   H  N N 172 
ILE HA   H  N N 173 
ILE HB   H  N N 174 
ILE HG12 H  N N 175 
ILE HG13 H  N N 176 
ILE HG21 H  N N 177 
ILE HG22 H  N N 178 
ILE HG23 H  N N 179 
ILE HD11 H  N N 180 
ILE HD12 H  N N 181 
ILE HD13 H  N N 182 
ILE HXT  H  N N 183 
LEU N    N  N N 184 
LEU CA   C  N S 185 
LEU C    C  N N 186 
LEU O    O  N N 187 
LEU CB   C  N N 188 
LEU CG   C  N N 189 
LEU CD1  C  N N 190 
LEU CD2  C  N N 191 
LEU OXT  O  N N 192 
LEU H    H  N N 193 
LEU H2   H  N N 194 
LEU HA   H  N N 195 
LEU HB2  H  N N 196 
LEU HB3  H  N N 197 
LEU HG   H  N N 198 
LEU HD11 H  N N 199 
LEU HD12 H  N N 200 
LEU HD13 H  N N 201 
LEU HD21 H  N N 202 
LEU HD22 H  N N 203 
LEU HD23 H  N N 204 
LEU HXT  H  N N 205 
LYS N    N  N N 206 
LYS CA   C  N S 207 
LYS C    C  N N 208 
LYS O    O  N N 209 
LYS CB   C  N N 210 
LYS CG   C  N N 211 
LYS CD   C  N N 212 
LYS CE   C  N N 213 
LYS NZ   N  N N 214 
LYS OXT  O  N N 215 
LYS H    H  N N 216 
LYS H2   H  N N 217 
LYS HA   H  N N 218 
LYS HB2  H  N N 219 
LYS HB3  H  N N 220 
LYS HG2  H  N N 221 
LYS HG3  H  N N 222 
LYS HD2  H  N N 223 
LYS HD3  H  N N 224 
LYS HE2  H  N N 225 
LYS HE3  H  N N 226 
LYS HZ1  H  N N 227 
LYS HZ2  H  N N 228 
LYS HZ3  H  N N 229 
LYS HXT  H  N N 230 
MET N    N  N N 231 
MET CA   C  N S 232 
MET C    C  N N 233 
MET O    O  N N 234 
MET CB   C  N N 235 
MET CG   C  N N 236 
MET SD   S  N N 237 
MET CE   C  N N 238 
MET OXT  O  N N 239 
MET H    H  N N 240 
MET H2   H  N N 241 
MET HA   H  N N 242 
MET HB2  H  N N 243 
MET HB3  H  N N 244 
MET HG2  H  N N 245 
MET HG3  H  N N 246 
MET HE1  H  N N 247 
MET HE2  H  N N 248 
MET HE3  H  N N 249 
MET HXT  H  N N 250 
PHE N    N  N N 251 
PHE CA   C  N S 252 
PHE C    C  N N 253 
PHE O    O  N N 254 
PHE CB   C  N N 255 
PHE CG   C  Y N 256 
PHE CD1  C  Y N 257 
PHE CD2  C  Y N 258 
PHE CE1  C  Y N 259 
PHE CE2  C  Y N 260 
PHE CZ   C  Y N 261 
PHE OXT  O  N N 262 
PHE H    H  N N 263 
PHE H2   H  N N 264 
PHE HA   H  N N 265 
PHE HB2  H  N N 266 
PHE HB3  H  N N 267 
PHE HD1  H  N N 268 
PHE HD2  H  N N 269 
PHE HE1  H  N N 270 
PHE HE2  H  N N 271 
PHE HZ   H  N N 272 
PHE HXT  H  N N 273 
PRO N    N  N N 274 
PRO CA   C  N S 275 
PRO C    C  N N 276 
PRO O    O  N N 277 
PRO CB   C  N N 278 
PRO CG   C  N N 279 
PRO CD   C  N N 280 
PRO OXT  O  N N 281 
PRO H    H  N N 282 
PRO HA   H  N N 283 
PRO HB2  H  N N 284 
PRO HB3  H  N N 285 
PRO HG2  H  N N 286 
PRO HG3  H  N N 287 
PRO HD2  H  N N 288 
PRO HD3  H  N N 289 
PRO HXT  H  N N 290 
SER N    N  N N 291 
SER CA   C  N S 292 
SER C    C  N N 293 
SER O    O  N N 294 
SER CB   C  N N 295 
SER OG   O  N N 296 
SER OXT  O  N N 297 
SER H    H  N N 298 
SER H2   H  N N 299 
SER HA   H  N N 300 
SER HB2  H  N N 301 
SER HB3  H  N N 302 
SER HG   H  N N 303 
SER HXT  H  N N 304 
THR N    N  N N 305 
THR CA   C  N S 306 
THR C    C  N N 307 
THR O    O  N N 308 
THR CB   C  N R 309 
THR OG1  O  N N 310 
THR CG2  C  N N 311 
THR OXT  O  N N 312 
THR H    H  N N 313 
THR H2   H  N N 314 
THR HA   H  N N 315 
THR HB   H  N N 316 
THR HG1  H  N N 317 
THR HG21 H  N N 318 
THR HG22 H  N N 319 
THR HG23 H  N N 320 
THR HXT  H  N N 321 
VAL N    N  N N 322 
VAL CA   C  N S 323 
VAL C    C  N N 324 
VAL O    O  N N 325 
VAL CB   C  N N 326 
VAL CG1  C  N N 327 
VAL CG2  C  N N 328 
VAL OXT  O  N N 329 
VAL H    H  N N 330 
VAL H2   H  N N 331 
VAL HA   H  N N 332 
VAL HB   H  N N 333 
VAL HG11 H  N N 334 
VAL HG12 H  N N 335 
VAL HG13 H  N N 336 
VAL HG21 H  N N 337 
VAL HG22 H  N N 338 
VAL HG23 H  N N 339 
VAL HXT  H  N N 340 
# 
loop_
_chem_comp_bond.comp_id 
_chem_comp_bond.atom_id_1 
_chem_comp_bond.atom_id_2 
_chem_comp_bond.value_order 
_chem_comp_bond.pdbx_aromatic_flag 
_chem_comp_bond.pdbx_stereo_config 
_chem_comp_bond.pdbx_ordinal 
ALA N   CA   sing N N 1   
ALA N   H    sing N N 2   
ALA N   H2   sing N N 3   
ALA CA  C    sing N N 4   
ALA CA  CB   sing N N 5   
ALA CA  HA   sing N N 6   
ALA C   O    doub N N 7   
ALA C   OXT  sing N N 8   
ALA CB  HB1  sing N N 9   
ALA CB  HB2  sing N N 10  
ALA CB  HB3  sing N N 11  
ALA OXT HXT  sing N N 12  
ARG N   CA   sing N N 13  
ARG N   H    sing N N 14  
ARG N   H2   sing N N 15  
ARG CA  C    sing N N 16  
ARG CA  CB   sing N N 17  
ARG CA  HA   sing N N 18  
ARG C   O    doub N N 19  
ARG C   OXT  sing N N 20  
ARG CB  CG   sing N N 21  
ARG CB  HB2  sing N N 22  
ARG CB  HB3  sing N N 23  
ARG CG  CD   sing N N 24  
ARG CG  HG2  sing N N 25  
ARG CG  HG3  sing N N 26  
ARG CD  NE   sing N N 27  
ARG CD  HD2  sing N N 28  
ARG CD  HD3  sing N N 29  
ARG NE  CZ   sing N N 30  
ARG NE  HE   sing N N 31  
ARG CZ  NH1  sing N N 32  
ARG CZ  NH2  doub N N 33  
ARG NH1 HH11 sing N N 34  
ARG NH1 HH12 sing N N 35  
ARG NH2 HH21 sing N N 36  
ARG NH2 HH22 sing N N 37  
ARG OXT HXT  sing N N 38  
ASN N   CA   sing N N 39  
ASN N   H    sing N N 40  
ASN N   H2   sing N N 41  
ASN CA  C    sing N N 42  
ASN CA  CB   sing N N 43  
ASN CA  HA   sing N N 44  
ASN C   O    doub N N 45  
ASN C   OXT  sing N N 46  
ASN CB  CG   sing N N 47  
ASN CB  HB2  sing N N 48  
ASN CB  HB3  sing N N 49  
ASN CG  OD1  doub N N 50  
ASN CG  ND2  sing N N 51  
ASN ND2 HD21 sing N N 52  
ASN ND2 HD22 sing N N 53  
ASN OXT HXT  sing N N 54  
ASP N   CA   sing N N 55  
ASP N   H    sing N N 56  
ASP N   H2   sing N N 57  
ASP CA  C    sing N N 58  
ASP CA  CB   sing N N 59  
ASP CA  HA   sing N N 60  
ASP C   O    doub N N 61  
ASP C   OXT  sing N N 62  
ASP CB  CG   sing N N 63  
ASP CB  HB2  sing N N 64  
ASP CB  HB3  sing N N 65  
ASP CG  OD1  doub N N 66  
ASP CG  OD2  sing N N 67  
ASP OD2 HD2  sing N N 68  
ASP OXT HXT  sing N N 69  
CYS N   CA   sing N N 70  
CYS N   H    sing N N 71  
CYS N   H2   sing N N 72  
CYS CA  C    sing N N 73  
CYS CA  CB   sing N N 74  
CYS CA  HA   sing N N 75  
CYS C   O    doub N N 76  
CYS C   OXT  sing N N 77  
CYS CB  SG   sing N N 78  
CYS CB  HB2  sing N N 79  
CYS CB  HB3  sing N N 80  
CYS SG  HG   sing N N 81  
CYS OXT HXT  sing N N 82  
GLN N   CA   sing N N 83  
GLN N   H    sing N N 84  
GLN N   H2   sing N N 85  
GLN CA  C    sing N N 86  
GLN CA  CB   sing N N 87  
GLN CA  HA   sing N N 88  
GLN C   O    doub N N 89  
GLN C   OXT  sing N N 90  
GLN CB  CG   sing N N 91  
GLN CB  HB2  sing N N 92  
GLN CB  HB3  sing N N 93  
GLN CG  CD   sing N N 94  
GLN CG  HG2  sing N N 95  
GLN CG  HG3  sing N N 96  
GLN CD  OE1  doub N N 97  
GLN CD  NE2  sing N N 98  
GLN NE2 HE21 sing N N 99  
GLN NE2 HE22 sing N N 100 
GLN OXT HXT  sing N N 101 
GLU N   CA   sing N N 102 
GLU N   H    sing N N 103 
GLU N   H2   sing N N 104 
GLU CA  C    sing N N 105 
GLU CA  CB   sing N N 106 
GLU CA  HA   sing N N 107 
GLU C   O    doub N N 108 
GLU C   OXT  sing N N 109 
GLU CB  CG   sing N N 110 
GLU CB  HB2  sing N N 111 
GLU CB  HB3  sing N N 112 
GLU CG  CD   sing N N 113 
GLU CG  HG2  sing N N 114 
GLU CG  HG3  sing N N 115 
GLU CD  OE1  doub N N 116 
GLU CD  OE2  sing N N 117 
GLU OE2 HE2  sing N N 118 
GLU OXT HXT  sing N N 119 
GLY N   CA   sing N N 120 
GLY N   H    sing N N 121 
GLY N   H2   sing N N 122 
GLY CA  C    sing N N 123 
GLY CA  HA2  sing N N 124 
GLY CA  HA3  sing N N 125 
GLY C   O    doub N N 126 
GLY C   OXT  sing N N 127 
GLY OXT HXT  sing N N 128 
HIS N   CA   sing N N 129 
HIS N   H    sing N N 130 
HIS N   H2   sing N N 131 
HIS CA  C    sing N N 132 
HIS CA  CB   sing N N 133 
HIS CA  HA   sing N N 134 
HIS C   O    doub N N 135 
HIS C   OXT  sing N N 136 
HIS CB  CG   sing N N 137 
HIS CB  HB2  sing N N 138 
HIS CB  HB3  sing N N 139 
HIS CG  ND1  sing Y N 140 
HIS CG  CD2  doub Y N 141 
HIS ND1 CE1  doub Y N 142 
HIS ND1 HD1  sing N N 143 
HIS CD2 NE2  sing Y N 144 
HIS CD2 HD2  sing N N 145 
HIS CE1 NE2  sing Y N 146 
HIS CE1 HE1  sing N N 147 
HIS NE2 HE2  sing N N 148 
HIS OXT HXT  sing N N 149 
HOH O   H1   sing N N 150 
HOH O   H2   sing N N 151 
ILE N   CA   sing N N 152 
ILE N   H    sing N N 153 
ILE N   H2   sing N N 154 
ILE CA  C    sing N N 155 
ILE CA  CB   sing N N 156 
ILE CA  HA   sing N N 157 
ILE C   O    doub N N 158 
ILE C   OXT  sing N N 159 
ILE CB  CG1  sing N N 160 
ILE CB  CG2  sing N N 161 
ILE CB  HB   sing N N 162 
ILE CG1 CD1  sing N N 163 
ILE CG1 HG12 sing N N 164 
ILE CG1 HG13 sing N N 165 
ILE CG2 HG21 sing N N 166 
ILE CG2 HG22 sing N N 167 
ILE CG2 HG23 sing N N 168 
ILE CD1 HD11 sing N N 169 
ILE CD1 HD12 sing N N 170 
ILE CD1 HD13 sing N N 171 
ILE OXT HXT  sing N N 172 
LEU N   CA   sing N N 173 
LEU N   H    sing N N 174 
LEU N   H2   sing N N 175 
LEU CA  C    sing N N 176 
LEU CA  CB   sing N N 177 
LEU CA  HA   sing N N 178 
LEU C   O    doub N N 179 
LEU C   OXT  sing N N 180 
LEU CB  CG   sing N N 181 
LEU CB  HB2  sing N N 182 
LEU CB  HB3  sing N N 183 
LEU CG  CD1  sing N N 184 
LEU CG  CD2  sing N N 185 
LEU CG  HG   sing N N 186 
LEU CD1 HD11 sing N N 187 
LEU CD1 HD12 sing N N 188 
LEU CD1 HD13 sing N N 189 
LEU CD2 HD21 sing N N 190 
LEU CD2 HD22 sing N N 191 
LEU CD2 HD23 sing N N 192 
LEU OXT HXT  sing N N 193 
LYS N   CA   sing N N 194 
LYS N   H    sing N N 195 
LYS N   H2   sing N N 196 
LYS CA  C    sing N N 197 
LYS CA  CB   sing N N 198 
LYS CA  HA   sing N N 199 
LYS C   O    doub N N 200 
LYS C   OXT  sing N N 201 
LYS CB  CG   sing N N 202 
LYS CB  HB2  sing N N 203 
LYS CB  HB3  sing N N 204 
LYS CG  CD   sing N N 205 
LYS CG  HG2  sing N N 206 
LYS CG  HG3  sing N N 207 
LYS CD  CE   sing N N 208 
LYS CD  HD2  sing N N 209 
LYS CD  HD3  sing N N 210 
LYS CE  NZ   sing N N 211 
LYS CE  HE2  sing N N 212 
LYS CE  HE3  sing N N 213 
LYS NZ  HZ1  sing N N 214 
LYS NZ  HZ2  sing N N 215 
LYS NZ  HZ3  sing N N 216 
LYS OXT HXT  sing N N 217 
MET N   CA   sing N N 218 
MET N   H    sing N N 219 
MET N   H2   sing N N 220 
MET CA  C    sing N N 221 
MET CA  CB   sing N N 222 
MET CA  HA   sing N N 223 
MET C   O    doub N N 224 
MET C   OXT  sing N N 225 
MET CB  CG   sing N N 226 
MET CB  HB2  sing N N 227 
MET CB  HB3  sing N N 228 
MET CG  SD   sing N N 229 
MET CG  HG2  sing N N 230 
MET CG  HG3  sing N N 231 
MET SD  CE   sing N N 232 
MET CE  HE1  sing N N 233 
MET CE  HE2  sing N N 234 
MET CE  HE3  sing N N 235 
MET OXT HXT  sing N N 236 
PHE N   CA   sing N N 237 
PHE N   H    sing N N 238 
PHE N   H2   sing N N 239 
PHE CA  C    sing N N 240 
PHE CA  CB   sing N N 241 
PHE CA  HA   sing N N 242 
PHE C   O    doub N N 243 
PHE C   OXT  sing N N 244 
PHE CB  CG   sing N N 245 
PHE CB  HB2  sing N N 246 
PHE CB  HB3  sing N N 247 
PHE CG  CD1  doub Y N 248 
PHE CG  CD2  sing Y N 249 
PHE CD1 CE1  sing Y N 250 
PHE CD1 HD1  sing N N 251 
PHE CD2 CE2  doub Y N 252 
PHE CD2 HD2  sing N N 253 
PHE CE1 CZ   doub Y N 254 
PHE CE1 HE1  sing N N 255 
PHE CE2 CZ   sing Y N 256 
PHE CE2 HE2  sing N N 257 
PHE CZ  HZ   sing N N 258 
PHE OXT HXT  sing N N 259 
PRO N   CA   sing N N 260 
PRO N   CD   sing N N 261 
PRO N   H    sing N N 262 
PRO CA  C    sing N N 263 
PRO CA  CB   sing N N 264 
PRO CA  HA   sing N N 265 
PRO C   O    doub N N 266 
PRO C   OXT  sing N N 267 
PRO CB  CG   sing N N 268 
PRO CB  HB2  sing N N 269 
PRO CB  HB3  sing N N 270 
PRO CG  CD   sing N N 271 
PRO CG  HG2  sing N N 272 
PRO CG  HG3  sing N N 273 
PRO CD  HD2  sing N N 274 
PRO CD  HD3  sing N N 275 
PRO OXT HXT  sing N N 276 
SER N   CA   sing N N 277 
SER N   H    sing N N 278 
SER N   H2   sing N N 279 
SER CA  C    sing N N 280 
SER CA  CB   sing N N 281 
SER CA  HA   sing N N 282 
SER C   O    doub N N 283 
SER C   OXT  sing N N 284 
SER CB  OG   sing N N 285 
SER CB  HB2  sing N N 286 
SER CB  HB3  sing N N 287 
SER OG  HG   sing N N 288 
SER OXT HXT  sing N N 289 
THR N   CA   sing N N 290 
THR N   H    sing N N 291 
THR N   H2   sing N N 292 
THR CA  C    sing N N 293 
THR CA  CB   sing N N 294 
THR CA  HA   sing N N 295 
THR C   O    doub N N 296 
THR C   OXT  sing N N 297 
THR CB  OG1  sing N N 298 
THR CB  CG2  sing N N 299 
THR CB  HB   sing N N 300 
THR OG1 HG1  sing N N 301 
THR CG2 HG21 sing N N 302 
THR CG2 HG22 sing N N 303 
THR CG2 HG23 sing N N 304 
THR OXT HXT  sing N N 305 
VAL N   CA   sing N N 306 
VAL N   H    sing N N 307 
VAL N   H2   sing N N 308 
VAL CA  C    sing N N 309 
VAL CA  CB   sing N N 310 
VAL CA  HA   sing N N 311 
VAL C   O    doub N N 312 
VAL C   OXT  sing N N 313 
VAL CB  CG1  sing N N 314 
VAL CB  CG2  sing N N 315 
VAL CB  HB   sing N N 316 
VAL CG1 HG11 sing N N 317 
VAL CG1 HG12 sing N N 318 
VAL CG1 HG13 sing N N 319 
VAL CG2 HG21 sing N N 320 
VAL CG2 HG22 sing N N 321 
VAL CG2 HG23 sing N N 322 
VAL OXT HXT  sing N N 323 
# 
_pdbx_initial_refinement_model.id               1 
_pdbx_initial_refinement_model.entity_id_list   ? 
_pdbx_initial_refinement_model.type             'experimental model' 
_pdbx_initial_refinement_model.source_name      PDB 
_pdbx_initial_refinement_model.accession_code   5ARM 
_pdbx_initial_refinement_model.details          'PDB ENTRY 5ARM' 
# 
_atom_sites.entry_id                    5ARN 
_atom_sites.fract_transf_matrix[1][1]   -0.00281658 
_atom_sites.fract_transf_matrix[1][2]   0.00337459 
_atom_sites.fract_transf_matrix[1][3]   0.00835759 
_atom_sites.fract_transf_matrix[2][1]   -0.00781017 
_atom_sites.fract_transf_matrix[2][2]   0.00345663 
_atom_sites.fract_transf_matrix[2][3]   -0.00402780 
_atom_sites.fract_transf_matrix[3][1]   -0.01044044 
_atom_sites.fract_transf_matrix[3][2]   -0.01883029 
_atom_sites.fract_transf_matrix[3][3]   0.00408469 
_atom_sites.fract_transf_vector[1]      0.091719 
_atom_sites.fract_transf_vector[2]      0.014452 
_atom_sites.fract_transf_vector[3]      0.284340 
# 
loop_
_atom_type.symbol 
C  
CU 
N  
O  
S  
# 
loop_
_atom_site.group_PDB 
_atom_site.id 
_atom_site.type_symbol 
_atom_site.label_atom_id 
_atom_site.label_alt_id 
_atom_site.label_comp_id 
_atom_site.label_asym_id 
_atom_site.label_entity_id 
_atom_site.label_seq_id 
_atom_site.pdbx_PDB_ins_code 
_atom_site.Cartn_x 
_atom_site.Cartn_y 
_atom_site.Cartn_z 
_atom_site.occupancy 
_atom_site.B_iso_or_equiv 
_atom_site.pdbx_formal_charge 
_atom_site.auth_seq_id 
_atom_site.auth_comp_id 
_atom_site.auth_asym_id 
_atom_site.auth_atom_id 
_atom_site.pdbx_PDB_model_num 
ATOM   1   N  N   . MET A 1 1   ? 8.152   3.717   -13.416 1.00 49.99 ? 1    MET A N   1 
ATOM   2   C  CA  . MET A 1 1   ? 6.863   3.021   -13.722 1.00 52.16 ? 1    MET A CA  1 
ATOM   3   C  C   . MET A 1 1   ? 6.383   3.436   -15.093 1.00 51.61 ? 1    MET A C   1 
ATOM   4   O  O   . MET A 1 1   ? 6.701   4.525   -15.568 1.00 46.95 ? 1    MET A O   1 
ATOM   5   C  CB  . MET A 1 1   ? 5.789   3.362   -12.703 1.00 57.14 ? 1    MET A CB  1 
ATOM   6   C  CG  . MET A 1 1   ? 6.084   2.914   -11.288 1.00 64.23 ? 1    MET A CG  1 
ATOM   7   S  SD  . MET A 1 1   ? 5.863   1.138   -11.081 1.00 70.66 ? 1    MET A SD  1 
ATOM   8   C  CE  . MET A 1 1   ? 4.082   1.034   -10.969 1.00 74.62 ? 1    MET A CE  1 
ATOM   9   N  N   . HIS A 1 2   ? 5.602   2.583   -15.725 1.00 50.94 ? 2    HIS A N   1 
ATOM   10  C  CA  . HIS A 1 2   ? 5.142   2.861   -17.091 1.00 48.95 ? 2    HIS A CA  1 
ATOM   11  C  C   . HIS A 1 2   ? 3.653   2.903   -17.213 1.00 47.20 ? 2    HIS A C   1 
ATOM   12  O  O   . HIS A 1 2   ? 3.132   2.781   -18.302 1.00 43.57 ? 2    HIS A O   1 
ATOM   13  C  CB  . HIS A 1 2   ? 5.702   1.831   -18.027 1.00 48.94 ? 2    HIS A CB  1 
ATOM   14  C  CG  . HIS A 1 2   ? 7.177   1.906   -18.147 1.00 50.63 ? 2    HIS A CG  1 
ATOM   15  N  ND1 . HIS A 1 2   ? 8.021   1.469   -17.150 1.00 53.49 ? 2    HIS A ND1 1 
ATOM   16  C  CD2 . HIS A 1 2   ? 7.967   2.406   -19.129 1.00 45.78 ? 2    HIS A CD2 1 
ATOM   17  C  CE1 . HIS A 1 2   ? 9.271   1.670   -17.523 1.00 48.98 ? 2    HIS A CE1 1 
ATOM   18  N  NE2 . HIS A 1 2   ? 9.265   2.231   -18.722 1.00 46.42 ? 2    HIS A NE2 1 
ATOM   19  N  N   . VAL A 1 3   ? 2.991   3.179   -16.089 1.00 46.89 ? 3    VAL A N   1 
ATOM   20  C  CA  . VAL A 1 3   ? 1.520   3.292   -16.009 1.00 45.60 ? 3    VAL A CA  1 
ATOM   21  C  C   . VAL A 1 3   ? 0.989   4.279   -16.991 1.00 47.91 ? 3    VAL A C   1 
ATOM   22  O  O   . VAL A 1 3   ? -0.002  4.023   -17.660 1.00 56.75 ? 3    VAL A O   1 
ATOM   23  C  CB  . VAL A 1 3   ? 1.037   3.788   -14.641 1.00 44.08 ? 3    VAL A CB  1 
ATOM   24  C  CG1 . VAL A 1 3   ? -0.489  3.714   -14.544 1.00 52.44 ? 3    VAL A CG1 1 
ATOM   25  C  CG2 . VAL A 1 3   ? 1.682   3.013   -13.492 1.00 41.05 ? 3    VAL A CG2 1 
ATOM   26  N  N   . GLU A 1 4   ? 1.661   5.410   -17.078 1.00 57.18 ? 4    GLU A N   1 
ATOM   27  C  CA  . GLU A 1 4   ? 1.154   6.544   -17.823 1.00 56.49 ? 4    GLU A CA  1 
ATOM   28  C  C   . GLU A 1 4   ? 1.324   6.296   -19.307 1.00 54.09 ? 4    GLU A C   1 
ATOM   29  O  O   . GLU A 1 4   ? 0.408   6.515   -20.092 1.00 55.06 ? 4    GLU A O   1 
ATOM   30  C  CB  . GLU A 1 4   ? 1.916   7.781   -17.384 1.00 64.95 ? 4    GLU A CB  1 
ATOM   31  C  CG  . GLU A 1 4   ? 1.136   9.057   -17.512 1.00 70.23 ? 4    GLU A CG  1 
ATOM   32  C  CD  . GLU A 1 4   ? 1.906   10.185  -16.910 1.00 73.86 ? 4    GLU A CD  1 
ATOM   33  O  OE1 . GLU A 1 4   ? 2.746   10.743  -17.624 1.00 71.89 ? 4    GLU A OE1 1 
ATOM   34  O  OE2 . GLU A 1 4   ? 1.709   10.461  -15.715 1.00 82.12 ? 4    GLU A OE2 1 
ATOM   35  N  N   . ALA A 1 5   ? 2.509   5.821   -19.680 1.00 52.36 ? 5    ALA A N   1 
ATOM   36  C  CA  . ALA A 1 5   ? 2.796   5.400   -21.047 1.00 55.36 ? 5    ALA A CA  1 
ATOM   37  C  C   . ALA A 1 5   ? 1.780   4.399   -21.575 1.00 57.76 ? 5    ALA A C   1 
ATOM   38  O  O   . ALA A 1 5   ? 1.245   4.552   -22.685 1.00 58.74 ? 5    ALA A O   1 
ATOM   39  C  CB  . ALA A 1 5   ? 4.198   4.783   -21.117 1.00 60.24 ? 5    ALA A CB  1 
ATOM   40  N  N   . MET A 1 6   ? 1.527   3.362   -20.775 1.00 54.60 ? 6    MET A N   1 
ATOM   41  C  CA  . MET A 1 6   ? 0.630   2.305   -21.180 1.00 53.54 ? 6    MET A CA  1 
ATOM   42  C  C   . MET A 1 6   ? -0.804  2.778   -21.180 1.00 54.21 ? 6    MET A C   1 
ATOM   43  O  O   . MET A 1 6   ? -1.511  2.451   -22.126 1.00 59.78 ? 6    MET A O   1 
ATOM   44  C  CB  . MET A 1 6   ? 0.753   1.059   -20.293 1.00 55.02 ? 6    MET A CB  1 
ATOM   45  C  CG  . MET A 1 6   ? 2.106   0.378   -20.308 1.00 53.77 ? 6    MET A CG  1 
ATOM   46  S  SD  . MET A 1 6   ? 2.559   -0.228  -21.934 1.00 52.49 ? 6    MET A SD  1 
ATOM   47  C  CE  . MET A 1 6   ? 1.568   -1.730  -21.997 1.00 51.96 ? 6    MET A CE  1 
ATOM   48  N  N   . ILE A 1 7   ? -1.264  3.512   -20.156 1.00 57.82 ? 7    ILE A N   1 
ATOM   49  C  CA  . ILE A 1 7   ? -2.684  3.944   -20.146 1.00 65.77 ? 7    ILE A CA  1 
ATOM   50  C  C   . ILE A 1 7   ? -3.066  4.849   -21.325 1.00 69.35 ? 7    ILE A C   1 
ATOM   51  O  O   . ILE A 1 7   ? -4.238  4.923   -21.630 1.00 62.77 ? 7    ILE A O   1 
ATOM   52  C  CB  . ILE A 1 7   ? -3.216  4.628   -18.841 1.00 74.73 ? 7    ILE A CB  1 
ATOM   53  C  CG1 . ILE A 1 7   ? -2.439  5.903   -18.485 1.00 84.86 ? 7    ILE A CG1 1 
ATOM   54  C  CG2 . ILE A 1 7   ? -3.284  3.654   -17.682 1.00 71.39 ? 7    ILE A CG2 1 
ATOM   55  C  CD1 . ILE A 1 7   ? -3.333  7.065   -18.081 1.00 94.09 ? 7    ILE A CD1 1 
ATOM   56  N  N   . SER A 1 8   ? -2.107  5.528   -21.971 1.00 74.17 ? 8    SER A N   1 
ATOM   57  C  CA  . SER A 1 8   ? -2.402  6.347   -23.171 1.00 74.39 ? 8    SER A CA  1 
ATOM   58  C  C   . SER A 1 8   ? -2.408  5.549   -24.495 1.00 76.70 ? 8    SER A C   1 
ATOM   59  O  O   . SER A 1 8   ? -2.935  6.025   -25.507 1.00 85.78 ? 8    SER A O   1 
ATOM   60  C  CB  . SER A 1 8   ? -1.436  7.541   -23.275 1.00 66.46 ? 8    SER A CB  1 
ATOM   61  O  OG  . SER A 1 8   ? -0.161  7.153   -23.773 1.00 61.64 ? 8    SER A OG  1 
ATOM   62  N  N   . LYS A 1 9   ? -1.809  4.358   -24.491 1.00 78.37 ? 9    LYS A N   1 
ATOM   63  C  CA  . LYS A 1 9   ? -1.675  3.525   -25.701 1.00 72.11 ? 9    LYS A CA  1 
ATOM   64  C  C   . LYS A 1 9   ? -2.662  2.323   -25.781 1.00 66.28 ? 9    LYS A C   1 
ATOM   65  O  O   . LYS A 1 9   ? -2.526  1.477   -26.646 1.00 67.06 ? 9    LYS A O   1 
ATOM   66  C  CB  . LYS A 1 9   ? -0.199  3.091   -25.857 1.00 73.06 ? 9    LYS A CB  1 
ATOM   67  C  CG  . LYS A 1 9   ? 0.724   4.212   -26.369 1.00 79.76 ? 9    LYS A CG  1 
ATOM   68  C  CD  . LYS A 1 9   ? 0.284   4.717   -27.750 1.00 87.10 ? 9    LYS A CD  1 
ATOM   69  C  CE  . LYS A 1 9   ? 1.339   5.540   -28.478 1.00 92.71 ? 9    LYS A CE  1 
ATOM   70  N  NZ  . LYS A 1 9   ? 1.291   6.946   -28.004 1.00 93.31 ? 9    LYS A NZ  1 
ATOM   71  N  N   . HIS A 1 10  ? -3.672  2.308   -24.914 1.00 65.22 ? 10   HIS A N   1 
ATOM   72  C  CA  . HIS A 1 10  ? -4.704  1.270   -24.851 1.00 68.18 ? 10   HIS A CA  1 
ATOM   73  C  C   . HIS A 1 10  ? -5.858  1.706   -25.796 1.00 71.69 ? 10   HIS A C   1 
ATOM   74  O  O   . HIS A 1 10  ? -6.239  2.897   -25.786 1.00 70.15 ? 10   HIS A O   1 
ATOM   75  C  CB  . HIS A 1 10  ? -5.208  1.191   -23.386 1.00 62.42 ? 10   HIS A CB  1 
ATOM   76  C  CG  . HIS A 1 10  ? -5.966  -0.062  -23.016 1.00 57.17 ? 10   HIS A CG  1 
ATOM   77  N  ND1 . HIS A 1 10  ? -7.034  -0.554  -23.729 1.00 59.07 ? 10   HIS A ND1 1 
ATOM   78  C  CD2 . HIS A 1 10  ? -5.858  -0.859  -21.928 1.00 61.28 ? 10   HIS A CD2 1 
ATOM   79  C  CE1 . HIS A 1 10  ? -7.519  -1.625  -23.132 1.00 59.54 ? 10   HIS A CE1 1 
ATOM   80  N  NE2 . HIS A 1 10  ? -6.819  -1.834  -22.036 1.00 58.79 ? 10   HIS A NE2 1 
ATOM   81  N  N   . PRO A 1 11  ? -6.447  0.757   -26.576 1.00 70.03 ? 11   PRO A N   1 
ATOM   82  C  CA  . PRO A 1 11  ? -7.524  1.110   -27.534 1.00 70.17 ? 11   PRO A CA  1 
ATOM   83  C  C   . PRO A 1 11  ? -8.900  1.584   -26.975 1.00 70.10 ? 11   PRO A C   1 
ATOM   84  O  O   . PRO A 1 11  ? -9.796  1.836   -27.774 1.00 77.66 ? 11   PRO A O   1 
ATOM   85  C  CB  . PRO A 1 11  ? -7.686  -0.183  -28.353 1.00 70.57 ? 11   PRO A CB  1 
ATOM   86  C  CG  . PRO A 1 11  ? -7.213  -1.268  -27.432 1.00 71.31 ? 11   PRO A CG  1 
ATOM   87  C  CD  . PRO A 1 11  ? -6.029  -0.650  -26.751 1.00 70.59 ? 11   PRO A CD  1 
ATOM   88  N  N   . GLN A 1 12  ? -9.052  1.719   -25.653 1.00 71.58 ? 12   GLN A N   1 
ATOM   89  C  CA  . GLN A 1 12  ? -10.287 2.167   -24.988 1.00 69.79 ? 12   GLN A CA  1 
ATOM   90  C  C   . GLN A 1 12  ? -9.973  3.259   -23.946 1.00 70.07 ? 12   GLN A C   1 
ATOM   91  O  O   . GLN A 1 12  ? -8.948  3.945   -24.030 1.00 70.26 ? 12   GLN A O   1 
ATOM   92  C  CB  . GLN A 1 12  ? -10.986 0.982   -24.297 1.00 65.29 ? 12   GLN A CB  1 
ATOM   93  N  N   . SER A 1 20  ? -3.840  10.490  -11.675 1.00 53.78 ? 20   SER A N   1 
ATOM   94  C  CA  . SER A 1 20  ? -5.303  10.410  -11.619 1.00 66.13 ? 20   SER A CA  1 
ATOM   95  C  C   . SER A 1 20  ? -5.665  8.968   -11.145 1.00 71.62 ? 20   SER A C   1 
ATOM   96  O  O   . SER A 1 20  ? -5.481  8.630   -9.963  1.00 68.34 ? 20   SER A O   1 
ATOM   97  C  CB  . SER A 1 20  ? -5.904  10.805  -12.998 1.00 73.12 ? 20   SER A CB  1 
ATOM   98  O  OG  . SER A 1 20  ? -5.397  10.010  -14.086 1.00 70.75 ? 20   SER A OG  1 
ATOM   99  N  N   . LEU A 1 21  ? -6.145  8.113   -12.052 1.00 69.79 ? 21   LEU A N   1 
ATOM   100 C  CA  . LEU A 1 21  ? -6.022  6.657   -11.880 1.00 66.05 ? 21   LEU A CA  1 
ATOM   101 C  C   . LEU A 1 21  ? -4.532  6.231   -11.924 1.00 63.81 ? 21   LEU A C   1 
ATOM   102 O  O   . LEU A 1 21  ? -4.144  5.297   -11.252 1.00 67.65 ? 21   LEU A O   1 
ATOM   103 C  CB  . LEU A 1 21  ? -6.809  5.903   -12.970 1.00 70.28 ? 21   LEU A CB  1 
ATOM   104 C  CG  . LEU A 1 21  ? -7.000  4.369   -12.905 1.00 69.70 ? 21   LEU A CG  1 
ATOM   105 C  CD1 . LEU A 1 21  ? -7.764  3.968   -11.652 1.00 71.92 ? 21   LEU A CD1 1 
ATOM   106 C  CD2 . LEU A 1 21  ? -7.742  3.851   -14.131 1.00 68.34 ? 21   LEU A CD2 1 
ATOM   107 N  N   . VAL A 1 22  ? -3.721  6.936   -12.711 1.00 57.97 ? 22   VAL A N   1 
ATOM   108 C  CA  . VAL A 1 22  ? -2.269  6.707   -12.833 1.00 57.50 ? 22   VAL A CA  1 
ATOM   109 C  C   . VAL A 1 22  ? -1.577  6.716   -11.488 1.00 58.55 ? 22   VAL A C   1 
ATOM   110 O  O   . VAL A 1 22  ? -0.801  5.828   -11.166 1.00 59.09 ? 22   VAL A O   1 
ATOM   111 C  CB  . VAL A 1 22  ? -1.615  7.772   -13.741 1.00 58.49 ? 22   VAL A CB  1 
ATOM   112 C  CG1 . VAL A 1 22  ? -0.096  7.745   -13.632 1.00 58.48 ? 22   VAL A CG1 1 
ATOM   113 C  CG2 . VAL A 1 22  ? -2.046  7.559   -15.193 1.00 57.03 ? 22   VAL A CG2 1 
ATOM   114 N  N   . GLN A 1 23  ? -1.856  7.750   -10.723 1.00 56.31 ? 23   GLN A N   1 
ATOM   115 C  CA  . GLN A 1 23  ? -1.332  7.909   -9.398  1.00 55.30 ? 23   GLN A CA  1 
ATOM   116 C  C   . GLN A 1 23  ? -1.680  6.715   -8.484  1.00 54.52 ? 23   GLN A C   1 
ATOM   117 O  O   . GLN A 1 23  ? -0.804  6.200   -7.784  1.00 46.19 ? 23   GLN A O   1 
ATOM   118 C  CB  . GLN A 1 23  ? -1.896  9.215   -8.798  1.00 59.86 ? 23   GLN A CB  1 
ATOM   119 C  CG  . GLN A 1 23  ? -1.289  9.640   -7.480  1.00 60.47 ? 23   GLN A CG  1 
ATOM   120 C  CD  . GLN A 1 23  ? 0.193   9.896   -7.601  1.00 64.20 ? 23   GLN A CD  1 
ATOM   121 O  OE1 . GLN A 1 23  ? 0.738   10.046  -8.724  1.00 70.36 ? 23   GLN A OE1 1 
ATOM   122 N  NE2 . GLN A 1 23  ? 0.868   9.943   -6.451  1.00 60.62 ? 23   GLN A NE2 1 
ATOM   123 N  N   . CYS A 1 24  ? -2.955  6.308   -8.483  1.00 46.80 ? 24   CYS A N   1 
ATOM   124 C  CA  . CYS A 1 24  ? -3.395  5.103   -7.786  1.00 45.33 ? 24   CYS A CA  1 
ATOM   125 C  C   . CYS A 1 24  ? -2.555  3.875   -8.133  1.00 44.61 ? 24   CYS A C   1 
ATOM   126 O  O   . CYS A 1 24  ? -2.074  3.194   -7.233  1.00 46.60 ? 24   CYS A O   1 
ATOM   127 C  CB  . CYS A 1 24  ? -4.889  4.808   -8.029  1.00 43.81 ? 24   CYS A CB  1 
ATOM   128 S  SG  . CYS A 1 24  ? -5.524  3.370   -7.101  1.00 44.75 ? 24   CYS A SG  1 
ATOM   129 N  N   . VAL A 1 25  ? -2.343  3.611   -9.410  1.00 40.34 ? 25   VAL A N   1 
ATOM   130 C  CA  . VAL A 1 25  ? -1.594  2.427   -9.813  1.00 46.03 ? 25   VAL A CA  1 
ATOM   131 C  C   . VAL A 1 25  ? -0.128  2.449   -9.412  1.00 46.08 ? 25   VAL A C   1 
ATOM   132 O  O   . VAL A 1 25  ? 0.354   1.480   -8.880  1.00 40.07 ? 25   VAL A O   1 
ATOM   133 C  CB  . VAL A 1 25  ? -1.666  2.197   -11.315 1.00 44.63 ? 25   VAL A CB  1 
ATOM   134 C  CG1 . VAL A 1 25  ? -0.905  0.943   -11.704 1.00 48.47 ? 25   VAL A CG1 1 
ATOM   135 C  CG2 . VAL A 1 25  ? -3.116  2.074   -11.743 1.00 47.44 ? 25   VAL A CG2 1 
ATOM   136 N  N   . GLU A 1 26  ? 0.564   3.548   -9.707  1.00 44.20 ? 26   GLU A N   1 
ATOM   137 C  CA  . GLU A 1 26  ? 1.924   3.771   -9.275  1.00 44.37 ? 26   GLU A CA  1 
ATOM   138 C  C   . GLU A 1 26  ? 2.053   3.485   -7.818  1.00 43.28 ? 26   GLU A C   1 
ATOM   139 O  O   . GLU A 1 26  ? 2.952   2.771   -7.420  1.00 38.86 ? 26   GLU A O   1 
ATOM   140 C  CB  . GLU A 1 26  ? 2.332   5.231   -9.485  1.00 46.60 ? 26   GLU A CB  1 
ATOM   141 C  CG  . GLU A 1 26  ? 2.531   5.562   -10.940 1.00 51.16 ? 26   GLU A CG  1 
ATOM   142 C  CD  . GLU A 1 26  ? 3.120   6.919   -11.166 1.00 53.94 ? 26   GLU A CD  1 
ATOM   143 O  OE1 . GLU A 1 26  ? 2.897   7.840   -10.350 1.00 65.99 ? 26   GLU A OE1 1 
ATOM   144 O  OE2 . GLU A 1 26  ? 3.828   7.042   -12.172 1.00 58.72 ? 26   GLU A OE2 1 
ATOM   145 N  N   . MET A 1 27  ? 1.147   4.088   -7.038  1.00 46.05 ? 27   MET A N   1 
ATOM   146 C  CA  . MET A 1 27  ? 1.148   3.964   -5.587  1.00 46.12 ? 27   MET A CA  1 
ATOM   147 C  C   . MET A 1 27  ? 0.799   2.545   -5.120  1.00 44.57 ? 27   MET A C   1 
ATOM   148 O  O   . MET A 1 27  ? 1.419   2.054   -4.177  1.00 40.51 ? 27   MET A O   1 
ATOM   149 C  CB  . MET A 1 27  ? 0.219   5.003   -4.889  1.00 47.96 ? 27   MET A CB  1 
ATOM   150 C  CG  . MET A 1 27  ? 0.745   6.475   -4.760  1.00 44.98 ? 27   MET A CG  1 
ATOM   151 S  SD  . MET A 1 27  ? 2.453   6.658   -4.225  1.00 52.29 ? 27   MET A SD  1 
ATOM   152 C  CE  . MET A 1 27  ? 2.448   5.972   -2.574  1.00 49.09 ? 27   MET A CE  1 
ATOM   153 N  N   . CYS A 1 28  ? -0.182  1.881   -5.721  1.00 41.36 ? 28   CYS A N   1 
ATOM   154 C  CA  . CYS A 1 28  ? -0.487  0.515   -5.279  1.00 39.39 ? 28   CYS A CA  1 
ATOM   155 C  C   . CYS A 1 28  ? 0.794   -0.348  -5.403  1.00 39.00 ? 28   CYS A C   1 
ATOM   156 O  O   . CYS A 1 28  ? 1.218   -0.995  -4.456  1.00 40.08 ? 28   CYS A O   1 
ATOM   157 C  CB  . CYS A 1 28  ? -1.716  -0.074  -5.996  1.00 41.65 ? 28   CYS A CB  1 
ATOM   158 S  SG  . CYS A 1 28  ? -3.391  0.413   -5.394  1.00 42.60 ? 28   CYS A SG  1 
ATOM   159 N  N   . PHE A 1 29  ? 1.505   -0.272  -6.500  1.00 40.80 ? 29   PHE A N   1 
ATOM   160 C  CA  . PHE A 1 29  ? 2.700   -1.129  -6.630  1.00 41.91 ? 29   PHE A CA  1 
ATOM   161 C  C   . PHE A 1 29  ? 3.841   -0.699  -5.736  1.00 40.29 ? 29   PHE A C   1 
ATOM   162 O  O   . PHE A 1 29  ? 4.603   -1.521  -5.253  1.00 38.91 ? 29   PHE A O   1 
ATOM   163 C  CB  . PHE A 1 29  ? 3.135   -1.228  -8.080  1.00 38.82 ? 29   PHE A CB  1 
ATOM   164 C  CG  . PHE A 1 29  ? 2.251   -2.096  -8.885  1.00 43.28 ? 29   PHE A CG  1 
ATOM   165 C  CD1 . PHE A 1 29  ? 2.459   -3.481  -8.938  1.00 48.13 ? 29   PHE A CD1 1 
ATOM   166 C  CD2 . PHE A 1 29  ? 1.195   -1.568  -9.588  1.00 44.40 ? 29   PHE A CD2 1 
ATOM   167 C  CE1 . PHE A 1 29  ? 1.606   -4.294  -9.671  1.00 43.09 ? 29   PHE A CE1 1 
ATOM   168 C  CE2 . PHE A 1 29  ? 0.357   -2.380  -10.339 1.00 44.54 ? 29   PHE A CE2 1 
ATOM   169 C  CZ  . PHE A 1 29  ? 0.563   -3.747  -10.371 1.00 40.43 ? 29   PHE A CZ  1 
ATOM   170 N  N   . ASP A 1 30  ? 3.934   0.593   -5.495  1.00 39.88 ? 30   ASP A N   1 
ATOM   171 C  CA  . ASP A 1 30  ? 4.918   1.157   -4.596  1.00 36.68 ? 30   ASP A CA  1 
ATOM   172 C  C   . ASP A 1 30  ? 4.662   0.697   -3.185  1.00 36.30 ? 30   ASP A C   1 
ATOM   173 O  O   . ASP A 1 30  ? 5.579   0.279   -2.455  1.00 38.26 ? 30   ASP A O   1 
ATOM   174 C  CB  . ASP A 1 30  ? 4.818   2.695   -4.703  1.00 41.88 ? 30   ASP A CB  1 
ATOM   175 C  CG  . ASP A 1 30  ? 5.909   3.457   -3.934  1.00 46.20 ? 30   ASP A CG  1 
ATOM   176 O  OD1 . ASP A 1 30  ? 6.757   2.851   -3.233  1.00 46.03 ? 30   ASP A OD1 1 
ATOM   177 O  OD2 . ASP A 1 30  ? 5.895   4.701   -4.055  1.00 57.11 ? 30   ASP A OD2 1 
ATOM   178 N  N   . CYS A 1 31  ? 3.412   0.816   -2.789  1.00 36.95 ? 31   CYS A N   1 
ATOM   179 C  CA  . CYS A 1 31  ? 2.980   0.527   -1.422  1.00 43.08 ? 31   CYS A CA  1 
ATOM   180 C  C   . CYS A 1 31  ? 2.969   -0.967  -1.137  1.00 45.22 ? 31   CYS A C   1 
ATOM   181 O  O   . CYS A 1 31  ? 3.190   -1.389  0.020   1.00 51.36 ? 31   CYS A O   1 
ATOM   182 C  CB  . CYS A 1 31  ? 1.609   1.150   -1.160  1.00 41.06 ? 31   CYS A CB  1 
ATOM   183 S  SG  . CYS A 1 31  ? 1.107   1.250   0.578   1.00 47.44 ? 31   CYS A SG  1 
ATOM   184 N  N   . ALA A 1 32  ? 2.684   -1.749  -2.183  1.00 43.12 ? 32   ALA A N   1 
ATOM   185 C  CA  . ALA A 1 32  ? 2.826   -3.200  -2.164  1.00 41.39 ? 32   ALA A CA  1 
ATOM   186 C  C   . ALA A 1 32  ? 4.256   -3.561  -1.793  1.00 43.66 ? 32   ALA A C   1 
ATOM   187 O  O   . ALA A 1 32  ? 4.487   -4.164  -0.760  1.00 44.17 ? 32   ALA A O   1 
ATOM   188 C  CB  . ALA A 1 32  ? 2.456   -3.807  -3.532  1.00 39.16 ? 32   ALA A CB  1 
ATOM   189 N  N   . GLN A 1 33  ? 5.220   -3.187  -2.641  1.00 42.19 ? 33   GLN A N   1 
ATOM   190 C  CA  . GLN A 1 33  ? 6.607   -3.503  -2.364  1.00 39.19 ? 33   GLN A CA  1 
ATOM   191 C  C   . GLN A 1 33  ? 7.014   -3.030  -0.959  1.00 41.80 ? 33   GLN A C   1 
ATOM   192 O  O   . GLN A 1 33  ? 7.750   -3.756  -0.243  1.00 36.15 ? 33   GLN A O   1 
ATOM   193 C  CB  . GLN A 1 33  ? 7.513   -2.847  -3.408  1.00 35.82 ? 33   GLN A CB  1 
ATOM   194 C  CG  . GLN A 1 33  ? 8.959   -3.246  -3.333  1.00 34.39 ? 33   GLN A CG  1 
ATOM   195 C  CD  . GLN A 1 33  ? 9.769   -2.630  -2.180  1.00 33.95 ? 33   GLN A CD  1 
ATOM   196 O  OE1 . GLN A 1 33  ? 9.581   -1.492  -1.767  1.00 44.77 ? 33   GLN A OE1 1 
ATOM   197 N  NE2 . GLN A 1 33  ? 10.712  -3.401  -1.683  1.00 33.34 ? 33   GLN A NE2 1 
ATOM   198 N  N   . THR A 1 34  ? 6.563   -1.824  -0.585  1.00 37.09 ? 34   THR A N   1 
ATOM   199 C  CA  . THR A 1 34  ? 7.015   -1.216  0.662   1.00 40.49 ? 34   THR A CA  1 
ATOM   200 C  C   . THR A 1 34  ? 6.554   -1.982  1.899   1.00 40.56 ? 34   THR A C   1 
ATOM   201 O  O   . THR A 1 34  ? 7.345   -2.151  2.870   1.00 37.27 ? 34   THR A O   1 
ATOM   202 C  CB  . THR A 1 34  ? 6.628   0.286   0.782   1.00 43.15 ? 34   THR A CB  1 
ATOM   203 O  OG1 . THR A 1 34  ? 7.213   1.022   -0.291  1.00 43.06 ? 34   THR A OG1 1 
ATOM   204 C  CG2 . THR A 1 34  ? 7.141   0.880   2.091   1.00 46.35 ? 34   THR A CG2 1 
ATOM   205 N  N   . CYS A 1 35  ? 5.295   -2.433  1.887   1.00 41.04 ? 35   CYS A N   1 
ATOM   206 C  CA  . CYS A 1 35  ? 4.730   -3.124  3.060   1.00 39.07 ? 35   CYS A CA  1 
ATOM   207 C  C   . CYS A 1 35  ? 5.306   -4.533  3.162   1.00 40.18 ? 35   CYS A C   1 
ATOM   208 O  O   . CYS A 1 35  ? 5.583   -5.029  4.262   1.00 42.07 ? 35   CYS A O   1 
ATOM   209 C  CB  . CYS A 1 35  ? 3.217   -3.129  3.020   1.00 39.30 ? 35   CYS A CB  1 
ATOM   210 S  SG  . CYS A 1 35  ? 2.521   -1.486  3.392   1.00 42.53 ? 35   CYS A SG  1 
ATOM   211 N  N   . ALA A 1 36  ? 5.530   -5.162  2.015   1.00 40.69 ? 36   ALA A N   1 
ATOM   212 C  CA  . ALA A 1 36  ? 6.285   -6.422  1.937   1.00 43.42 ? 36   ALA A CA  1 
ATOM   213 C  C   . ALA A 1 36  ? 7.705   -6.261  2.520   1.00 45.98 ? 36   ALA A C   1 
ATOM   214 O  O   . ALA A 1 36  ? 8.198   -7.135  3.205   1.00 44.90 ? 36   ALA A O   1 
ATOM   215 C  CB  . ALA A 1 36  ? 6.383   -6.904  0.487   1.00 42.15 ? 36   ALA A CB  1 
ATOM   216 N  N   . ALA A 1 37  ? 8.344   -5.128  2.233   1.00 43.65 ? 37   ALA A N   1 
ATOM   217 C  CA  . ALA A 1 37  ? 9.627   -4.819  2.843   1.00 42.32 ? 37   ALA A CA  1 
ATOM   218 C  C   . ALA A 1 37  ? 9.484   -4.608  4.339   1.00 39.82 ? 37   ALA A C   1 
ATOM   219 O  O   . ALA A 1 37  ? 10.340  -5.082  5.085   1.00 46.87 ? 37   ALA A O   1 
ATOM   220 C  CB  . ALA A 1 37  ? 10.288  -3.608  2.166   1.00 41.98 ? 37   ALA A CB  1 
ATOM   221 N  N   . CYS A 1 38  ? 8.426   -3.913  4.771   1.00 36.94 ? 38   CYS A N   1 
ATOM   222 C  CA  . CYS A 1 38  ? 8.228   -3.591  6.200   1.00 42.14 ? 38   CYS A CA  1 
ATOM   223 C  C   . CYS A 1 38  ? 7.871   -4.824  7.037   1.00 40.22 ? 38   CYS A C   1 
ATOM   224 O  O   . CYS A 1 38  ? 8.381   -4.991  8.142   1.00 42.72 ? 38   CYS A O   1 
ATOM   225 C  CB  . CYS A 1 38  ? 7.187   -2.476  6.433   1.00 43.51 ? 38   CYS A CB  1 
ATOM   226 S  SG  . CYS A 1 38  ? 7.515   -1.623  8.001   1.00 48.25 ? 38   CYS A SG  1 
ATOM   227 N  N   . ALA A 1 39  ? 7.043   -5.690  6.491   1.00 39.98 ? 39   ALA A N   1 
ATOM   228 C  CA  . ALA A 1 39  ? 6.766   -6.984  7.125   1.00 41.50 ? 39   ALA A CA  1 
ATOM   229 C  C   . ALA A 1 39  ? 8.069   -7.694  7.407   1.00 42.04 ? 39   ALA A C   1 
ATOM   230 O  O   . ALA A 1 39  ? 8.327   -8.063  8.545   1.00 45.79 ? 39   ALA A O   1 
ATOM   231 C  CB  . ALA A 1 39  ? 5.867   -7.865  6.243   1.00 38.87 ? 39   ALA A CB  1 
ATOM   232 N  N   . ASP A 1 40  ? 8.901   -7.867  6.381   1.00 41.08 ? 40   ASP A N   1 
ATOM   233 C  CA  . ASP A 1 40  ? 10.185  -8.519  6.600   1.00 46.65 ? 40   ASP A CA  1 
ATOM   234 C  C   . ASP A 1 40  ? 11.116  -7.796  7.616   1.00 48.90 ? 40   ASP A C   1 
ATOM   235 O  O   . ASP A 1 40  ? 11.797  -8.440  8.419   1.00 53.22 ? 40   ASP A O   1 
ATOM   236 C  CB  . ASP A 1 40  ? 10.917  -8.730  5.291   1.00 44.16 ? 40   ASP A CB  1 
ATOM   237 C  CG  . ASP A 1 40  ? 11.930  -9.852  5.391   1.00 45.21 ? 40   ASP A CG  1 
ATOM   238 O  OD1 . ASP A 1 40  ? 11.532  -11.028 5.641   1.00 41.40 ? 40   ASP A OD1 1 
ATOM   239 O  OD2 . ASP A 1 40  ? 13.132  -9.561  5.237   1.00 49.77 ? 40   ASP A OD2 1 
ATOM   240 N  N   . ALA A 1 41  ? 11.119  -6.467  7.591   1.00 46.93 ? 41   ALA A N   1 
ATOM   241 C  CA  . ALA A 1 41  ? 11.932  -5.672  8.532   1.00 47.40 ? 41   ALA A CA  1 
ATOM   242 C  C   . ALA A 1 41  ? 11.471  -5.855  9.977   1.00 47.33 ? 41   ALA A C   1 
ATOM   243 O  O   . ALA A 1 41  ? 12.291  -6.080  10.875  1.00 45.87 ? 41   ALA A O   1 
ATOM   244 C  CB  . ALA A 1 41  ? 11.913  -4.195  8.167   1.00 44.73 ? 41   ALA A CB  1 
ATOM   245 N  N   . CYS A 1 42  ? 10.165  -5.758  10.196  1.00 44.39 ? 42   CYS A N   1 
ATOM   246 C  CA  . CYS A 1 42  ? 9.602   -6.018  11.512  1.00 47.27 ? 42   CYS A CA  1 
ATOM   247 C  C   . CYS A 1 42  ? 9.857   -7.433  11.974  1.00 48.81 ? 42   CYS A C   1 
ATOM   248 O  O   . CYS A 1 42  ? 10.210  -7.663  13.141  1.00 55.40 ? 42   CYS A O   1 
ATOM   249 C  CB  . CYS A 1 42  ? 8.109   -5.677  11.528  1.00 47.71 ? 42   CYS A CB  1 
ATOM   250 S  SG  . CYS A 1 42  ? 7.877   -3.897  11.394  1.00 48.62 ? 42   CYS A SG  1 
ATOM   251 N  N   . LEU A 1 43  ? 9.728   -8.376  11.047  1.00 50.50 ? 43   LEU A N   1 
ATOM   252 C  CA  . LEU A 1 43  ? 10.047  -9.783  11.321  1.00 49.78 ? 43   LEU A CA  1 
ATOM   253 C  C   . LEU A 1 43  ? 11.476  -9.979  11.816  1.00 50.02 ? 43   LEU A C   1 
ATOM   254 O  O   . LEU A 1 43  ? 11.746  -10.864 12.620  1.00 51.02 ? 43   LEU A O   1 
ATOM   255 C  CB  . LEU A 1 43  ? 9.814   -10.603 10.067  1.00 47.44 ? 43   LEU A CB  1 
ATOM   256 C  CG  . LEU A 1 43  ? 9.718   -12.127 10.152  1.00 53.09 ? 43   LEU A CG  1 
ATOM   257 C  CD1 . LEU A 1 43  ? 8.748   -12.593 11.231  1.00 48.98 ? 43   LEU A CD1 1 
ATOM   258 C  CD2 . LEU A 1 43  ? 9.276   -12.647 8.775   1.00 53.12 ? 43   LEU A CD2 1 
ATOM   259 N  N   . GLY A 1 44  ? 12.385  -9.146  11.324  1.00 48.81 ? 44   GLY A N   1 
ATOM   260 C  CA  . GLY A 1 44  ? 13.792  -9.188  11.710  1.00 51.37 ? 44   GLY A CA  1 
ATOM   261 C  C   . GLY A 1 44  ? 14.157  -8.440  12.978  1.00 47.82 ? 44   GLY A C   1 
ATOM   262 O  O   . GLY A 1 44  ? 15.285  -8.518  13.412  1.00 55.78 ? 44   GLY A O   1 
ATOM   263 N  N   . GLU A 1 45  ? 13.214  -7.717  13.575  1.00 53.86 ? 45   GLU A N   1 
ATOM   264 C  CA  . GLU A 1 45  ? 13.508  -6.931  14.758  1.00 51.03 ? 45   GLU A CA  1 
ATOM   265 C  C   . GLU A 1 45  ? 13.581  -7.798  15.977  1.00 54.03 ? 45   GLU A C   1 
ATOM   266 O  O   . GLU A 1 45  ? 12.972  -8.861  16.008  1.00 54.47 ? 45   GLU A O   1 
ATOM   267 C  CB  . GLU A 1 45  ? 12.436  -5.892  14.962  1.00 53.06 ? 45   GLU A CB  1 
ATOM   268 C  CG  . GLU A 1 45  ? 12.478  -4.785  13.920  1.00 61.78 ? 45   GLU A CG  1 
ATOM   269 C  CD  . GLU A 1 45  ? 13.735  -3.914  14.000  1.00 62.45 ? 45   GLU A CD  1 
ATOM   270 O  OE1 . GLU A 1 45  ? 14.196  -3.614  15.114  1.00 60.08 ? 45   GLU A OE1 1 
ATOM   271 O  OE2 . GLU A 1 45  ? 14.264  -3.529  12.940  1.00 62.94 ? 45   GLU A OE2 1 
ATOM   272 N  N   . ASP A 1 46  ? 14.328  -7.339  16.979  1.00 54.41 ? 46   ASP A N   1 
ATOM   273 C  CA  . ASP A 1 46  ? 14.382  -8.010  18.278  1.00 55.77 ? 46   ASP A CA  1 
ATOM   274 C  C   . ASP A 1 46  ? 13.021  -7.921  18.952  1.00 52.93 ? 46   ASP A C   1 
ATOM   275 O  O   . ASP A 1 46  ? 12.559  -8.885  19.529  1.00 49.38 ? 46   ASP A O   1 
ATOM   276 C  CB  . ASP A 1 46  ? 15.434  -7.383  19.202  1.00 57.91 ? 46   ASP A CB  1 
ATOM   277 C  CG  . ASP A 1 46  ? 16.856  -7.440  18.629  1.00 65.60 ? 46   ASP A CG  1 
ATOM   278 O  OD1 . ASP A 1 46  ? 17.237  -8.428  17.963  1.00 63.62 ? 46   ASP A OD1 1 
ATOM   279 O  OD2 . ASP A 1 46  ? 17.621  -6.487  18.889  1.00 73.80 ? 46   ASP A OD2 1 
ATOM   280 N  N   . LYS A 1 47  ? 12.360  -6.773  18.878  1.00 55.35 ? 47   LYS A N   1 
ATOM   281 C  CA  . LYS A 1 47  ? 11.025  -6.658  19.483  1.00 61.85 ? 47   LYS A CA  1 
ATOM   282 C  C   . LYS A 1 47  ? 9.912   -7.256  18.576  1.00 56.00 ? 47   LYS A C   1 
ATOM   283 O  O   . LYS A 1 47  ? 8.752   -6.879  18.688  1.00 56.15 ? 47   LYS A O   1 
ATOM   284 C  CB  . LYS A 1 47  ? 10.735  -5.190  19.872  1.00 65.55 ? 47   LYS A CB  1 
ATOM   285 N  N   . VAL A 1 48  ? 10.261  -8.196  17.696  1.00 51.25 ? 48   VAL A N   1 
ATOM   286 C  CA  . VAL A 1 48  ? 9.298   -8.832  16.778  1.00 48.59 ? 48   VAL A CA  1 
ATOM   287 C  C   . VAL A 1 48  ? 8.011   -9.275  17.447  1.00 51.51 ? 48   VAL A C   1 
ATOM   288 O  O   . VAL A 1 48  ? 6.922   -9.062  16.902  1.00 48.46 ? 48   VAL A O   1 
ATOM   289 C  CB  . VAL A 1 48  ? 9.932   -10.037 16.036  1.00 51.40 ? 48   VAL A CB  1 
ATOM   290 C  CG1 . VAL A 1 48  ? 10.440  -11.117 17.001  1.00 51.02 ? 48   VAL A CG1 1 
ATOM   291 C  CG2 . VAL A 1 48  ? 8.957   -10.645 15.038  1.00 49.22 ? 48   VAL A CG2 1 
ATOM   292 N  N   . ALA A 1 49  ? 8.134   -9.855  18.641  1.00 56.15 ? 49   ALA A N   1 
ATOM   293 C  CA  . ALA A 1 49  ? 6.990   -10.339 19.434  1.00 57.49 ? 49   ALA A CA  1 
ATOM   294 C  C   . ALA A 1 49  ? 5.919   -9.265  19.686  1.00 55.78 ? 49   ALA A C   1 
ATOM   295 O  O   . ALA A 1 49  ? 4.750   -9.565  19.855  1.00 57.54 ? 49   ALA A O   1 
ATOM   296 C  CB  . ALA A 1 49  ? 7.518   -10.874 20.776  1.00 63.01 ? 49   ALA A CB  1 
ATOM   297 N  N   . ASP A 1 50  ? 6.356   -8.011  19.708  1.00 57.32 ? 50   ASP A N   1 
ATOM   298 C  CA  . ASP A 1 50  ? 5.493   -6.853  19.817  1.00 59.73 ? 50   ASP A CA  1 
ATOM   299 C  C   . ASP A 1 50  ? 4.977   -6.338  18.475  1.00 59.33 ? 50   ASP A C   1 
ATOM   300 O  O   . ASP A 1 50  ? 4.130   -5.426  18.440  1.00 52.92 ? 50   ASP A O   1 
ATOM   301 C  CB  . ASP A 1 50  ? 6.272   -5.697  20.464  1.00 65.36 ? 50   ASP A CB  1 
ATOM   302 C  CG  . ASP A 1 50  ? 7.026   -6.110  21.725  1.00 70.27 ? 50   ASP A CG  1 
ATOM   303 O  OD1 . ASP A 1 50  ? 6.401   -6.784  22.594  1.00 63.95 ? 50   ASP A OD1 1 
ATOM   304 O  OD2 . ASP A 1 50  ? 8.236   -5.751  21.828  1.00 71.57 ? 50   ASP A OD2 1 
ATOM   305 N  N   . LEU A 1 51  ? 5.467   -6.877  17.362  1.00 51.70 ? 51   LEU A N   1 
ATOM   306 C  CA  . LEU A 1 51  ? 5.155   -6.286  16.063  1.00 47.62 ? 51   LEU A CA  1 
ATOM   307 C  C   . LEU A 1 51  ? 4.189   -7.101  15.251  1.00 48.34 ? 51   LEU A C   1 
ATOM   308 O  O   . LEU A 1 51  ? 3.980   -6.810  14.079  1.00 54.67 ? 51   LEU A O   1 
ATOM   309 C  CB  . LEU A 1 51  ? 6.447   -6.054  15.293  1.00 48.25 ? 51   LEU A CB  1 
ATOM   310 C  CG  . LEU A 1 51  ? 7.334   -5.009  15.967  1.00 49.74 ? 51   LEU A CG  1 
ATOM   311 C  CD1 . LEU A 1 51  ? 8.723   -4.978  15.369  1.00 51.98 ? 51   LEU A CD1 1 
ATOM   312 C  CD2 . LEU A 1 51  ? 6.686   -3.633  15.929  1.00 55.69 ? 51   LEU A CD2 1 
ATOM   313 N  N   . ARG A 1 52  ? 3.558   -8.089  15.883  1.00 50.36 ? 52   ARG A N   1 
ATOM   314 C  CA  . ARG A 1 52  ? 2.839   -9.121  15.159  1.00 47.44 ? 52   ARG A CA  1 
ATOM   315 C  C   . ARG A 1 52  ? 1.726   -8.547  14.312  1.00 45.62 ? 52   ARG A C   1 
ATOM   316 O  O   . ARG A 1 52  ? 1.562   -8.924  13.170  1.00 44.02 ? 52   ARG A O   1 
ATOM   317 C  CB  . ARG A 1 52  ? 2.226   -10.113 16.126  1.00 50.17 ? 52   ARG A CB  1 
ATOM   318 C  CG  . ARG A 1 52  ? 3.214   -10.916 16.950  1.00 54.27 ? 52   ARG A CG  1 
ATOM   319 C  CD  . ARG A 1 52  ? 2.426   -11.950 17.732  1.00 58.99 ? 52   ARG A CD  1 
ATOM   320 N  NE  . ARG A 1 52  ? 3.277   -12.997 18.264  1.00 65.70 ? 52   ARG A NE  1 
ATOM   321 C  CZ  . ARG A 1 52  ? 3.877   -12.972 19.448  1.00 66.00 ? 52   ARG A CZ  1 
ATOM   322 N  NH1 . ARG A 1 52  ? 3.742   -11.934 20.273  1.00 68.98 ? 52   ARG A NH1 1 
ATOM   323 N  NH2 . ARG A 1 52  ? 4.637   -14.000 19.798  1.00 65.14 ? 52   ARG A NH2 1 
ATOM   324 N  N   . HIS A 1 53  ? 0.964   -7.638  14.913  1.00 48.32 ? 53   HIS A N   1 
ATOM   325 C  CA  . HIS A 1 53  ? -0.189  -7.020  14.292  1.00 49.30 ? 53   HIS A CA  1 
ATOM   326 C  C   . HIS A 1 53  ? 0.269   -6.175  13.112  1.00 49.01 ? 53   HIS A C   1 
ATOM   327 O  O   . HIS A 1 53  ? -0.338  -6.202  12.050  1.00 53.66 ? 53   HIS A O   1 
ATOM   328 C  CB  . HIS A 1 53  ? -0.984  -6.207  15.334  1.00 51.42 ? 53   HIS A CB  1 
ATOM   329 C  CG  . HIS A 1 53  ? -2.214  -5.548  14.784  1.00 51.07 ? 53   HIS A CG  1 
ATOM   330 N  ND1 . HIS A 1 53  ? -3.289  -6.259  14.295  1.00 59.43 ? 53   HIS A ND1 1 
ATOM   331 C  CD2 . HIS A 1 53  ? -2.523  -4.242  14.609  1.00 54.70 ? 53   HIS A CD2 1 
ATOM   332 C  CE1 . HIS A 1 53  ? -4.203  -5.421  13.836  1.00 58.70 ? 53   HIS A CE1 1 
ATOM   333 N  NE2 . HIS A 1 53  ? -3.768  -4.188  14.028  1.00 58.58 ? 53   HIS A NE2 1 
ATOM   334 N  N   . CYS A 1 54  ? 1.380   -5.480  13.291  1.00 44.89 ? 54   CYS A N   1 
ATOM   335 C  CA  . CYS A 1 54  ? 1.978   -4.687  12.225  1.00 46.81 ? 54   CYS A CA  1 
ATOM   336 C  C   . CYS A 1 54  ? 2.450   -5.514  11.038  1.00 42.29 ? 54   CYS A C   1 
ATOM   337 O  O   . CYS A 1 54  ? 2.207   -5.152  9.889   1.00 42.00 ? 54   CYS A O   1 
ATOM   338 C  CB  . CYS A 1 54  ? 3.137   -3.844  12.783  1.00 47.00 ? 54   CYS A CB  1 
ATOM   339 S  SG  . CYS A 1 54  ? 3.881   -2.789  11.529  1.00 49.08 ? 54   CYS A SG  1 
ATOM   340 N  N   . ILE A 1 55  ? 3.108   -6.627  11.320  1.00 41.46 ? 55   ILE A N   1 
ATOM   341 C  CA  . ILE A 1 55  ? 3.606   -7.544  10.255  1.00 39.56 ? 55   ILE A CA  1 
ATOM   342 C  C   . ILE A 1 55  ? 2.427   -8.060  9.460   1.00 42.45 ? 55   ILE A C   1 
ATOM   343 O  O   . ILE A 1 55  ? 2.402   -8.007  8.202   1.00 41.01 ? 55   ILE A O   1 
ATOM   344 C  CB  . ILE A 1 55  ? 4.418   -8.714  10.864  1.00 41.95 ? 55   ILE A CB  1 
ATOM   345 C  CG1 . ILE A 1 55  ? 5.710   -8.184  11.481  1.00 38.14 ? 55   ILE A CG1 1 
ATOM   346 C  CG2 . ILE A 1 55  ? 4.704   -9.831  9.835   1.00 43.04 ? 55   ILE A CG2 1 
ATOM   347 C  CD1 . ILE A 1 55  ? 6.371   -9.093  12.502  1.00 45.35 ? 55   ILE A CD1 1 
ATOM   348 N  N   . ARG A 1 56  ? 1.437   -8.538  10.198  1.00 44.23 ? 56   ARG A N   1 
ATOM   349 C  CA  . ARG A 1 56  ? 0.194   -9.043  9.595   1.00 48.54 ? 56   ARG A CA  1 
ATOM   350 C  C   . ARG A 1 56  ? -0.485  -8.043  8.698   1.00 43.26 ? 56   ARG A C   1 
ATOM   351 O  O   . ARG A 1 56  ? -0.892  -8.393  7.607   1.00 39.47 ? 56   ARG A O   1 
ATOM   352 C  CB  . ARG A 1 56  ? -0.807  -9.501  10.667  1.00 51.38 ? 56   ARG A CB  1 
ATOM   353 C  CG  . ARG A 1 56  ? -0.442  -10.842 11.284  1.00 56.51 ? 56   ARG A CG  1 
ATOM   354 C  CD  . ARG A 1 56  ? -1.535  -11.357 12.216  1.00 61.93 ? 56   ARG A CD  1 
ATOM   355 N  NE  . ARG A 1 56  ? -1.177  -12.653 12.808  1.00 62.08 ? 56   ARG A NE  1 
ATOM   356 C  CZ  . ARG A 1 56  ? -0.973  -12.901 14.110  1.00 67.97 ? 56   ARG A CZ  1 
ATOM   357 N  NH1 . ARG A 1 56  ? -1.079  -11.948 15.050  1.00 66.68 ? 56   ARG A NH1 1 
ATOM   358 N  NH2 . ARG A 1 56  ? -0.653  -14.143 14.485  1.00 65.33 ? 56   ARG A NH2 1 
ATOM   359 N  N   . LEU A 1 57  ? -0.633  -6.809  9.181   1.00 43.04 ? 57   LEU A N   1 
ATOM   360 C  CA  . LEU A 1 57  ? -1.247  -5.776  8.393   1.00 41.67 ? 57   LEU A CA  1 
ATOM   361 C  C   . LEU A 1 57  ? -0.414  -5.479  7.153   1.00 40.76 ? 57   LEU A C   1 
ATOM   362 O  O   . LEU A 1 57  ? -0.956  -5.247  6.057   1.00 40.12 ? 57   LEU A O   1 
ATOM   363 C  CB  . LEU A 1 57  ? -1.454  -4.507  9.206   1.00 47.26 ? 57   LEU A CB  1 
ATOM   364 C  CG  . LEU A 1 57  ? -2.543  -4.533  10.274  1.00 48.71 ? 57   LEU A CG  1 
ATOM   365 C  CD1 . LEU A 1 57  ? -2.617  -3.157  10.914  1.00 49.21 ? 57   LEU A CD1 1 
ATOM   366 C  CD2 . LEU A 1 57  ? -3.891  -4.912  9.711   1.00 49.50 ? 57   LEU A CD2 1 
ATOM   367 N  N   . ASN A 1 58  ? 0.897   -5.471  7.321   1.00 39.84 ? 58   ASN A N   1 
ATOM   368 C  CA  . ASN A 1 58  ? 1.778   -5.207  6.212   1.00 37.93 ? 58   ASN A CA  1 
ATOM   369 C  C   . ASN A 1 58  ? 1.623   -6.258  5.120   1.00 42.92 ? 58   ASN A C   1 
ATOM   370 O  O   . ASN A 1 58  ? 1.573   -5.934  3.906   1.00 41.45 ? 58   ASN A O   1 
ATOM   371 C  CB  . ASN A 1 58  ? 3.203   -5.107  6.698   1.00 40.42 ? 58   ASN A CB  1 
ATOM   372 C  CG  . ASN A 1 58  ? 3.554   -3.675  7.157   1.00 40.56 ? 58   ASN A CG  1 
ATOM   373 O  OD1 . ASN A 1 58  ? 3.601   -2.761  6.349   1.00 39.24 ? 58   ASN A OD1 1 
ATOM   374 N  ND2 . ASN A 1 58  ? 3.798   -3.495  8.448   1.00 34.44 ? 58   ASN A ND2 1 
ATOM   375 N  N   . LEU A 1 59  ? 1.472   -7.507  5.550   1.00 35.90 ? 59   LEU A N   1 
ATOM   376 C  CA  . LEU A 1 59  ? 1.259   -8.601  4.616   1.00 33.85 ? 59   LEU A CA  1 
ATOM   377 C  C   . LEU A 1 59  ? -0.038  -8.455  3.851   1.00 33.00 ? 59   LEU A C   1 
ATOM   378 O  O   . LEU A 1 59  ? -0.083  -8.658  2.640   1.00 36.51 ? 59   LEU A O   1 
ATOM   379 C  CB  . LEU A 1 59  ? 1.234   -9.953  5.361   1.00 34.43 ? 59   LEU A CB  1 
ATOM   380 C  CG  . LEU A 1 59  ? 2.568   -10.323 5.976   1.00 35.52 ? 59   LEU A CG  1 
ATOM   381 C  CD1 . LEU A 1 59  ? 2.384   -11.540 6.859   1.00 36.71 ? 59   LEU A CD1 1 
ATOM   382 C  CD2 . LEU A 1 59  ? 3.619   -10.500 4.895   1.00 35.76 ? 59   LEU A CD2 1 
ATOM   383 N  N   . ASP A 1 60  ? -1.105  -8.170  4.580   1.00 34.66 ? 60   ASP A N   1 
ATOM   384 C  CA  . ASP A 1 60  ? -2.404  -7.855  3.968   1.00 36.49 ? 60   ASP A CA  1 
ATOM   385 C  C   . ASP A 1 60  ? -2.368  -6.627  3.038   1.00 34.28 ? 60   ASP A C   1 
ATOM   386 O  O   . ASP A 1 60  ? -3.022  -6.625  2.004   1.00 36.65 ? 60   ASP A O   1 
ATOM   387 C  CB  . ASP A 1 60  ? -3.464  -7.647  5.062   1.00 38.53 ? 60   ASP A CB  1 
ATOM   388 C  CG  . ASP A 1 60  ? -3.772  -8.899  5.814   1.00 37.94 ? 60   ASP A CG  1 
ATOM   389 O  OD1 . ASP A 1 60  ? -3.310  -9.976  5.436   1.00 41.34 ? 60   ASP A OD1 1 
ATOM   390 O  OD2 . ASP A 1 60  ? -4.474  -8.807  6.799   1.00 46.62 ? 60   ASP A OD2 1 
ATOM   391 N  N   . CYS A 1 61  ? -1.621  -5.587  3.401   1.00 35.20 ? 61   CYS A N   1 
ATOM   392 C  CA  . CYS A 1 61  ? -1.561  -4.364  2.591   1.00 35.80 ? 61   CYS A CA  1 
ATOM   393 C  C   . CYS A 1 61  ? -0.780  -4.555  1.292   1.00 37.50 ? 61   CYS A C   1 
ATOM   394 O  O   . CYS A 1 61  ? -1.135  -3.980  0.229   1.00 39.28 ? 61   CYS A O   1 
ATOM   395 C  CB  . CYS A 1 61  ? -0.997  -3.180  3.401   1.00 38.85 ? 61   CYS A CB  1 
ATOM   396 S  SG  . CYS A 1 61  ? -1.552  -1.586  2.764   1.00 42.16 ? 61   CYS A SG  1 
ATOM   397 N  N   . ALA A 1 62  ? 0.287   -5.352  1.376   1.00 33.39 ? 62   ALA A N   1 
ATOM   398 C  CA  . ALA A 1 62  ? 0.985   -5.845  0.201   1.00 33.65 ? 62   ALA A CA  1 
ATOM   399 C  C   . ALA A 1 62  ? 0.092   -6.601  -0.770  1.00 34.39 ? 62   ALA A C   1 
ATOM   400 O  O   . ALA A 1 62  ? 0.139   -6.353  -1.996  1.00 39.31 ? 62   ALA A O   1 
ATOM   401 C  CB  . ALA A 1 62  ? 2.106   -6.770  0.617   1.00 36.78 ? 62   ALA A CB  1 
ATOM   402 N  N   . GLU A 1 63  ? -0.685  -7.538  -0.221  1.00 36.25 ? 63   GLU A N   1 
ATOM   403 C  CA  . GLU A 1 63  ? -1.562  -8.418  -1.004  1.00 36.70 ? 63   GLU A CA  1 
ATOM   404 C  C   . GLU A 1 63  ? -2.666  -7.584  -1.660  1.00 39.28 ? 63   GLU A C   1 
ATOM   405 O  O   . GLU A 1 63  ? -2.893  -7.681  -2.864  1.00 35.24 ? 63   GLU A O   1 
ATOM   406 C  CB  . GLU A 1 63  ? -2.175  -9.470  -0.103  1.00 44.01 ? 63   GLU A CB  1 
ATOM   407 C  CG  . GLU A 1 63  ? -2.989  -10.524 -0.836  1.00 49.61 ? 63   GLU A CG  1 
ATOM   408 C  CD  . GLU A 1 63  ? -2.110  -11.519 -1.567  1.00 60.52 ? 63   GLU A CD  1 
ATOM   409 O  OE1 . GLU A 1 63  ? -1.117  -11.986 -0.934  1.00 73.51 ? 63   GLU A OE1 1 
ATOM   410 O  OE2 . GLU A 1 63  ? -2.408  -11.826 -2.758  1.00 60.73 ? 63   GLU A OE2 1 
ATOM   411 N  N   . ILE A 1 64  ? -3.301  -6.722  -0.876  1.00 37.23 ? 64   ILE A N   1 
ATOM   412 C  CA  . ILE A 1 64  ? -4.412  -5.898  -1.405  1.00 40.33 ? 64   ILE A CA  1 
ATOM   413 C  C   . ILE A 1 64  ? -3.943  -4.892  -2.428  1.00 33.70 ? 64   ILE A C   1 
ATOM   414 O  O   . ILE A 1 64  ? -4.551  -4.768  -3.514  1.00 32.56 ? 64   ILE A O   1 
ATOM   415 C  CB  . ILE A 1 64  ? -5.245  -5.240  -0.264  1.00 44.30 ? 64   ILE A CB  1 
ATOM   416 C  CG1 . ILE A 1 64  ? -6.232  -6.292  0.272   1.00 46.53 ? 64   ILE A CG1 1 
ATOM   417 C  CG2 . ILE A 1 64  ? -5.982  -3.995  -0.756  1.00 45.84 ? 64   ILE A CG2 1 
ATOM   418 C  CD1 . ILE A 1 64  ? -6.668  -6.069  1.697   1.00 51.16 ? 64   ILE A CD1 1 
ATOM   419 N  N   . CYS A 1 65  ? -2.830  -4.243  -2.150  1.00 32.23 ? 65   CYS A N   1 
ATOM   420 C  CA  . CYS A 1 65  ? -2.248  -3.316  -3.138  1.00 34.18 ? 65   CYS A CA  1 
ATOM   421 C  C   . CYS A 1 65  ? -1.820  -3.947  -4.448  1.00 36.18 ? 65   CYS A C   1 
ATOM   422 O  O   . CYS A 1 65  ? -2.064  -3.359  -5.529  1.00 38.88 ? 65   CYS A O   1 
ATOM   423 C  CB  . CYS A 1 65  ? -1.112  -2.497  -2.529  1.00 35.63 ? 65   CYS A CB  1 
ATOM   424 S  SG  . CYS A 1 65  ? -1.797  -1.299  -1.340  1.00 35.84 ? 65   CYS A SG  1 
ATOM   425 N  N   . VAL A 1 66  ? -1.209  -5.137  -4.415  1.00 40.99 ? 66   VAL A N   1 
ATOM   426 C  CA  . VAL A 1 66  ? -0.918  -5.834  -5.703  1.00 37.81 ? 66   VAL A CA  1 
ATOM   427 C  C   . VAL A 1 66  ? -2.259  -6.025  -6.381  1.00 37.27 ? 66   VAL A C   1 
ATOM   428 O  O   . VAL A 1 66  ? -2.449  -5.655  -7.547  1.00 40.90 ? 66   VAL A O   1 
ATOM   429 C  CB  . VAL A 1 66  ? -0.227  -7.211  -5.512  1.00 42.32 ? 66   VAL A CB  1 
ATOM   430 C  CG1 . VAL A 1 66  ? -0.358  -8.083  -6.741  1.00 43.50 ? 66   VAL A CG1 1 
ATOM   431 C  CG2 . VAL A 1 66  ? 1.239   -7.017  -5.216  1.00 42.78 ? 66   VAL A CG2 1 
ATOM   432 N  N   . ALA A 1 67  ? -3.212  -6.577  -5.635  1.00 37.31 ? 67   ALA A N   1 
ATOM   433 C  CA  . ALA A 1 67  ? -4.492  -6.915  -6.235  1.00 35.87 ? 67   ALA A CA  1 
ATOM   434 C  C   . ALA A 1 67  ? -5.157  -5.678  -6.814  1.00 37.40 ? 67   ALA A C   1 
ATOM   435 O  O   . ALA A 1 67  ? -5.507  -5.665  -7.963  1.00 38.29 ? 67   ALA A O   1 
ATOM   436 C  CB  . ALA A 1 67  ? -5.385  -7.575  -5.219  1.00 40.07 ? 67   ALA A CB  1 
ATOM   437 N  N   . ALA A 1 68  ? -5.292  -4.638  -5.996  1.00 35.36 ? 68   ALA A N   1 
ATOM   438 C  CA  . ALA A 1 68  ? -5.858  -3.382  -6.418  1.00 38.41 ? 68   ALA A CA  1 
ATOM   439 C  C   . ALA A 1 68  ? -5.131  -2.757  -7.614  1.00 39.53 ? 68   ALA A C   1 
ATOM   440 O  O   . ALA A 1 68  ? -5.761  -2.205  -8.499  1.00 39.27 ? 68   ALA A O   1 
ATOM   441 C  CB  . ALA A 1 68  ? -5.874  -2.416  -5.233  1.00 37.88 ? 68   ALA A CB  1 
ATOM   442 N  N   . GLY A 1 69  ? -3.799  -2.805  -7.622  1.00 40.72 ? 69   GLY A N   1 
ATOM   443 C  CA  . GLY A 1 69  ? -3.041  -2.254  -8.730  1.00 36.01 ? 69   GLY A CA  1 
ATOM   444 C  C   . GLY A 1 69  ? -3.174  -3.016  -10.033 1.00 41.64 ? 69   GLY A C   1 
ATOM   445 O  O   . GLY A 1 69  ? -3.022  -2.433  -11.108 1.00 37.05 ? 69   GLY A O   1 
ATOM   446 N  N   . SER A 1 70  ? -3.383  -4.336  -9.954  1.00 44.73 ? 70   SER A N   1 
ATOM   447 C  CA  . SER A 1 70  ? -3.527  -5.154  -11.161 1.00 43.52 ? 70   SER A CA  1 
ATOM   448 C  C   . SER A 1 70  ? -4.846  -4.908  -11.804 1.00 41.82 ? 70   SER A C   1 
ATOM   449 O  O   . SER A 1 70  ? -4.932  -4.726  -13.042 1.00 38.60 ? 70   SER A O   1 
ATOM   450 C  CB  . SER A 1 70  ? -3.370  -6.638  -10.857 1.00 45.80 ? 70   SER A CB  1 
ATOM   451 O  OG  . SER A 1 70  ? -2.029  -6.861  -10.448 1.00 49.05 ? 70   SER A OG  1 
ATOM   452 N  N   . ILE A 1 71  ? -5.865  -4.896  -10.956 1.00 38.72 ? 71   ILE A N   1 
ATOM   453 C  CA  . ILE A 1 71  ? -7.212  -4.580  -11.387 1.00 43.29 ? 71   ILE A CA  1 
ATOM   454 C  C   . ILE A 1 71  ? -7.221  -3.174  -11.954 1.00 43.49 ? 71   ILE A C   1 
ATOM   455 O  O   . ILE A 1 71  ? -7.655  -2.971  -13.065 1.00 44.61 ? 71   ILE A O   1 
ATOM   456 C  CB  . ILE A 1 71  ? -8.226  -4.793  -10.230 1.00 47.09 ? 71   ILE A CB  1 
ATOM   457 C  CG1 . ILE A 1 71  ? -8.608  -6.277  -10.146 1.00 46.70 ? 71   ILE A CG1 1 
ATOM   458 C  CG2 . ILE A 1 71  ? -9.492  -3.960  -10.366 1.00 51.24 ? 71   ILE A CG2 1 
ATOM   459 C  CD1 . ILE A 1 71  ? -8.770  -6.775  -8.720  1.00 46.60 ? 71   ILE A CD1 1 
ATOM   460 N  N   . ALA A 1 72  ? -6.691  -2.214  -11.210 1.00 47.79 ? 72   ALA A N   1 
ATOM   461 C  CA  . ALA A 1 72  ? -6.573  -0.844  -11.724 1.00 47.70 ? 72   ALA A CA  1 
ATOM   462 C  C   . ALA A 1 72  ? -5.827  -0.745  -13.061 1.00 44.71 ? 72   ALA A C   1 
ATOM   463 O  O   . ALA A 1 72  ? -6.072  0.188   -13.814 1.00 42.46 ? 72   ALA A O   1 
ATOM   464 C  CB  . ALA A 1 72  ? -5.906  0.041   -10.692 1.00 50.05 ? 72   ALA A CB  1 
ATOM   465 N  N   . SER A 1 73  ? -4.906  -1.677  -13.348 1.00 44.85 ? 73   SER A N   1 
ATOM   466 C  CA  . SER A 1 73  ? -4.247  -1.712  -14.653 1.00 44.31 ? 73   SER A CA  1 
ATOM   467 C  C   . SER A 1 73  ? -5.155  -2.207  -15.810 1.00 47.24 ? 73   SER A C   1 
ATOM   468 O  O   . SER A 1 73  ? -4.784  -2.042  -16.974 1.00 46.58 ? 73   SER A O   1 
ATOM   469 C  CB  . SER A 1 73  ? -2.982  -2.546  -14.602 1.00 45.58 ? 73   SER A CB  1 
ATOM   470 O  OG  . SER A 1 73  ? -2.070  -2.039  -13.665 1.00 43.50 ? 73   SER A OG  1 
ATOM   471 N  N   . ARG A 1 74  ? -6.311  -2.802  -15.489 1.00 47.25 ? 74   ARG A N   1 
ATOM   472 C  CA  . ARG A 1 74  ? -7.294  -3.280  -16.485 1.00 50.68 ? 74   ARG A CA  1 
ATOM   473 C  C   . ARG A 1 74  ? -8.504  -2.380  -16.522 1.00 50.20 ? 74   ARG A C   1 
ATOM   474 O  O   . ARG A 1 74  ? -8.720  -1.707  -17.506 1.00 58.92 ? 74   ARG A O   1 
ATOM   475 C  CB  . ARG A 1 74  ? -7.755  -4.679  -16.130 1.00 50.33 ? 74   ARG A CB  1 
ATOM   476 C  CG  . ARG A 1 74  ? -6.668  -5.736  -16.288 1.00 48.60 ? 74   ARG A CG  1 
ATOM   477 C  CD  . ARG A 1 74  ? -7.234  -7.149  -16.137 1.00 49.29 ? 74   ARG A CD  1 
ATOM   478 N  NE  . ARG A 1 74  ? -7.324  -7.597  -14.748 1.00 49.20 ? 74   ARG A NE  1 
ATOM   479 C  CZ  . ARG A 1 74  ? -6.355  -8.176  -14.056 1.00 46.31 ? 74   ARG A CZ  1 
ATOM   480 N  NH1 . ARG A 1 74  ? -5.167  -8.383  -14.595 1.00 49.03 ? 74   ARG A NH1 1 
ATOM   481 N  NH2 . ARG A 1 74  ? -6.571  -8.546  -12.803 1.00 48.48 ? 74   ARG A NH2 1 
ATOM   482 N  N   . SER A 1 81  ? -17.499 -3.423  -13.533 1.00 57.12 ? 81   SER A N   1 
ATOM   483 C  CA  . SER A 1 81  ? -16.166 -3.276  -12.928 1.00 55.50 ? 81   SER A CA  1 
ATOM   484 C  C   . SER A 1 81  ? -16.134 -3.274  -11.372 1.00 58.41 ? 81   SER A C   1 
ATOM   485 O  O   . SER A 1 81  ? -16.919 -2.597  -10.699 1.00 52.41 ? 81   SER A O   1 
ATOM   486 C  CB  . SER A 1 81  ? -15.525 -1.996  -13.412 1.00 58.98 ? 81   SER A CB  1 
ATOM   487 O  OG  . SER A 1 81  ? -14.240 -1.841  -12.847 1.00 64.33 ? 81   SER A OG  1 
ATOM   488 N  N   . ILE A 1 82  ? -15.173 -3.998  -10.813 1.00 51.77 ? 82   ILE A N   1 
ATOM   489 C  CA  . ILE A 1 82  ? -14.969 -4.052  -9.367  1.00 49.18 ? 82   ILE A CA  1 
ATOM   490 C  C   . ILE A 1 82  ? -14.104 -2.890  -8.843  1.00 44.57 ? 82   ILE A C   1 
ATOM   491 O  O   . ILE A 1 82  ? -13.913 -2.729  -7.656  1.00 39.28 ? 82   ILE A O   1 
ATOM   492 C  CB  . ILE A 1 82  ? -14.338 -5.418  -8.988  1.00 50.67 ? 82   ILE A CB  1 
ATOM   493 C  CG1 . ILE A 1 82  ? -14.483 -5.737  -7.476  1.00 50.65 ? 82   ILE A CG1 1 
ATOM   494 C  CG2 . ILE A 1 82  ? -12.874 -5.484  -9.415  1.00 49.86 ? 82   ILE A CG2 1 
ATOM   495 C  CD1 . ILE A 1 82  ? -15.902 -5.821  -6.966  1.00 50.18 ? 82   ILE A CD1 1 
ATOM   496 N  N   . LEU A 1 83  ? -13.574 -2.092  -9.744  1.00 43.66 ? 83   LEU A N   1 
ATOM   497 C  CA  . LEU A 1 83  ? -12.535 -1.165  -9.403  1.00 50.36 ? 83   LEU A CA  1 
ATOM   498 C  C   . LEU A 1 83  ? -12.897 -0.209  -8.283  1.00 52.81 ? 83   LEU A C   1 
ATOM   499 O  O   . LEU A 1 83  ? -12.121 -0.061  -7.343  1.00 53.96 ? 83   LEU A O   1 
ATOM   500 C  CB  . LEU A 1 83  ? -12.129 -0.373  -10.638 1.00 56.45 ? 83   LEU A CB  1 
ATOM   501 C  CG  . LEU A 1 83  ? -10.880 0.520   -10.561 1.00 61.45 ? 83   LEU A CG  1 
ATOM   502 C  CD1 . LEU A 1 83  ? -9.744  -0.007  -9.706  1.00 61.01 ? 83   LEU A CD1 1 
ATOM   503 C  CD2 . LEU A 1 83  ? -10.361 0.715   -11.973 1.00 71.19 ? 83   LEU A CD2 1 
ATOM   504 N  N   . ARG A 1 84  ? -14.072 0.415   -8.379  1.00 54.03 ? 84   ARG A N   1 
ATOM   505 C  CA  . ARG A 1 84  ? -14.536 1.362   -7.369  1.00 52.36 ? 84   ARG A CA  1 
ATOM   506 C  C   . ARG A 1 84  ? -14.452 0.691   -6.000  1.00 48.64 ? 84   ARG A C   1 
ATOM   507 O  O   . ARG A 1 84  ? -13.714 1.109   -5.118  1.00 56.96 ? 84   ARG A O   1 
ATOM   508 C  CB  . ARG A 1 84  ? -15.966 1.851   -7.689  1.00 53.86 ? 84   ARG A CB  1 
ATOM   509 N  N   . THR A 1 85  ? -15.147 -0.405  -5.866  1.00 47.05 ? 85   THR A N   1 
ATOM   510 C  CA  . THR A 1 85  ? -15.140 -1.218  -4.646  1.00 50.43 ? 85   THR A CA  1 
ATOM   511 C  C   . THR A 1 85  ? -13.769 -1.602  -4.149  1.00 48.88 ? 85   THR A C   1 
ATOM   512 O  O   . THR A 1 85  ? -13.478 -1.503  -2.936  1.00 47.08 ? 85   THR A O   1 
ATOM   513 C  CB  . THR A 1 85  ? -15.946 -2.503  -4.898  1.00 48.66 ? 85   THR A CB  1 
ATOM   514 O  OG1 . THR A 1 85  ? -17.134 -2.118  -5.568  1.00 47.40 ? 85   THR A OG1 1 
ATOM   515 C  CG2 . THR A 1 85  ? -16.334 -3.203  -3.606  1.00 53.54 ? 85   THR A CG2 1 
ATOM   516 N  N   . MET A 1 86  ? -12.947 -2.070  -5.089  1.00 47.31 ? 86   MET A N   1 
ATOM   517 C  CA  . MET A 1 86  ? -11.617 -2.540  -4.771  1.00 43.14 ? 86   MET A CA  1 
ATOM   518 C  C   . MET A 1 86  ? -10.775 -1.407  -4.239  1.00 43.46 ? 86   MET A C   1 
ATOM   519 O  O   . MET A 1 86  ? -10.019 -1.614  -3.284  1.00 42.83 ? 86   MET A O   1 
ATOM   520 C  CB  . MET A 1 86  ? -10.943 -3.104  -6.015  1.00 44.15 ? 86   MET A CB  1 
ATOM   521 C  CG  . MET A 1 86  ? -9.587  -3.747  -5.765  1.00 43.20 ? 86   MET A CG  1 
ATOM   522 S  SD  . MET A 1 86  ? -9.684  -5.225  -4.746  1.00 48.06 ? 86   MET A SD  1 
ATOM   523 C  CE  . MET A 1 86  ? -8.998  -4.815  -3.193  1.00 41.76 ? 86   MET A CE  1 
ATOM   524 N  N   . LEU A 1 87  ? -10.894 -0.224  -4.854  1.00 40.51 ? 87   LEU A N   1 
ATOM   525 C  CA  . LEU A 1 87  ? -10.169 0.951   -4.395  1.00 42.63 ? 87   LEU A CA  1 
ATOM   526 C  C   . LEU A 1 87  ? -10.642 1.480   -3.051  1.00 47.43 ? 87   LEU A C   1 
ATOM   527 O  O   . LEU A 1 87  ? -9.805  2.016   -2.281  1.00 46.41 ? 87   LEU A O   1 
ATOM   528 C  CB  . LEU A 1 87  ? -10.146 2.076   -5.453  1.00 42.73 ? 87   LEU A CB  1 
ATOM   529 C  CG  . LEU A 1 87  ? -9.399  1.741   -6.745  1.00 44.56 ? 87   LEU A CG  1 
ATOM   530 C  CD1 . LEU A 1 87  ? -9.155  2.987   -7.575  1.00 49.52 ? 87   LEU A CD1 1 
ATOM   531 C  CD2 . LEU A 1 87  ? -8.059  1.044   -6.513  1.00 51.95 ? 87   LEU A CD2 1 
ATOM   532 N  N   . GLN A 1 88  ? -11.944 1.343   -2.751  1.00 47.81 ? 88   GLN A N   1 
ATOM   533 C  CA  . GLN A 1 88  ? -12.420 1.598   -1.388  1.00 48.20 ? 88   GLN A CA  1 
ATOM   534 C  C   . GLN A 1 88  ? -11.738 0.663   -0.388  1.00 46.37 ? 88   GLN A C   1 
ATOM   535 O  O   . GLN A 1 88  ? -11.222 1.094   0.628   1.00 44.33 ? 88   GLN A O   1 
ATOM   536 C  CB  . GLN A 1 88  ? -13.947 1.470   -1.288  1.00 51.78 ? 88   GLN A CB  1 
ATOM   537 C  CG  . GLN A 1 88  ? -14.667 2.777   -1.621  1.00 60.77 ? 88   GLN A CG  1 
ATOM   538 C  CD  . GLN A 1 88  ? -16.027 2.600   -2.277  1.00 67.90 ? 88   GLN A CD  1 
ATOM   539 O  OE1 . GLN A 1 88  ? -16.659 1.536   -2.206  1.00 71.96 ? 88   GLN A OE1 1 
ATOM   540 N  NE2 . GLN A 1 88  ? -16.482 3.656   -2.933  1.00 67.58 ? 88   GLN A NE2 1 
ATOM   541 N  N   . THR A 1 89  ? -11.719 -0.627  -0.701  1.00 47.36 ? 89   THR A N   1 
ATOM   542 C  CA  . THR A 1 89  ? -11.078 -1.588  0.165   1.00 43.11 ? 89   THR A CA  1 
ATOM   543 C  C   . THR A 1 89  ? -9.601  -1.274  0.328   1.00 40.27 ? 89   THR A C   1 
ATOM   544 O  O   . THR A 1 89  ? -9.085  -1.316  1.451   1.00 42.67 ? 89   THR A O   1 
ATOM   545 C  CB  . THR A 1 89  ? -11.253 -3.003  -0.365  1.00 46.40 ? 89   THR A CB  1 
ATOM   546 O  OG1 . THR A 1 89  ? -12.655 -3.328  -0.381  1.00 50.54 ? 89   THR A OG1 1 
ATOM   547 C  CG2 . THR A 1 89  ? -10.483 -4.004  0.507   1.00 42.73 ? 89   THR A CG2 1 
ATOM   548 N  N   . CYS A 1 90  ? -8.933  -0.914  -0.765  1.00 42.00 ? 90   CYS A N   1 
ATOM   549 C  CA  . CYS A 1 90  ? -7.500  -0.677  -0.695  1.00 42.47 ? 90   CYS A CA  1 
ATOM   550 C  C   . CYS A 1 90  ? -7.201  0.559   0.110   1.00 47.27 ? 90   CYS A C   1 
ATOM   551 O  O   . CYS A 1 90  ? -6.128  0.634   0.753   1.00 42.03 ? 90   CYS A O   1 
ATOM   552 C  CB  . CYS A 1 90  ? -6.844  -0.553  -2.047  1.00 40.17 ? 90   CYS A CB  1 
ATOM   553 S  SG  . CYS A 1 90  ? -5.039  -0.647  -1.831  1.00 48.69 ? 90   CYS A SG  1 
ATOM   554 N  N   . ALA A 1 91  ? -8.126  1.521   0.043   1.00 46.73 ? 91   ALA A N   1 
ATOM   555 C  CA  . ALA A 1 91  ? -8.080  2.734   0.879   1.00 49.46 ? 91   ALA A CA  1 
ATOM   556 C  C   . ALA A 1 91  ? -8.226  2.403   2.364   1.00 43.70 ? 91   ALA A C   1 
ATOM   557 O  O   . ALA A 1 91  ? -7.452  2.918   3.181   1.00 51.10 ? 91   ALA A O   1 
ATOM   558 C  CB  . ALA A 1 91  ? -9.152  3.735   0.454   1.00 46.46 ? 91   ALA A CB  1 
ATOM   559 N  N   . GLU A 1 92  ? -9.191  1.548   2.702   1.00 39.45 ? 92   GLU A N   1 
ATOM   560 C  CA  . GLU A 1 92  ? -9.402  1.125   4.085   1.00 37.68 ? 92   GLU A CA  1 
ATOM   561 C  C   . GLU A 1 92  ? -8.189  0.417   4.673   1.00 43.70 ? 92   GLU A C   1 
ATOM   562 O  O   . GLU A 1 92  ? -7.767  0.725   5.809   1.00 47.96 ? 92   GLU A O   1 
ATOM   563 C  CB  . GLU A 1 92  ? -10.621 0.216   4.184   1.00 39.19 ? 92   GLU A CB  1 
ATOM   564 N  N   . MET A 1 93  ? -7.609  -0.498  3.872   1.00 47.12 ? 93   MET A N   1 
ATOM   565 C  CA  . MET A 1 93  ? -6.388  -1.262  4.227   1.00 45.13 ? 93   MET A CA  1 
ATOM   566 C  C   . MET A 1 93  ? -5.168  -0.378  4.481   1.00 41.18 ? 93   MET A C   1 
ATOM   567 O  O   . MET A 1 93  ? -4.526  -0.464  5.537   1.00 43.44 ? 93   MET A O   1 
ATOM   568 C  CB  . MET A 1 93  ? -6.078  -2.274  3.099   1.00 46.84 ? 93   MET A CB  1 
ATOM   569 C  CG  . MET A 1 93  ? -4.926  -3.227  3.343   1.00 45.00 ? 93   MET A CG  1 
ATOM   570 S  SD  . MET A 1 93  ? -5.191  -4.410  4.664   1.00 46.99 ? 93   MET A SD  1 
ATOM   571 C  CE  . MET A 1 93  ? -4.198  -3.688  5.966   1.00 46.87 ? 93   MET A CE  1 
ATOM   572 N  N   . CYS A 1 94  ? -4.839  0.444   3.501   1.00 41.65 ? 94   CYS A N   1 
ATOM   573 C  CA  . CYS A 1 94  ? -3.746  1.429   3.628   1.00 47.13 ? 94   CYS A CA  1 
ATOM   574 C  C   . CYS A 1 94  ? -3.845  2.278   4.909   1.00 46.92 ? 94   CYS A C   1 
ATOM   575 O  O   . CYS A 1 94  ? -2.853  2.504   5.584   1.00 50.94 ? 94   CYS A O   1 
ATOM   576 C  CB  . CYS A 1 94  ? -3.686  2.341   2.387   1.00 46.14 ? 94   CYS A CB  1 
ATOM   577 S  SG  . CYS A 1 94  ? -2.815  1.613   0.962   1.00 49.50 ? 94   CYS A SG  1 
ATOM   578 N  N   . ARG A 1 95  ? -5.052  2.708   5.248   1.00 45.80 ? 95   ARG A N   1 
ATOM   579 C  CA  . ARG A 1 95  ? -5.287  3.494   6.438   1.00 50.20 ? 95   ARG A CA  1 
ATOM   580 C  C   . ARG A 1 95  ? -5.027  2.660   7.677   1.00 50.25 ? 95   ARG A C   1 
ATOM   581 O  O   . ARG A 1 95  ? -4.352  3.117   8.608   1.00 49.63 ? 95   ARG A O   1 
ATOM   582 C  CB  . ARG A 1 95  ? -6.741  3.996   6.464   1.00 57.41 ? 95   ARG A CB  1 
ATOM   583 C  CG  . ARG A 1 95  ? -7.125  4.850   7.675   1.00 57.45 ? 95   ARG A CG  1 
ATOM   584 C  CD  . ARG A 1 95  ? -8.637  5.046   7.765   1.00 57.83 ? 95   ARG A CD  1 
ATOM   585 N  NE  . ARG A 1 95  ? -9.400  3.789   7.788   1.00 56.69 ? 95   ARG A NE  1 
ATOM   586 C  CZ  . ARG A 1 95  ? -9.436  2.926   8.814   1.00 56.59 ? 95   ARG A CZ  1 
ATOM   587 N  NH1 . ARG A 1 95  ? -8.732  3.129   9.930   1.00 51.76 ? 95   ARG A NH1 1 
ATOM   588 N  NH2 . ARG A 1 95  ? -10.177 1.826   8.719   1.00 57.42 ? 95   ARG A NH2 1 
ATOM   589 N  N   . MET A 1 96  ? -5.610  1.465   7.719   1.00 51.40 ? 96   MET A N   1 
ATOM   590 C  CA  . MET A 1 96  ? -5.318  0.538   8.807   1.00 51.49 ? 96   MET A CA  1 
ATOM   591 C  C   . MET A 1 96  ? -3.809  0.359   8.969   1.00 52.21 ? 96   MET A C   1 
ATOM   592 O  O   . MET A 1 96  ? -3.290  0.431   10.085  1.00 53.75 ? 96   MET A O   1 
ATOM   593 C  CB  . MET A 1 96  ? -5.942  -0.813  8.543   1.00 56.76 ? 96   MET A CB  1 
ATOM   594 C  CG  . MET A 1 96  ? -7.446  -0.867  8.701   1.00 60.96 ? 96   MET A CG  1 
ATOM   595 S  SD  . MET A 1 96  ? -8.055  -2.555  8.535   1.00 68.21 ? 96   MET A SD  1 
ATOM   596 C  CE  . MET A 1 96  ? -7.133  -3.355  9.860   1.00 71.35 ? 96   MET A CE  1 
ATOM   597 N  N   . CYS A 1 97  ? -3.109  0.168   7.846   1.00 47.32 ? 97   CYS A N   1 
ATOM   598 C  CA  . CYS A 1 97  ? -1.678  -0.086  7.889   1.00 47.30 ? 97   CYS A CA  1 
ATOM   599 C  C   . CYS A 1 97  ? -0.817  1.164   8.167   1.00 47.22 ? 97   CYS A C   1 
ATOM   600 O  O   . CYS A 1 97  ? 0.256   1.037   8.716   1.00 46.67 ? 97   CYS A O   1 
ATOM   601 C  CB  . CYS A 1 97  ? -1.216  -0.797  6.621   1.00 46.48 ? 97   CYS A CB  1 
ATOM   602 S  SG  . CYS A 1 97  ? 0.251   -1.809  6.875   1.00 43.75 ? 97   CYS A SG  1 
ATOM   603 N  N   . GLU A 1 98  ? -1.274  2.345   7.761   1.00 51.85 ? 98   GLU A N   1 
ATOM   604 C  CA  . GLU A 1 98  ? -0.630  3.605   8.135   1.00 53.66 ? 98   GLU A CA  1 
ATOM   605 C  C   . GLU A 1 98  ? -0.719  3.797   9.643   1.00 57.06 ? 98   GLU A C   1 
ATOM   606 O  O   . GLU A 1 98  ? 0.295   4.028   10.278  1.00 54.62 ? 98   GLU A O   1 
ATOM   607 C  CB  . GLU A 1 98  ? -1.285  4.797   7.426   1.00 56.34 ? 98   GLU A CB  1 
ATOM   608 C  CG  . GLU A 1 98  ? -0.575  6.130   7.656   1.00 62.23 ? 98   GLU A CG  1 
ATOM   609 C  CD  . GLU A 1 98  ? -0.963  6.844   8.945   1.00 69.22 ? 98   GLU A CD  1 
ATOM   610 O  OE1 . GLU A 1 98  ? -2.117  6.683   9.417   1.00 70.73 ? 98   GLU A OE1 1 
ATOM   611 O  OE2 . GLU A 1 98  ? -0.103  7.573   9.494   1.00 76.63 ? 98   GLU A OE2 1 
ATOM   612 N  N   . GLU A 1 99  ? -1.933  3.700   10.195  1.00 49.89 ? 99   GLU A N   1 
ATOM   613 C  CA  . GLU A 1 99  ? -2.162  3.865   11.618  1.00 48.43 ? 99   GLU A CA  1 
ATOM   614 C  C   . GLU A 1 99  ? -1.172  3.023   12.442  1.00 49.43 ? 99   GLU A C   1 
ATOM   615 O  O   . GLU A 1 99  ? -0.567  3.541   13.381  1.00 52.48 ? 99   GLU A O   1 
ATOM   616 C  CB  . GLU A 1 99  ? -3.623  3.515   11.996  1.00 50.11 ? 99   GLU A CB  1 
ATOM   617 N  N   . GLU A 1 100 ? -0.977  1.757   12.058  1.00 52.49 ? 100  GLU A N   1 
ATOM   618 C  CA  . GLU A 1 100 ? -0.146  0.788   12.816  1.00 48.96 ? 100  GLU A CA  1 
ATOM   619 C  C   . GLU A 1 100 ? 1.321   1.061   12.574  1.00 49.90 ? 100  GLU A C   1 
ATOM   620 O  O   . GLU A 1 100 ? 2.137   1.126   13.504  1.00 54.69 ? 100  GLU A O   1 
ATOM   621 C  CB  . GLU A 1 100 ? -0.513  -0.648  12.420  1.00 46.42 ? 100  GLU A CB  1 
ATOM   622 C  CG  . GLU A 1 100 ? 0.255   -1.771  13.087  1.00 48.87 ? 100  GLU A CG  1 
ATOM   623 C  CD  . GLU A 1 100 ? 0.111   -1.807  14.591  1.00 50.26 ? 100  GLU A CD  1 
ATOM   624 O  OE1 . GLU A 1 100 ? -0.871  -1.223  15.129  1.00 54.53 ? 100  GLU A OE1 1 
ATOM   625 O  OE2 . GLU A 1 100 ? 0.953   -2.460  15.237  1.00 50.79 ? 100  GLU A OE2 1 
ATOM   626 N  N   . CYS A 1 101 ? 1.669   1.232   11.311  1.00 53.18 ? 101  CYS A N   1 
ATOM   627 C  CA  . CYS A 1 101 ? 3.021   1.624   10.991  1.00 54.85 ? 101  CYS A CA  1 
ATOM   628 C  C   . CYS A 1 101 ? 3.427   3.010   11.590  1.00 59.65 ? 101  CYS A C   1 
ATOM   629 O  O   . CYS A 1 101 ? 4.594   3.226   11.911  1.00 56.92 ? 101  CYS A O   1 
ATOM   630 C  CB  . CYS A 1 101 ? 3.274   1.488   9.489   1.00 51.92 ? 101  CYS A CB  1 
ATOM   631 S  SG  . CYS A 1 101 ? 3.790   -0.213  9.076   1.00 49.41 ? 101  CYS A SG  1 
ATOM   632 N  N   . ARG A 1 102 ? 2.459   3.914   11.767  1.00 62.91 ? 102  ARG A N   1 
ATOM   633 C  CA  . ARG A 1 102 ? 2.684   5.212   12.432  1.00 68.94 ? 102  ARG A CA  1 
ATOM   634 C  C   . ARG A 1 102 ? 3.115   5.044   13.913  1.00 68.58 ? 102  ARG A C   1 
ATOM   635 O  O   . ARG A 1 102 ? 4.082   5.672   14.364  1.00 64.89 ? 102  ARG A O   1 
ATOM   636 C  CB  . ARG A 1 102 ? 1.423   6.105   12.311  1.00 71.12 ? 102  ARG A CB  1 
ATOM   637 C  CG  . ARG A 1 102 ? 1.585   7.564   12.731  1.00 72.07 ? 102  ARG A CG  1 
ATOM   638 C  CD  . ARG A 1 102 ? 2.644   8.300   11.916  1.00 67.95 ? 102  ARG A CD  1 
ATOM   639 N  NE  . ARG A 1 102 ? 2.281   8.393   10.502  1.00 69.87 ? 102  ARG A NE  1 
ATOM   640 C  CZ  . ARG A 1 102 ? 3.116   8.719   9.515   1.00 65.54 ? 102  ARG A CZ  1 
ATOM   641 N  NH1 . ARG A 1 102 ? 4.393   8.978   9.756   1.00 64.09 ? 102  ARG A NH1 1 
ATOM   642 N  NH2 . ARG A 1 102 ? 2.673   8.764   8.264   1.00 64.49 ? 102  ARG A NH2 1 
ATOM   643 N  N   . ARG A 1 103 ? 2.437   4.151   14.635  1.00 64.75 ? 103  ARG A N   1 
ATOM   644 C  CA  . ARG A 1 103 ? 2.820   3.812   16.005  1.00 65.38 ? 103  ARG A CA  1 
ATOM   645 C  C   . ARG A 1 103 ? 4.316   3.580   16.139  1.00 64.10 ? 103  ARG A C   1 
ATOM   646 O  O   . ARG A 1 103 ? 4.902   3.966   17.134  1.00 63.47 ? 103  ARG A O   1 
ATOM   647 C  CB  . ARG A 1 103 ? 2.166   2.516   16.484  1.00 68.04 ? 103  ARG A CB  1 
ATOM   648 C  CG  . ARG A 1 103 ? 0.666   2.512   16.642  1.00 73.62 ? 103  ARG A CG  1 
ATOM   649 C  CD  . ARG A 1 103 ? 0.224   1.113   17.051  1.00 78.03 ? 103  ARG A CD  1 
ATOM   650 N  NE  . ARG A 1 103 ? 0.713   0.739   18.387  1.00 82.23 ? 103  ARG A NE  1 
ATOM   651 C  CZ  . ARG A 1 103 ? 0.147   1.081   19.549  1.00 74.87 ? 103  ARG A CZ  1 
ATOM   652 N  NH1 . ARG A 1 103 ? -0.962  1.821   19.589  1.00 69.82 ? 103  ARG A NH1 1 
ATOM   653 N  NH2 . ARG A 1 103 ? 0.695   0.670   20.687  1.00 72.91 ? 103  ARG A NH2 1 
ATOM   654 N  N   . HIS A 1 104 ? 4.921   2.911   15.157  1.00 59.42 ? 104  HIS A N   1 
ATOM   655 C  CA  . HIS A 1 104 ? 6.304   2.412   15.268  1.00 52.80 ? 104  HIS A CA  1 
ATOM   656 C  C   . HIS A 1 104 ? 7.306   3.341   14.604  1.00 49.88 ? 104  HIS A C   1 
ATOM   657 O  O   . HIS A 1 104 ? 8.490   3.053   14.554  1.00 52.54 ? 104  HIS A O   1 
ATOM   658 C  CB  . HIS A 1 104 ? 6.356   0.993   14.684  1.00 47.44 ? 104  HIS A CB  1 
ATOM   659 C  CG  . HIS A 1 104 ? 5.345   0.078   15.290  1.00 50.15 ? 104  HIS A CG  1 
ATOM   660 N  ND1 . HIS A 1 104 ? 4.764   -0.972  14.612  1.00 53.97 ? 104  HIS A ND1 1 
ATOM   661 C  CD2 . HIS A 1 104 ? 4.785   0.078   16.519  1.00 54.20 ? 104  HIS A CD2 1 
ATOM   662 C  CE1 . HIS A 1 104 ? 3.918   -1.600  15.406  1.00 56.16 ? 104  HIS A CE1 1 
ATOM   663 N  NE2 . HIS A 1 104 ? 3.910   -0.984  16.572  1.00 58.04 ? 104  HIS A NE2 1 
ATOM   664 N  N   . ALA A 1 105 ? 6.821   4.491   14.136  1.00 55.38 ? 105  ALA A N   1 
ATOM   665 C  CA  . ALA A 1 105 ? 7.633   5.440   13.393  1.00 60.40 ? 105  ALA A CA  1 
ATOM   666 C  C   . ALA A 1 105 ? 8.764   6.069   14.260  1.00 66.02 ? 105  ALA A C   1 
ATOM   667 O  O   . ALA A 1 105 ? 9.893   6.274   13.759  1.00 53.63 ? 105  ALA A O   1 
ATOM   668 C  CB  . ALA A 1 105 ? 6.727   6.506   12.790  1.00 58.65 ? 105  ALA A CB  1 
ATOM   669 N  N   . GLY A 1 106 ? 8.471   6.324   15.549  1.00 65.61 ? 106  GLY A N   1 
ATOM   670 C  CA  . GLY A 1 106 ? 9.503   6.734   16.525  1.00 68.43 ? 106  GLY A CA  1 
ATOM   671 C  C   . GLY A 1 106 ? 10.716  5.806   16.603  1.00 68.29 ? 106  GLY A C   1 
ATOM   672 O  O   . GLY A 1 106 ? 11.864  6.231   16.481  1.00 60.65 ? 106  GLY A O   1 
ATOM   673 N  N   . ASN A 1 107 ? 10.463  4.517   16.749  1.00 73.99 ? 107  ASN A N   1 
ATOM   674 C  CA  . ASN A 1 107 ? 11.544  3.568   16.992  1.00 73.87 ? 107  ASN A CA  1 
ATOM   675 C  C   . ASN A 1 107 ? 12.142  2.909   15.780  1.00 72.11 ? 107  ASN A C   1 
ATOM   676 O  O   . ASN A 1 107 ? 13.311  2.499   15.812  1.00 72.41 ? 107  ASN A O   1 
ATOM   677 C  CB  . ASN A 1 107 ? 11.047  2.513   17.956  1.00 78.27 ? 107  ASN A CB  1 
ATOM   678 C  CG  . ASN A 1 107 ? 10.637  3.119   19.265  1.00 80.91 ? 107  ASN A CG  1 
ATOM   679 O  OD1 . ASN A 1 107 ? 11.345  3.980   19.814  1.00 72.86 ? 107  ASN A OD1 1 
ATOM   680 N  ND2 . ASN A 1 107 ? 9.481   2.718   19.754  1.00 79.48 ? 107  ASN A ND2 1 
ATOM   681 N  N   . HIS A 1 108 ? 11.353  2.788   14.720  1.00 68.54 ? 108  HIS A N   1 
ATOM   682 C  CA  . HIS A 1 108 ? 11.787  2.068   13.533  1.00 65.96 ? 108  HIS A CA  1 
ATOM   683 C  C   . HIS A 1 108 ? 11.683  2.943   12.328  1.00 62.22 ? 108  HIS A C   1 
ATOM   684 O  O   . HIS A 1 108 ? 10.584  3.388   11.996  1.00 61.76 ? 108  HIS A O   1 
ATOM   685 C  CB  . HIS A 1 108 ? 10.907  0.858   13.329  1.00 69.15 ? 108  HIS A CB  1 
ATOM   686 C  CG  . HIS A 1 108 ? 10.956  -0.101  14.464  1.00 71.38 ? 108  HIS A CG  1 
ATOM   687 N  ND1 . HIS A 1 108 ? 12.087  -0.830  14.767  1.00 72.85 ? 108  HIS A ND1 1 
ATOM   688 C  CD2 . HIS A 1 108 ? 10.024  -0.430  15.390  1.00 63.82 ? 108  HIS A CD2 1 
ATOM   689 C  CE1 . HIS A 1 108 ? 11.840  -1.576  15.831  1.00 71.12 ? 108  HIS A CE1 1 
ATOM   690 N  NE2 . HIS A 1 108 ? 10.597  -1.351  16.222  1.00 61.84 ? 108  HIS A NE2 1 
ATOM   691 N  N   . GLU A 1 109 ? 12.817  3.171   11.665  1.00 57.68 ? 109  GLU A N   1 
ATOM   692 C  CA  . GLU A 1 109 ? 12.840  4.002   10.484  1.00 57.46 ? 109  GLU A CA  1 
ATOM   693 C  C   . GLU A 1 109 ? 12.027  3.323   9.343   1.00 54.94 ? 109  GLU A C   1 
ATOM   694 O  O   . GLU A 1 109 ? 11.296  3.995   8.628   1.00 55.10 ? 109  GLU A O   1 
ATOM   695 C  CB  . GLU A 1 109 ? 14.286  4.362   10.084  1.00 53.81 ? 109  GLU A CB  1 
ATOM   696 N  N   . HIS A 1 110 ? 12.108  2.002   9.207   1.00 51.49 ? 110  HIS A N   1 
ATOM   697 C  CA  . HIS A 1 110 ? 11.311  1.304   8.169   1.00 50.91 ? 110  HIS A CA  1 
ATOM   698 C  C   . HIS A 1 110 ? 9.794   1.561   8.333   1.00 49.65 ? 110  HIS A C   1 
ATOM   699 O  O   . HIS A 1 110 ? 9.087   1.624   7.329   1.00 47.28 ? 110  HIS A O   1 
ATOM   700 C  CB  . HIS A 1 110 ? 11.650  -0.221  8.044   1.00 50.12 ? 110  HIS A CB  1 
ATOM   701 C  CG  . HIS A 1 110 ? 11.729  -0.942  9.354   1.00 48.12 ? 110  HIS A CG  1 
ATOM   702 N  ND1 . HIS A 1 110 ? 10.613  -1.229  10.102  1.00 45.47 ? 110  HIS A ND1 1 
ATOM   703 C  CD2 . HIS A 1 110 ? 12.788  -1.382  10.076  1.00 51.30 ? 110  HIS A CD2 1 
ATOM   704 C  CE1 . HIS A 1 110 ? 10.972  -1.829  11.221  1.00 48.66 ? 110  HIS A CE1 1 
ATOM   705 N  NE2 . HIS A 1 110 ? 12.291  -1.936  11.230  1.00 51.37 ? 110  HIS A NE2 1 
ATOM   706 N  N   . CYS A 1 111 ? 9.294   1.742   9.566   1.00 45.06 ? 111  CYS A N   1 
ATOM   707 C  CA  . CYS A 1 111 ? 7.869   2.047   9.754   1.00 47.05 ? 111  CYS A CA  1 
ATOM   708 C  C   . CYS A 1 111 ? 7.527   3.502   9.521   1.00 54.51 ? 111  CYS A C   1 
ATOM   709 O  O   . CYS A 1 111 ? 6.379   3.792   9.212   1.00 60.24 ? 111  CYS A O   1 
ATOM   710 C  CB  . CYS A 1 111 ? 7.330   1.607   11.119  1.00 46.91 ? 111  CYS A CB  1 
ATOM   711 S  SG  . CYS A 1 111 ? 6.789   -0.120  11.108  1.00 46.85 ? 111  CYS A SG  1 
ATOM   712 N  N   . ARG A 1 112 ? 8.483   4.422   9.677   1.00 57.87 ? 112  ARG A N   1 
ATOM   713 C  CA  . ARG A 1 112 ? 8.272   5.813   9.238   1.00 55.42 ? 112  ARG A CA  1 
ATOM   714 C  C   . ARG A 1 112 ? 8.117   5.846   7.723   1.00 51.15 ? 112  ARG A C   1 
ATOM   715 O  O   . ARG A 1 112 ? 7.188   6.437   7.205   1.00 52.71 ? 112  ARG A O   1 
ATOM   716 C  CB  . ARG A 1 112 ? 9.451   6.701   9.651   1.00 60.99 ? 112  ARG A CB  1 
ATOM   717 C  CG  . ARG A 1 112 ? 9.299   8.204   9.323   1.00 67.70 ? 112  ARG A CG  1 
ATOM   718 C  CD  . ARG A 1 112 ? 10.507  8.995   9.811   1.00 73.98 ? 112  ARG A CD  1 
ATOM   719 N  NE  . ARG A 1 112 ? 11.735  8.351   9.335   1.00 75.84 ? 112  ARG A NE  1 
ATOM   720 C  CZ  . ARG A 1 112 ? 12.255  8.492   8.114   1.00 79.38 ? 112  ARG A CZ  1 
ATOM   721 N  NH1 . ARG A 1 112 ? 11.680  9.297   7.219   1.00 70.92 ? 112  ARG A NH1 1 
ATOM   722 N  NH2 . ARG A 1 112 ? 13.373  7.821   7.788   1.00 81.89 ? 112  ARG A NH2 1 
ATOM   723 N  N   . ILE A 1 113 ? 9.051   5.228   7.015   1.00 49.07 ? 113  ILE A N   1 
ATOM   724 C  CA  . ILE A 1 113 ? 9.016   5.220   5.561   1.00 50.69 ? 113  ILE A CA  1 
ATOM   725 C  C   . ILE A 1 113 ? 7.695   4.600   5.082   1.00 49.53 ? 113  ILE A C   1 
ATOM   726 O  O   . ILE A 1 113 ? 6.907   5.245   4.376   1.00 50.30 ? 113  ILE A O   1 
ATOM   727 C  CB  . ILE A 1 113 ? 10.263  4.508   4.987   1.00 54.38 ? 113  ILE A CB  1 
ATOM   728 C  CG1 . ILE A 1 113 ? 11.514  5.351   5.306   1.00 60.96 ? 113  ILE A CG1 1 
ATOM   729 C  CG2 . ILE A 1 113 ? 10.143  4.339   3.473   1.00 53.59 ? 113  ILE A CG2 1 
ATOM   730 C  CD1 . ILE A 1 113 ? 12.847  4.610   5.219   1.00 69.59 ? 113  ILE A CD1 1 
ATOM   731 N  N   . CYS A 1 114 ? 7.406   3.386   5.532   1.00 52.59 ? 114  CYS A N   1 
ATOM   732 C  CA  . CYS A 1 114 ? 6.169   2.692   5.114   1.00 49.83 ? 114  CYS A CA  1 
ATOM   733 C  C   . CYS A 1 114 ? 4.900   3.393   5.542   1.00 47.12 ? 114  CYS A C   1 
ATOM   734 O  O   . CYS A 1 114 ? 3.926   3.371   4.799   1.00 46.45 ? 114  CYS A O   1 
ATOM   735 C  CB  . CYS A 1 114 ? 6.115   1.238   5.608   1.00 50.15 ? 114  CYS A CB  1 
ATOM   736 S  SG  . CYS A 1 114 ? 4.644   0.337   4.979   1.00 45.90 ? 114  CYS A SG  1 
ATOM   737 N  N   . ALA A 1 115 ? 4.878   4.005   6.724   1.00 48.19 ? 115  ALA A N   1 
ATOM   738 C  CA  . ALA A 1 115 ? 3.654   4.701   7.162   1.00 49.05 ? 115  ALA A CA  1 
ATOM   739 C  C   . ALA A 1 115 ? 3.301   5.828   6.236   1.00 50.01 ? 115  ALA A C   1 
ATOM   740 O  O   . ALA A 1 115 ? 2.130   6.083   6.041   1.00 50.21 ? 115  ALA A O   1 
ATOM   741 C  CB  . ALA A 1 115 ? 3.787   5.232   8.565   1.00 53.54 ? 115  ALA A CB  1 
ATOM   742 N  N   . ASP A 1 116 ? 4.312   6.483   5.661   1.00 53.32 ? 116  ASP A N   1 
ATOM   743 C  CA  . ASP A 1 116 ? 4.103   7.610   4.731   1.00 57.19 ? 116  ASP A CA  1 
ATOM   744 C  C   . ASP A 1 116 ? 3.677   7.108   3.342   1.00 52.73 ? 116  ASP A C   1 
ATOM   745 O  O   . ASP A 1 116 ? 2.834   7.728   2.665   1.00 51.27 ? 116  ASP A O   1 
ATOM   746 C  CB  . ASP A 1 116 ? 5.370   8.512   4.630   1.00 55.42 ? 116  ASP A CB  1 
ATOM   747 C  CG  . ASP A 1 116 ? 5.645   9.349   5.934   1.00 60.76 ? 116  ASP A CG  1 
ATOM   748 O  OD1 . ASP A 1 116 ? 4.672   9.696   6.685   1.00 52.88 ? 116  ASP A OD1 1 
ATOM   749 O  OD2 . ASP A 1 116 ? 6.851   9.649   6.192   1.00 47.42 ? 116  ASP A OD2 1 
ATOM   750 N  N   . VAL A 1 117 ? 4.257   5.986   2.920   1.00 51.62 ? 117  VAL A N   1 
ATOM   751 C  CA  . VAL A 1 117 ? 3.858   5.370   1.653   1.00 49.39 ? 117  VAL A CA  1 
ATOM   752 C  C   . VAL A 1 117 ? 2.408   4.927   1.750   1.00 45.68 ? 117  VAL A C   1 
ATOM   753 O  O   . VAL A 1 117 ? 1.630   5.186   0.831   1.00 39.91 ? 117  VAL A O   1 
ATOM   754 C  CB  . VAL A 1 117 ? 4.739   4.186   1.243   1.00 50.02 ? 117  VAL A CB  1 
ATOM   755 C  CG1 . VAL A 1 117 ? 4.254   3.602   -0.090  1.00 50.10 ? 117  VAL A CG1 1 
ATOM   756 C  CG2 . VAL A 1 117 ? 6.178   4.631   1.136   1.00 48.83 ? 117  VAL A CG2 1 
ATOM   757 N  N   . CYS A 1 118 ? 2.040   4.328   2.887   1.00 46.75 ? 118  CYS A N   1 
ATOM   758 C  CA  . CYS A 1 118 ? 0.642   3.968   3.134   1.00 47.32 ? 118  CYS A CA  1 
ATOM   759 C  C   . CYS A 1 118 ? -0.288  5.181   3.078   1.00 54.98 ? 118  CYS A C   1 
ATOM   760 O  O   . CYS A 1 118 ? -1.347  5.088   2.429   1.00 58.06 ? 118  CYS A O   1 
ATOM   761 C  CB  . CYS A 1 118 ? 0.475   3.213   4.459   1.00 47.26 ? 118  CYS A CB  1 
ATOM   762 S  SG  . CYS A 1 118 ? 1.028   1.492   4.451   1.00 46.06 ? 118  CYS A SG  1 
ATOM   763 N  N   . LYS A 1 119 ? 0.101   6.296   3.730   1.00 63.51 ? 119  LYS A N   1 
ATOM   764 C  CA  . LYS A 1 119 ? -0.700  7.564   3.735   1.00 63.99 ? 119  LYS A CA  1 
ATOM   765 C  C   . LYS A 1 119 ? -0.914  8.019   2.318   1.00 53.09 ? 119  LYS A C   1 
ATOM   766 O  O   . LYS A 1 119 ? -2.048  8.276   1.920   1.00 48.64 ? 119  LYS A O   1 
ATOM   767 C  CB  . LYS A 1 119 ? -0.033  8.723   4.520   1.00 62.01 ? 119  LYS A CB  1 
ATOM   768 N  N   . GLU A 1 120 ? 0.170   8.098   1.551   1.00 50.00 ? 120  GLU A N   1 
ATOM   769 C  CA  . GLU A 1 120 ? 0.071   8.603   0.175   1.00 50.60 ? 120  GLU A CA  1 
ATOM   770 C  C   . GLU A 1 120 ? -0.800  7.710   -0.726  1.00 49.81 ? 120  GLU A C   1 
ATOM   771 O  O   . GLU A 1 120 ? -1.516  8.227   -1.588  1.00 53.49 ? 120  GLU A O   1 
ATOM   772 C  CB  . GLU A 1 120 ? 1.445   8.838   -0.443  1.00 54.95 ? 120  GLU A CB  1 
ATOM   773 C  CG  . GLU A 1 120 ? 1.354   9.693   -1.721  1.00 63.67 ? 120  GLU A CG  1 
ATOM   774 C  CD  . GLU A 1 120 ? 2.661   9.894   -2.486  1.00 62.83 ? 120  GLU A CD  1 
ATOM   775 O  OE1 . GLU A 1 120 ? 3.708   9.304   -2.119  1.00 71.94 ? 120  GLU A OE1 1 
ATOM   776 O  OE2 . GLU A 1 120 ? 2.615   10.653  -3.482  1.00 62.84 ? 120  GLU A OE2 1 
ATOM   777 N  N   . CYS A 1 121 ? -0.761  6.388   -0.526  1.00 46.49 ? 121  CYS A N   1 
ATOM   778 C  CA  . CYS A 1 121 ? -1.598  5.455   -1.321  1.00 45.08 ? 121  CYS A CA  1 
ATOM   779 C  C   . CYS A 1 121 ? -3.056  5.509   -0.898  1.00 41.00 ? 121  CYS A C   1 
ATOM   780 O  O   . CYS A 1 121 ? -3.941  5.365   -1.726  1.00 46.36 ? 121  CYS A O   1 
ATOM   781 C  CB  . CYS A 1 121 ? -1.051  3.990   -1.280  1.00 46.25 ? 121  CYS A CB  1 
ATOM   782 S  SG  . CYS A 1 121 ? -1.718  2.842   -2.545  1.00 46.33 ? 121  CYS A SG  1 
ATOM   783 N  N   . GLU A 1 122 ? -3.322  5.690   0.391   1.00 49.55 ? 122  GLU A N   1 
ATOM   784 C  CA  . GLU A 1 122 ? -4.708  5.914   0.879   1.00 54.60 ? 122  GLU A CA  1 
ATOM   785 C  C   . GLU A 1 122 ? -5.347  7.109   0.172   1.00 56.57 ? 122  GLU A C   1 
ATOM   786 O  O   . GLU A 1 122 ? -6.403  6.974   -0.485  1.00 53.79 ? 122  GLU A O   1 
ATOM   787 C  CB  . GLU A 1 122 ? -4.731  6.144   2.398   1.00 54.81 ? 122  GLU A CB  1 
ATOM   788 C  CG  . GLU A 1 122 ? -6.120  6.337   2.970   1.00 56.02 ? 122  GLU A CG  1 
ATOM   789 C  CD  . GLU A 1 122 ? -6.116  6.833   4.389   1.00 56.15 ? 122  GLU A CD  1 
ATOM   790 O  OE1 . GLU A 1 122 ? -5.027  7.053   4.979   1.00 58.21 ? 122  GLU A OE1 1 
ATOM   791 O  OE2 . GLU A 1 122 ? -7.225  6.996   4.914   1.00 53.09 ? 122  GLU A OE2 1 
ATOM   792 N  N   . THR A 1 123 ? -4.661  8.249   0.276   1.00 54.33 ? 123  THR A N   1 
ATOM   793 C  CA  . THR A 1 123 ? -5.020  9.482   -0.413  1.00 58.14 ? 123  THR A CA  1 
ATOM   794 C  C   . THR A 1 123 ? -5.356  9.166   -1.859  1.00 60.78 ? 123  THR A C   1 
ATOM   795 O  O   . THR A 1 123 ? -6.411  9.589   -2.369  1.00 58.10 ? 123  THR A O   1 
ATOM   796 C  CB  . THR A 1 123 ? -3.830  10.487  -0.377  1.00 61.91 ? 123  THR A CB  1 
ATOM   797 O  OG1 . THR A 1 123 ? -3.510  10.784  0.983   1.00 60.49 ? 123  THR A OG1 1 
ATOM   798 C  CG2 . THR A 1 123 ? -4.117  11.792  -1.151  1.00 62.27 ? 123  THR A CG2 1 
ATOM   799 N  N   . ALA A 1 124 ? -4.456  8.410   -2.499  1.00 53.05 ? 124  ALA A N   1 
ATOM   800 C  CA  . ALA A 1 124 ? -4.554  8.179   -3.937  1.00 52.53 ? 124  ALA A CA  1 
ATOM   801 C  C   . ALA A 1 124 ? -5.731  7.309   -4.322  1.00 47.30 ? 124  ALA A C   1 
ATOM   802 O  O   . ALA A 1 124 ? -6.289  7.498   -5.383  1.00 52.38 ? 124  ALA A O   1 
ATOM   803 C  CB  . ALA A 1 124 ? -3.259  7.595   -4.470  1.00 49.46 ? 124  ALA A CB  1 
ATOM   804 N  N   . CYS A 1 125 ? -6.089  6.354   -3.469  1.00 48.09 ? 125  CYS A N   1 
ATOM   805 C  CA  . CYS A 1 125 ? -7.261  5.488   -3.697  1.00 47.19 ? 125  CYS A CA  1 
ATOM   806 C  C   . CYS A 1 125 ? -8.565  6.264   -3.464  1.00 48.74 ? 125  CYS A C   1 
ATOM   807 O  O   . CYS A 1 125 ? -9.506  6.111   -4.244  1.00 53.56 ? 125  CYS A O   1 
ATOM   808 C  CB  . CYS A 1 125 ? -7.255  4.219   -2.796  1.00 46.59 ? 125  CYS A CB  1 
ATOM   809 S  SG  . CYS A 1 125 ? -5.894  2.978   -2.932  1.00 47.59 ? 125  CYS A SG  1 
ATOM   810 N  N   . ARG A 1 126 ? -8.628  7.056   -2.386  1.00 49.65 ? 126  ARG A N   1 
ATOM   811 C  CA  . ARG A 1 126 ? -9.820  7.905   -2.058  1.00 51.73 ? 126  ARG A CA  1 
ATOM   812 C  C   . ARG A 1 126 ? -10.174 8.892   -3.173  1.00 53.76 ? 126  ARG A C   1 
ATOM   813 O  O   . ARG A 1 126 ? -11.352 9.067   -3.498  1.00 59.04 ? 126  ARG A O   1 
ATOM   814 C  CB  . ARG A 1 126 ? -9.635  8.673   -0.729  1.00 52.95 ? 126  ARG A CB  1 
ATOM   815 C  CG  . ARG A 1 126 ? -9.473  7.774   0.501   1.00 52.84 ? 126  ARG A CG  1 
ATOM   816 C  CD  . ARG A 1 126 ? -9.900  8.410   1.820   1.00 54.77 ? 126  ARG A CD  1 
ATOM   817 N  NE  . ARG A 1 126 ? -9.607  7.532   2.967   1.00 63.45 ? 126  ARG A NE  1 
ATOM   818 C  CZ  . ARG A 1 126 ? -10.288 6.434   3.330   1.00 67.73 ? 126  ARG A CZ  1 
ATOM   819 N  NH1 . ARG A 1 126 ? -11.347 6.017   2.652   1.00 67.58 ? 126  ARG A NH1 1 
ATOM   820 N  NH2 . ARG A 1 126 ? -9.901  5.727   4.395   1.00 69.99 ? 126  ARG A NH2 1 
ATOM   821 N  N   . SER A 1 127 ? -9.168  9.526   -3.770  1.00 55.03 ? 127  SER A N   1 
ATOM   822 C  CA  . SER A 1 127 ? -9.437  10.438  -4.890  1.00 66.61 ? 127  SER A CA  1 
ATOM   823 C  C   . SER A 1 127 ? -9.590  9.745   -6.262  1.00 66.17 ? 127  SER A C   1 
ATOM   824 O  O   . SER A 1 127 ? -10.033 10.374  -7.213  1.00 66.90 ? 127  SER A O   1 
ATOM   825 C  CB  . SER A 1 127 ? -8.401  11.568  -4.949  1.00 65.53 ? 127  SER A CB  1 
ATOM   826 O  OG  . SER A 1 127 ? -7.101  11.076  -5.095  1.00 63.58 ? 127  SER A OG  1 
ATOM   827 N  N   . ALA A 1 128 ? -9.252  8.460   -6.355  1.00 62.46 ? 128  ALA A N   1 
ATOM   828 C  CA  . ALA A 1 128 ? -9.489  7.681   -7.585  1.00 64.38 ? 128  ALA A CA  1 
ATOM   829 C  C   . ALA A 1 128 ? -10.960 7.302   -7.689  1.00 63.79 ? 128  ALA A C   1 
ATOM   830 O  O   . ALA A 1 128 ? -11.541 7.230   -8.786  1.00 67.39 ? 128  ALA A O   1 
ATOM   831 C  CB  . ALA A 1 128 ? -8.613  6.436   -7.614  1.00 60.82 ? 128  ALA A CB  1 
ATOM   832 N  N   . THR A 1 129 ? -11.553 7.046   -6.535  1.00 64.08 ? 129  THR A N   1 
ATOM   833 C  CA  . THR A 1 129 ? -12.989 6.865   -6.423  1.00 71.88 ? 129  THR A CA  1 
ATOM   834 C  C   . THR A 1 129 ? -13.684 8.235   -6.472  1.00 68.70 ? 129  THR A C   1 
ATOM   835 O  O   . THR A 1 129 ? -14.757 8.421   -5.902  1.00 70.84 ? 129  THR A O   1 
ATOM   836 C  CB  . THR A 1 129 ? -13.318 6.088   -5.126  1.00 74.65 ? 129  THR A CB  1 
ATOM   837 O  OG1 . THR A 1 129 ? -12.588 6.645   -4.018  1.00 72.80 ? 129  THR A OG1 1 
ATOM   838 C  CG2 . THR A 1 129 ? -12.919 4.638   -5.283  1.00 71.89 ? 129  THR A CG2 1 
HETATM 839 CU CU  . CU1 B 2 .   ? -3.709  2.237   -6.516  1.00 50.86 1 1130 CU1 A CU  1 
HETATM 840 CU CU  . CU1 C 2 .   ? -5.448  3.244   -5.015  1.00 50.79 1 1131 CU1 A CU  1 
HETATM 841 CU CU  . CU1 D 2 .   ? -3.870  0.176   -3.478  1.00 53.84 1 1132 CU1 A CU  1 
HETATM 842 CU CU  . CU1 E 2 .   ? -3.796  3.224   -2.682  1.00 49.56 1 1133 CU1 A CU  1 
HETATM 843 CU CU  . CU1 F 2 .   ? -1.961  0.836   -1.725  1.00 48.52 1 1134 CU1 A CU  1 
HETATM 844 CU CU  . CU1 G 2 .   ? -4.253  0.645   -0.307  1.00 50.23 1 1135 CU1 A CU  1 
HETATM 845 CU CU  . CU1 H 2 .   ? -0.874  0.892   0.827   1.00 50.06 1 1136 CU1 A CU  1 
HETATM 846 CU CU  . CU1 I 2 .   ? -1.403  -1.707  0.741   1.00 47.52 1 1137 CU1 A CU  1 
HETATM 847 CU CU  . CU1 J 2 .   ? 0.135   -0.249  3.144   1.00 50.03 1 1138 CU1 A CU  1 
HETATM 848 CU CU  . CU1 K 2 .   ? 2.062   -0.459  1.494   1.00 54.33 1 1139 CU1 A CU  1 
HETATM 849 CU CU  . CU1 L 2 .   ? 1.524   -1.476  5.220   1.00 47.34 1 1140 CU1 A CU  1 
HETATM 850 CU CU  . CU1 M 2 .   ? 2.990   1.158   4.855   1.00 45.79 1 1141 CU1 A CU  1 
HETATM 851 CU CU  . CU1 N 2 .   ? 3.994   -0.489  6.879   1.00 48.86 1 1142 CU1 A CU  1 
HETATM 852 CU CU  . CU1 O 2 .   ? 1.712   -0.495  7.963   1.00 50.29 1 1143 CU1 A CU  1 
HETATM 853 CU CU  . CU1 P 2 .   ? 5.669   -0.774  9.043   1.00 50.58 1 1144 CU1 A CU  1 
HETATM 854 CU CU  . CU1 Q 2 .   ? 7.739   -3.166  9.275   1.00 52.64 1 1145 CU1 A CU  1 
HETATM 855 CU CU  . CU1 R 2 .   ? 5.931   -3.414  11.450  1.00 53.16 1 1146 CU1 A CU  1 
HETATM 856 CU CU  . CU1 S 2 .   ? 8.598   -0.918  10.560  1.00 58.59 1 1147 CU1 A CU  1 
HETATM 857 CU CU  . CU1 T 2 .   ? 5.337   -1.134  12.405  1.00 70.34 1 1148 CU1 A CU  1 
HETATM 858 O  O   . HOH U 3 .   ? 3.790   5.880   -14.693 1.00 41.75 ? 2001 HOH A O   1 
HETATM 859 O  O   . HOH U 3 .   ? 4.798   0.254   -14.803 1.00 41.22 ? 2002 HOH A O   1 
HETATM 860 O  O   . HOH U 3 .   ? 13.624  -4.254  17.904  1.00 49.16 ? 2003 HOH A O   1 
HETATM 861 O  O   . HOH U 3 .   ? -11.143 -2.317  -18.206 1.00 52.44 ? 2004 HOH A O   1 
HETATM 862 O  O   . HOH U 3 .   ? 6.149   8.874   -4.402  1.00 53.19 ? 2005 HOH A O   1 
# 
